data_2MNE
# 
_entry.id   2MNE 
# 
_audit_conform.dict_name       mmcif_pdbx.dic 
_audit_conform.dict_version    5.391 
_audit_conform.dict_location   http://mmcif.pdb.org/dictionaries/ascii/mmcif_pdbx.dic 
# 
loop_
_database_2.database_id 
_database_2.database_code 
_database_2.pdbx_database_accession 
_database_2.pdbx_DOI 
PDB   2MNE         pdb_00002mne 10.2210/pdb2mne/pdb 
RCSB  RCSB103823   ?            ?                   
BMRB  19889        ?            10.13018/BMR19889   
WWPDB D_1000103823 ?            ?                   
# 
loop_
_pdbx_audit_revision_history.ordinal 
_pdbx_audit_revision_history.data_content_type 
_pdbx_audit_revision_history.major_revision 
_pdbx_audit_revision_history.minor_revision 
_pdbx_audit_revision_history.revision_date 
1 'Structure model' 1 0 2014-07-30 
2 'Structure model' 1 1 2014-09-17 
3 'Structure model' 1 2 2024-05-01 
# 
_pdbx_audit_revision_details.ordinal             1 
_pdbx_audit_revision_details.revision_ordinal    1 
_pdbx_audit_revision_details.data_content_type   'Structure model' 
_pdbx_audit_revision_details.provider            repository 
_pdbx_audit_revision_details.type                'Initial release' 
_pdbx_audit_revision_details.description         ? 
_pdbx_audit_revision_details.details             ? 
# 
loop_
_pdbx_audit_revision_group.ordinal 
_pdbx_audit_revision_group.revision_ordinal 
_pdbx_audit_revision_group.data_content_type 
_pdbx_audit_revision_group.group 
1 2 'Structure model' 'Database references'  
2 3 'Structure model' 'Data collection'      
3 3 'Structure model' 'Database references'  
4 3 'Structure model' 'Derived calculations' 
5 3 'Structure model' 'Structure summary'    
# 
loop_
_pdbx_audit_revision_category.ordinal 
_pdbx_audit_revision_category.revision_ordinal 
_pdbx_audit_revision_category.data_content_type 
_pdbx_audit_revision_category.category 
1 3 'Structure model' chem_comp             
2 3 'Structure model' chem_comp_atom        
3 3 'Structure model' chem_comp_bond        
4 3 'Structure model' database_2            
5 3 'Structure model' pdbx_nmr_software     
6 3 'Structure model' pdbx_nmr_spectrometer 
7 3 'Structure model' struct_site           
# 
loop_
_pdbx_audit_revision_item.ordinal 
_pdbx_audit_revision_item.revision_ordinal 
_pdbx_audit_revision_item.data_content_type 
_pdbx_audit_revision_item.item 
1 3 'Structure model' '_chem_comp.pdbx_synonyms'            
2 3 'Structure model' '_database_2.pdbx_DOI'                
3 3 'Structure model' '_database_2.pdbx_database_accession' 
4 3 'Structure model' '_pdbx_nmr_software.name'             
5 3 'Structure model' '_pdbx_nmr_spectrometer.model'        
6 3 'Structure model' '_struct_site.pdbx_auth_asym_id'      
7 3 'Structure model' '_struct_site.pdbx_auth_comp_id'      
8 3 'Structure model' '_struct_site.pdbx_auth_seq_id'       
# 
_pdbx_database_status.deposit_site                    BMRB 
_pdbx_database_status.entry_id                        2MNE 
_pdbx_database_status.process_site                    RCSB 
_pdbx_database_status.recvd_initial_deposition_date   2014-04-03 
_pdbx_database_status.SG_entry                        ? 
_pdbx_database_status.status_code                     REL 
_pdbx_database_status.status_code_mr                  REL 
_pdbx_database_status.status_code_sf                  ? 
_pdbx_database_status.status_code_cs                  REL 
_pdbx_database_status.methods_development_category    ? 
_pdbx_database_status.pdb_format_compatible           Y 
_pdbx_database_status.status_code_nmr_data            ? 
# 
loop_
_pdbx_database_related.db_id 
_pdbx_database_related.db_name 
_pdbx_database_related.content_type 
_pdbx_database_related.details 
19889 BMRB unspecified . 
2MND  PDB  unspecified . 
2MNF  PDB  unspecified . 
# 
loop_
_audit_author.name 
_audit_author.pdbx_ordinal 
'Alniss, H.Y.'    1 
'Salvia, M.-V.'   2 
'Sadikov, M.'     3 
'Golovchenko, I.' 4 
'Anthony, N.G.'   5 
'Khalaf, A.I.'    6 
'Mackay, S.P.'    7 
'Suckling, C.J.'  8 
'Parkinson, J.A.' 9 
# 
_citation.id                        primary 
_citation.title                     'Recognition of the DNA minor groove by thiazotropsin analogues.' 
_citation.journal_abbrev            Chembiochem 
_citation.journal_volume            15 
_citation.page_first                1978 
_citation.page_last                 1990 
_citation.year                      2014 
_citation.journal_id_ASTM           ? 
_citation.country                   GE 
_citation.journal_id_ISSN           1439-4227 
_citation.journal_id_CSD            ? 
_citation.book_publisher            ? 
_citation.pdbx_database_id_PubMed   25045155 
_citation.pdbx_database_id_DOI      10.1002/cbic.201402202 
# 
loop_
_citation_author.citation_id 
_citation_author.name 
_citation_author.ordinal 
_citation_author.identifier_ORCID 
primary 'Alniss, H.Y.'    1 ? 
primary 'Salvia, M.V.'    2 ? 
primary 'Sadikov, M.'     3 ? 
primary 'Golovchenko, I.' 4 ? 
primary 'Anthony, N.G.'   5 ? 
primary 'Khalaf, A.I.'    6 ? 
primary 'MacKay, S.P.'    7 ? 
primary 'Suckling, C.J.'  8 ? 
primary 'Parkinson, J.A.' 9 ? 
# 
loop_
_entity.id 
_entity.type 
_entity.src_method 
_entity.pdbx_description 
_entity.formula_weight 
_entity.pdbx_number_of_molecules 
_entity.pdbx_ec 
_entity.pdbx_mutation 
_entity.pdbx_fragment 
_entity.details 
1 polymer     syn "5'-D(*CP*GP*AP*CP*TP*AP*GP*TP*CP*G)-3'" 3045.005 2 ? ? ? ? 
2 non-polymer syn AIK-18/51                                620.746  2 ? ? ? ? 
# 
_entity_poly.entity_id                      1 
_entity_poly.type                           polydeoxyribonucleotide 
_entity_poly.nstd_linkage                   no 
_entity_poly.nstd_monomer                   no 
_entity_poly.pdbx_seq_one_letter_code       '(DC)(DG)(DA)(DC)(DT)(DA)(DG)(DT)(DC)(DG)' 
_entity_poly.pdbx_seq_one_letter_code_can   CGACTAGTCG 
_entity_poly.pdbx_strand_id                 A,B 
_entity_poly.pdbx_target_identifier         ? 
# 
_pdbx_entity_nonpoly.entity_id   2 
_pdbx_entity_nonpoly.name        AIK-18/51 
_pdbx_entity_nonpoly.comp_id     3B5 
# 
loop_
_entity_poly_seq.entity_id 
_entity_poly_seq.num 
_entity_poly_seq.mon_id 
_entity_poly_seq.hetero 
1 1  DC n 
1 2  DG n 
1 3  DA n 
1 4  DC n 
1 5  DT n 
1 6  DA n 
1 7  DG n 
1 8  DT n 
1 9  DC n 
1 10 DG n 
# 
loop_
_chem_comp.id 
_chem_comp.type 
_chem_comp.mon_nstd_flag 
_chem_comp.name 
_chem_comp.pdbx_synonyms 
_chem_comp.formula 
_chem_comp.formula_weight 
3B5 non-polymer   . AIK-18/51                            
;N,N-dimethyl-3-[({2-[({1-methyl-4-[({1-methyl-4-[(pyridin-3-ylcarbonyl)amino]-1H-pyrrol-2-yl}carbonyl)amino]-1H-pyrrol- 2-yl}carbonyl)amino]-5-(propan-2-yl)-1,3-thiazol-4-yl}carbonyl)amino]propan-1-aminium
;
'C30 H38 N9 O4 S 1' 620.746 
DA  'DNA linking' y "2'-DEOXYADENOSINE-5'-MONOPHOSPHATE" ? 'C10 H14 N5 O6 P'   331.222 
DC  'DNA linking' y "2'-DEOXYCYTIDINE-5'-MONOPHOSPHATE"  ? 'C9 H14 N3 O7 P'    307.197 
DG  'DNA linking' y "2'-DEOXYGUANOSINE-5'-MONOPHOSPHATE" ? 'C10 H14 N5 O7 P'   347.221 
DT  'DNA linking' y "THYMIDINE-5'-MONOPHOSPHATE"         ? 'C10 H15 N2 O8 P'   322.208 
# 
loop_
_pdbx_poly_seq_scheme.asym_id 
_pdbx_poly_seq_scheme.entity_id 
_pdbx_poly_seq_scheme.seq_id 
_pdbx_poly_seq_scheme.mon_id 
_pdbx_poly_seq_scheme.ndb_seq_num 
_pdbx_poly_seq_scheme.pdb_seq_num 
_pdbx_poly_seq_scheme.auth_seq_num 
_pdbx_poly_seq_scheme.pdb_mon_id 
_pdbx_poly_seq_scheme.auth_mon_id 
_pdbx_poly_seq_scheme.pdb_strand_id 
_pdbx_poly_seq_scheme.pdb_ins_code 
_pdbx_poly_seq_scheme.hetero 
A 1 1  DC 1  1  1  DC DC A . n 
A 1 2  DG 2  2  2  DG DG A . n 
A 1 3  DA 3  3  3  DA DA A . n 
A 1 4  DC 4  4  4  DC DC A . n 
A 1 5  DT 5  5  5  DT DT A . n 
A 1 6  DA 6  6  6  DA DA A . n 
A 1 7  DG 7  7  7  DG DG A . n 
A 1 8  DT 8  8  8  DT DT A . n 
A 1 9  DC 9  9  9  DC DC A . n 
A 1 10 DG 10 10 10 DG DG A . n 
B 1 1  DC 1  11 11 DC DC B . n 
B 1 2  DG 2  12 12 DG DG B . n 
B 1 3  DA 3  13 13 DA DA B . n 
B 1 4  DC 4  14 14 DC DC B . n 
B 1 5  DT 5  15 15 DT DT B . n 
B 1 6  DA 6  16 16 DA DA B . n 
B 1 7  DG 7  17 17 DG DG B . n 
B 1 8  DT 8  18 18 DT DT B . n 
B 1 9  DC 9  19 19 DC DC B . n 
B 1 10 DG 10 20 20 DG DG B . n 
# 
loop_
_pdbx_nonpoly_scheme.asym_id 
_pdbx_nonpoly_scheme.entity_id 
_pdbx_nonpoly_scheme.mon_id 
_pdbx_nonpoly_scheme.ndb_seq_num 
_pdbx_nonpoly_scheme.pdb_seq_num 
_pdbx_nonpoly_scheme.auth_seq_num 
_pdbx_nonpoly_scheme.pdb_mon_id 
_pdbx_nonpoly_scheme.auth_mon_id 
_pdbx_nonpoly_scheme.pdb_strand_id 
_pdbx_nonpoly_scheme.pdb_ins_code 
C 2 3B5 1 101 21 3B5 AIK A . 
D 2 3B5 1 101 22 3B5 AIK B . 
# 
_exptl.absorpt_coefficient_mu     ? 
_exptl.absorpt_correction_T_max   ? 
_exptl.absorpt_correction_T_min   ? 
_exptl.absorpt_correction_type    ? 
_exptl.absorpt_process_details    ? 
_exptl.crystals_number            ? 
_exptl.details                    ? 
_exptl.entry_id                   2MNE 
_exptl.method                     'SOLUTION NMR' 
_exptl.method_details             ? 
# 
_struct.entry_id                  2MNE 
_struct.title                     'Recognition complex of DNA d(CGACTAGTCG)2 with thiazotropsin analogue AIK-18/51' 
_struct.pdbx_model_details        'minimized average structure, model 1' 
_struct.pdbx_CASP_flag            ? 
_struct.pdbx_model_type_details   'minimized average' 
# 
_struct_keywords.entry_id        2MNE 
_struct_keywords.pdbx_keywords   DNA 
_struct_keywords.text            
'THIAZOTROPSINS, DNA RECOGNITION, ISOTHERMAL TITRATION CALORIMETRY NMR, SELF-ASSEMBLY, MINOR GROOVE BINDER, DNA' 
# 
loop_
_struct_asym.id 
_struct_asym.pdbx_blank_PDB_chainid_flag 
_struct_asym.pdbx_modified 
_struct_asym.entity_id 
_struct_asym.details 
A N N 1 ? 
B N N 1 ? 
C N N 2 ? 
D N N 2 ? 
# 
_struct_ref.id                         1 
_struct_ref.db_name                    PDB 
_struct_ref.db_code                    2MNE 
_struct_ref.pdbx_db_accession          2MNE 
_struct_ref.entity_id                  1 
_struct_ref.pdbx_align_begin           ? 
_struct_ref.pdbx_seq_one_letter_code   ? 
_struct_ref.pdbx_db_isoform            ? 
# 
loop_
_struct_ref_seq.align_id 
_struct_ref_seq.ref_id 
_struct_ref_seq.pdbx_PDB_id_code 
_struct_ref_seq.pdbx_strand_id 
_struct_ref_seq.seq_align_beg 
_struct_ref_seq.pdbx_seq_align_beg_ins_code 
_struct_ref_seq.seq_align_end 
_struct_ref_seq.pdbx_seq_align_end_ins_code 
_struct_ref_seq.pdbx_db_accession 
_struct_ref_seq.db_align_beg 
_struct_ref_seq.pdbx_db_align_beg_ins_code 
_struct_ref_seq.db_align_end 
_struct_ref_seq.pdbx_db_align_end_ins_code 
_struct_ref_seq.pdbx_auth_seq_align_beg 
_struct_ref_seq.pdbx_auth_seq_align_end 
1 1 2MNE A 1 ? 10 ? 2MNE 1  ? 10 ? 1  10 
2 1 2MNE B 1 ? 10 ? 2MNE 11 ? 20 ? 11 20 
# 
_pdbx_struct_assembly.id                   1 
_pdbx_struct_assembly.details              author_defined_assembly 
_pdbx_struct_assembly.method_details       ? 
_pdbx_struct_assembly.oligomeric_details   dimeric 
_pdbx_struct_assembly.oligomeric_count     2 
# 
_pdbx_struct_assembly_gen.assembly_id       1 
_pdbx_struct_assembly_gen.oper_expression   1 
_pdbx_struct_assembly_gen.asym_id_list      A,B,C,D 
# 
_pdbx_struct_oper_list.id                   1 
_pdbx_struct_oper_list.type                 'identity operation' 
_pdbx_struct_oper_list.name                 1_555 
_pdbx_struct_oper_list.symmetry_operation   x,y,z 
_pdbx_struct_oper_list.matrix[1][1]         1.0000000000 
_pdbx_struct_oper_list.matrix[1][2]         0.0000000000 
_pdbx_struct_oper_list.matrix[1][3]         0.0000000000 
_pdbx_struct_oper_list.vector[1]            0.0000000000 
_pdbx_struct_oper_list.matrix[2][1]         0.0000000000 
_pdbx_struct_oper_list.matrix[2][2]         1.0000000000 
_pdbx_struct_oper_list.matrix[2][3]         0.0000000000 
_pdbx_struct_oper_list.vector[2]            0.0000000000 
_pdbx_struct_oper_list.matrix[3][1]         0.0000000000 
_pdbx_struct_oper_list.matrix[3][2]         0.0000000000 
_pdbx_struct_oper_list.matrix[3][3]         1.0000000000 
_pdbx_struct_oper_list.vector[3]            0.0000000000 
# 
_struct_biol.id        1 
_struct_biol.details   ? 
# 
loop_
_struct_conn.id 
_struct_conn.conn_type_id 
_struct_conn.pdbx_leaving_atom_flag 
_struct_conn.pdbx_PDB_id 
_struct_conn.ptnr1_label_asym_id 
_struct_conn.ptnr1_label_comp_id 
_struct_conn.ptnr1_label_seq_id 
_struct_conn.ptnr1_label_atom_id 
_struct_conn.pdbx_ptnr1_label_alt_id 
_struct_conn.pdbx_ptnr1_PDB_ins_code 
_struct_conn.pdbx_ptnr1_standard_comp_id 
_struct_conn.ptnr1_symmetry 
_struct_conn.ptnr2_label_asym_id 
_struct_conn.ptnr2_label_comp_id 
_struct_conn.ptnr2_label_seq_id 
_struct_conn.ptnr2_label_atom_id 
_struct_conn.pdbx_ptnr2_label_alt_id 
_struct_conn.pdbx_ptnr2_PDB_ins_code 
_struct_conn.ptnr1_auth_asym_id 
_struct_conn.ptnr1_auth_comp_id 
_struct_conn.ptnr1_auth_seq_id 
_struct_conn.ptnr2_auth_asym_id 
_struct_conn.ptnr2_auth_comp_id 
_struct_conn.ptnr2_auth_seq_id 
_struct_conn.ptnr2_symmetry 
_struct_conn.pdbx_ptnr3_label_atom_id 
_struct_conn.pdbx_ptnr3_label_seq_id 
_struct_conn.pdbx_ptnr3_label_comp_id 
_struct_conn.pdbx_ptnr3_label_asym_id 
_struct_conn.pdbx_ptnr3_label_alt_id 
_struct_conn.pdbx_ptnr3_PDB_ins_code 
_struct_conn.details 
_struct_conn.pdbx_dist_value 
_struct_conn.pdbx_value_order 
_struct_conn.pdbx_role 
hydrog1  hydrog ? ? A DC 1  N3 ? ? ? 1_555 B DG 10 N1 ? ? A DC 1  B DG 20 1_555 ? ? ? ? ? ? WATSON-CRICK    ? ? ? 
hydrog2  hydrog ? ? A DC 1  N4 ? ? ? 1_555 B DG 10 O6 ? ? A DC 1  B DG 20 1_555 ? ? ? ? ? ? WATSON-CRICK    ? ? ? 
hydrog3  hydrog ? ? A DC 1  O2 ? ? ? 1_555 B DG 10 N2 ? ? A DC 1  B DG 20 1_555 ? ? ? ? ? ? WATSON-CRICK    ? ? ? 
hydrog4  hydrog ? ? A DG 2  N1 ? ? ? 1_555 B DC 9  N3 ? ? A DG 2  B DC 19 1_555 ? ? ? ? ? ? WATSON-CRICK    ? ? ? 
hydrog5  hydrog ? ? A DG 2  N2 ? ? ? 1_555 B DC 9  O2 ? ? A DG 2  B DC 19 1_555 ? ? ? ? ? ? WATSON-CRICK    ? ? ? 
hydrog6  hydrog ? ? A DG 2  O6 ? ? ? 1_555 B DC 9  N4 ? ? A DG 2  B DC 19 1_555 ? ? ? ? ? ? WATSON-CRICK    ? ? ? 
hydrog7  hydrog ? ? A DA 3  N1 ? ? ? 1_555 B DT 8  N3 ? ? A DA 3  B DT 18 1_555 ? ? ? ? ? ? WATSON-CRICK    ? ? ? 
hydrog8  hydrog ? ? A DA 3  N6 ? ? ? 1_555 B DT 8  O4 ? ? A DA 3  B DT 18 1_555 ? ? ? ? ? ? WATSON-CRICK    ? ? ? 
hydrog9  hydrog ? ? A DC 4  N3 ? ? ? 1_555 B DA 6  N6 ? ? A DC 4  B DA 16 1_555 ? ? ? ? ? ? 'DC-DA MISPAIR' ? ? ? 
hydrog10 hydrog ? ? A DC 4  N3 ? ? ? 1_555 B DG 7  N1 ? ? A DC 4  B DG 17 1_555 ? ? ? ? ? ? WATSON-CRICK    ? ? ? 
hydrog11 hydrog ? ? A DC 4  N4 ? ? ? 1_555 B DG 7  O6 ? ? A DC 4  B DG 17 1_555 ? ? ? ? ? ? WATSON-CRICK    ? ? ? 
hydrog12 hydrog ? ? A DC 4  O2 ? ? ? 1_555 B DG 7  N2 ? ? A DC 4  B DG 17 1_555 ? ? ? ? ? ? WATSON-CRICK    ? ? ? 
hydrog13 hydrog ? ? A DT 5  N3 ? ? ? 1_555 B DA 6  N1 ? ? A DT 5  B DA 16 1_555 ? ? ? ? ? ? WATSON-CRICK    ? ? ? 
hydrog14 hydrog ? ? A DT 5  O4 ? ? ? 1_555 B DA 6  N6 ? ? A DT 5  B DA 16 1_555 ? ? ? ? ? ? WATSON-CRICK    ? ? ? 
hydrog15 hydrog ? ? A DA 6  N1 ? ? ? 1_555 B DT 5  N3 ? ? A DA 6  B DT 15 1_555 ? ? ? ? ? ? 'DA-DT PAIR'    ? ? ? 
hydrog16 hydrog ? ? A DG 7  N1 ? ? ? 1_555 B DC 4  N3 ? ? A DG 7  B DC 14 1_555 ? ? ? ? ? ? WATSON-CRICK    ? ? ? 
hydrog17 hydrog ? ? A DG 7  N2 ? ? ? 1_555 B DC 4  O2 ? ? A DG 7  B DC 14 1_555 ? ? ? ? ? ? WATSON-CRICK    ? ? ? 
hydrog18 hydrog ? ? A DG 7  O6 ? ? ? 1_555 B DC 4  N4 ? ? A DG 7  B DC 14 1_555 ? ? ? ? ? ? WATSON-CRICK    ? ? ? 
hydrog19 hydrog ? ? A DT 8  N3 ? ? ? 1_555 B DA 3  N1 ? ? A DT 8  B DA 13 1_555 ? ? ? ? ? ? WATSON-CRICK    ? ? ? 
hydrog20 hydrog ? ? A DT 8  O4 ? ? ? 1_555 B DA 3  N6 ? ? A DT 8  B DA 13 1_555 ? ? ? ? ? ? WATSON-CRICK    ? ? ? 
hydrog21 hydrog ? ? A DC 9  N3 ? ? ? 1_555 B DG 2  N1 ? ? A DC 9  B DG 12 1_555 ? ? ? ? ? ? WATSON-CRICK    ? ? ? 
hydrog22 hydrog ? ? A DC 9  N4 ? ? ? 1_555 B DG 2  O6 ? ? A DC 9  B DG 12 1_555 ? ? ? ? ? ? WATSON-CRICK    ? ? ? 
hydrog23 hydrog ? ? A DC 9  O2 ? ? ? 1_555 B DG 2  N2 ? ? A DC 9  B DG 12 1_555 ? ? ? ? ? ? WATSON-CRICK    ? ? ? 
hydrog24 hydrog ? ? A DG 10 N1 ? ? ? 1_555 B DC 1  N3 ? ? A DG 10 B DC 11 1_555 ? ? ? ? ? ? WATSON-CRICK    ? ? ? 
hydrog25 hydrog ? ? A DG 10 N2 ? ? ? 1_555 B DC 1  O2 ? ? A DG 10 B DC 11 1_555 ? ? ? ? ? ? WATSON-CRICK    ? ? ? 
hydrog26 hydrog ? ? A DG 10 O6 ? ? ? 1_555 B DC 1  N4 ? ? A DG 10 B DC 11 1_555 ? ? ? ? ? ? WATSON-CRICK    ? ? ? 
# 
_struct_conn_type.id          hydrog 
_struct_conn_type.criteria    ? 
_struct_conn_type.reference   ? 
# 
loop_
_struct_site.id 
_struct_site.pdbx_evidence_code 
_struct_site.pdbx_auth_asym_id 
_struct_site.pdbx_auth_comp_id 
_struct_site.pdbx_auth_seq_id 
_struct_site.pdbx_auth_ins_code 
_struct_site.pdbx_num_residues 
_struct_site.details 
AC1 Software A 3B5 101 ? 8  'BINDING SITE FOR RESIDUE 3B5 A 101' 
AC2 Software B 3B5 101 ? 11 'BINDING SITE FOR RESIDUE 3B5 B 101' 
# 
loop_
_struct_site_gen.id 
_struct_site_gen.site_id 
_struct_site_gen.pdbx_num_res 
_struct_site_gen.label_comp_id 
_struct_site_gen.label_asym_id 
_struct_site_gen.label_seq_id 
_struct_site_gen.pdbx_auth_ins_code 
_struct_site_gen.auth_comp_id 
_struct_site_gen.auth_asym_id 
_struct_site_gen.auth_seq_id 
_struct_site_gen.label_atom_id 
_struct_site_gen.label_alt_id 
_struct_site_gen.symmetry 
_struct_site_gen.details 
1  AC1 8  DC  A 4 ? DC  A 4   . ? 1_555 ? 
2  AC1 8  DT  A 5 ? DT  A 5   . ? 1_555 ? 
3  AC1 8  DA  A 6 ? DA  A 6   . ? 1_555 ? 
4  AC1 8  DG  A 7 ? DG  A 7   . ? 1_555 ? 
5  AC1 8  DT  A 8 ? DT  A 8   . ? 1_555 ? 
6  AC1 8  DC  A 9 ? DC  A 9   . ? 1_555 ? 
7  AC1 8  DC  B 4 ? DC  B 14  . ? 1_555 ? 
8  AC1 8  3B5 D . ? 3B5 B 101 . ? 1_555 ? 
9  AC2 11 DG  A 2 ? DG  A 2   . ? 1_555 ? 
10 AC2 11 DA  A 3 ? DA  A 3   . ? 1_555 ? 
11 AC2 11 DC  A 4 ? DC  A 4   . ? 1_555 ? 
12 AC2 11 DG  A 7 ? DG  A 7   . ? 1_555 ? 
13 AC2 11 3B5 C . ? 3B5 A 101 . ? 1_555 ? 
14 AC2 11 DC  B 4 ? DC  B 14  . ? 1_555 ? 
15 AC2 11 DT  B 5 ? DT  B 15  . ? 1_555 ? 
16 AC2 11 DA  B 6 ? DA  B 16  . ? 1_555 ? 
17 AC2 11 DG  B 7 ? DG  B 17  . ? 1_555 ? 
18 AC2 11 DT  B 8 ? DT  B 18  . ? 1_555 ? 
19 AC2 11 DC  B 9 ? DC  B 19  . ? 1_555 ? 
# 
loop_
_pdbx_validate_rmsd_bond.id 
_pdbx_validate_rmsd_bond.PDB_model_num 
_pdbx_validate_rmsd_bond.auth_atom_id_1 
_pdbx_validate_rmsd_bond.auth_asym_id_1 
_pdbx_validate_rmsd_bond.auth_comp_id_1 
_pdbx_validate_rmsd_bond.auth_seq_id_1 
_pdbx_validate_rmsd_bond.PDB_ins_code_1 
_pdbx_validate_rmsd_bond.label_alt_id_1 
_pdbx_validate_rmsd_bond.auth_atom_id_2 
_pdbx_validate_rmsd_bond.auth_asym_id_2 
_pdbx_validate_rmsd_bond.auth_comp_id_2 
_pdbx_validate_rmsd_bond.auth_seq_id_2 
_pdbx_validate_rmsd_bond.PDB_ins_code_2 
_pdbx_validate_rmsd_bond.label_alt_id_2 
_pdbx_validate_rmsd_bond.bond_value 
_pdbx_validate_rmsd_bond.bond_target_value 
_pdbx_validate_rmsd_bond.bond_deviation 
_pdbx_validate_rmsd_bond.bond_standard_deviation 
_pdbx_validate_rmsd_bond.linker_flag 
1  1 C2 A DC 1  ? ? N3 A DC 1  ? ? 1.442 1.353 0.089  0.008 N 
2  1 N3 A DC 1  ? ? C4 A DC 1  ? ? 1.271 1.335 -0.064 0.007 N 
3  1 C4 A DC 1  ? ? C5 A DC 1  ? ? 1.482 1.425 0.057  0.008 N 
4  1 N3 A DG 2  ? ? C4 A DG 2  ? ? 1.440 1.350 0.090  0.007 N 
5  1 C4 A DG 2  ? ? C5 A DG 2  ? ? 1.331 1.379 -0.048 0.007 N 
6  1 C5 A DG 2  ? ? N7 A DG 2  ? ? 1.435 1.388 0.047  0.006 N 
7  1 N7 A DG 2  ? ? C8 A DG 2  ? ? 1.261 1.305 -0.044 0.006 N 
8  1 C8 A DG 2  ? ? N9 A DG 2  ? ? 1.303 1.374 -0.071 0.007 N 
9  1 N9 A DG 2  ? ? C4 A DG 2  ? ? 1.310 1.375 -0.065 0.008 N 
10 1 C5 A DA 3  ? ? N7 A DA 3  ? ? 1.338 1.388 -0.050 0.006 N 
11 1 N7 A DA 3  ? ? C8 A DA 3  ? ? 1.267 1.311 -0.044 0.007 N 
12 1 C8 A DA 3  ? ? N9 A DA 3  ? ? 1.309 1.373 -0.064 0.008 N 
13 1 C2 A DC 4  ? ? N3 A DC 4  ? ? 1.444 1.353 0.091  0.008 N 
14 1 N3 A DC 4  ? ? C4 A DC 4  ? ? 1.272 1.335 -0.063 0.007 N 
15 1 C4 A DC 4  ? ? C5 A DC 4  ? ? 1.477 1.425 0.052  0.008 N 
16 1 C5 A DA 6  ? ? N7 A DA 6  ? ? 1.338 1.388 -0.050 0.006 N 
17 1 N7 A DA 6  ? ? C8 A DA 6  ? ? 1.267 1.311 -0.044 0.007 N 
18 1 C8 A DA 6  ? ? N9 A DA 6  ? ? 1.309 1.373 -0.064 0.008 N 
19 1 N3 A DG 7  ? ? C4 A DG 7  ? ? 1.442 1.350 0.092  0.007 N 
20 1 C4 A DG 7  ? ? C5 A DG 7  ? ? 1.331 1.379 -0.048 0.007 N 
21 1 C5 A DG 7  ? ? N7 A DG 7  ? ? 1.435 1.388 0.047  0.006 N 
22 1 N7 A DG 7  ? ? C8 A DG 7  ? ? 1.260 1.305 -0.045 0.006 N 
23 1 C8 A DG 7  ? ? N9 A DG 7  ? ? 1.304 1.374 -0.070 0.007 N 
24 1 N9 A DG 7  ? ? C4 A DG 7  ? ? 1.314 1.375 -0.061 0.008 N 
25 1 C2 A DC 9  ? ? N3 A DC 9  ? ? 1.444 1.353 0.091  0.008 N 
26 1 N3 A DC 9  ? ? C4 A DC 9  ? ? 1.271 1.335 -0.064 0.007 N 
27 1 C4 A DC 9  ? ? C5 A DC 9  ? ? 1.479 1.425 0.054  0.008 N 
28 1 N3 A DG 10 ? ? C4 A DG 10 ? ? 1.439 1.350 0.089  0.007 N 
29 1 C4 A DG 10 ? ? C5 A DG 10 ? ? 1.329 1.379 -0.050 0.007 N 
30 1 C5 A DG 10 ? ? N7 A DG 10 ? ? 1.436 1.388 0.048  0.006 N 
31 1 N7 A DG 10 ? ? C8 A DG 10 ? ? 1.262 1.305 -0.043 0.006 N 
32 1 C8 A DG 10 ? ? N9 A DG 10 ? ? 1.303 1.374 -0.071 0.007 N 
33 1 N9 A DG 10 ? ? C4 A DG 10 ? ? 1.310 1.375 -0.065 0.008 N 
34 1 C2 B DC 11 ? ? N3 B DC 11 ? ? 1.442 1.353 0.089  0.008 N 
35 1 N3 B DC 11 ? ? C4 B DC 11 ? ? 1.271 1.335 -0.064 0.007 N 
36 1 C4 B DC 11 ? ? C5 B DC 11 ? ? 1.481 1.425 0.056  0.008 N 
37 1 N3 B DG 12 ? ? C4 B DG 12 ? ? 1.441 1.350 0.091  0.007 N 
38 1 C4 B DG 12 ? ? C5 B DG 12 ? ? 1.330 1.379 -0.049 0.007 N 
39 1 C5 B DG 12 ? ? N7 B DG 12 ? ? 1.436 1.388 0.048  0.006 N 
40 1 N7 B DG 12 ? ? C8 B DG 12 ? ? 1.260 1.305 -0.045 0.006 N 
41 1 C8 B DG 12 ? ? N9 B DG 12 ? ? 1.303 1.374 -0.071 0.007 N 
42 1 N9 B DG 12 ? ? C4 B DG 12 ? ? 1.309 1.375 -0.066 0.008 N 
43 1 C5 B DA 13 ? ? N7 B DA 13 ? ? 1.338 1.388 -0.050 0.006 N 
44 1 N7 B DA 13 ? ? C8 B DA 13 ? ? 1.268 1.311 -0.043 0.007 N 
45 1 C8 B DA 13 ? ? N9 B DA 13 ? ? 1.309 1.373 -0.064 0.008 N 
46 1 C2 B DC 14 ? ? N3 B DC 14 ? ? 1.442 1.353 0.089  0.008 N 
47 1 N3 B DC 14 ? ? C4 B DC 14 ? ? 1.271 1.335 -0.064 0.007 N 
48 1 C4 B DC 14 ? ? C5 B DC 14 ? ? 1.481 1.425 0.056  0.008 N 
49 1 C5 B DA 16 ? ? N7 B DA 16 ? ? 1.339 1.388 -0.049 0.006 N 
50 1 N7 B DA 16 ? ? C8 B DA 16 ? ? 1.267 1.311 -0.044 0.007 N 
51 1 C8 B DA 16 ? ? N9 B DA 16 ? ? 1.307 1.373 -0.066 0.008 N 
52 1 N3 B DG 17 ? ? C4 B DG 17 ? ? 1.441 1.350 0.091  0.007 N 
53 1 C4 B DG 17 ? ? C5 B DG 17 ? ? 1.330 1.379 -0.049 0.007 N 
54 1 C5 B DG 17 ? ? N7 B DG 17 ? ? 1.434 1.388 0.046  0.006 N 
55 1 N7 B DG 17 ? ? C8 B DG 17 ? ? 1.259 1.305 -0.046 0.006 N 
56 1 C8 B DG 17 ? ? N9 B DG 17 ? ? 1.306 1.374 -0.068 0.007 N 
57 1 N9 B DG 17 ? ? C4 B DG 17 ? ? 1.311 1.375 -0.064 0.008 N 
58 1 C2 B DC 19 ? ? N3 B DC 19 ? ? 1.444 1.353 0.091  0.008 N 
59 1 N3 B DC 19 ? ? C4 B DC 19 ? ? 1.272 1.335 -0.063 0.007 N 
60 1 C4 B DC 19 ? ? C5 B DC 19 ? ? 1.478 1.425 0.053  0.008 N 
61 1 N3 B DG 20 ? ? C4 B DG 20 ? ? 1.440 1.350 0.090  0.007 N 
62 1 C4 B DG 20 ? ? C5 B DG 20 ? ? 1.330 1.379 -0.049 0.007 N 
63 1 C5 B DG 20 ? ? N7 B DG 20 ? ? 1.435 1.388 0.047  0.006 N 
64 1 N7 B DG 20 ? ? C8 B DG 20 ? ? 1.260 1.305 -0.045 0.006 N 
65 1 C8 B DG 20 ? ? N9 B DG 20 ? ? 1.303 1.374 -0.071 0.007 N 
66 1 N9 B DG 20 ? ? C4 B DG 20 ? ? 1.311 1.375 -0.064 0.008 N 
# 
loop_
_pdbx_validate_rmsd_angle.id 
_pdbx_validate_rmsd_angle.PDB_model_num 
_pdbx_validate_rmsd_angle.auth_atom_id_1 
_pdbx_validate_rmsd_angle.auth_asym_id_1 
_pdbx_validate_rmsd_angle.auth_comp_id_1 
_pdbx_validate_rmsd_angle.auth_seq_id_1 
_pdbx_validate_rmsd_angle.PDB_ins_code_1 
_pdbx_validate_rmsd_angle.label_alt_id_1 
_pdbx_validate_rmsd_angle.auth_atom_id_2 
_pdbx_validate_rmsd_angle.auth_asym_id_2 
_pdbx_validate_rmsd_angle.auth_comp_id_2 
_pdbx_validate_rmsd_angle.auth_seq_id_2 
_pdbx_validate_rmsd_angle.PDB_ins_code_2 
_pdbx_validate_rmsd_angle.label_alt_id_2 
_pdbx_validate_rmsd_angle.auth_atom_id_3 
_pdbx_validate_rmsd_angle.auth_asym_id_3 
_pdbx_validate_rmsd_angle.auth_comp_id_3 
_pdbx_validate_rmsd_angle.auth_seq_id_3 
_pdbx_validate_rmsd_angle.PDB_ins_code_3 
_pdbx_validate_rmsd_angle.label_alt_id_3 
_pdbx_validate_rmsd_angle.angle_value 
_pdbx_validate_rmsd_angle.angle_target_value 
_pdbx_validate_rmsd_angle.angle_deviation 
_pdbx_validate_rmsd_angle.angle_standard_deviation 
_pdbx_validate_rmsd_angle.linker_flag 
1   1 "O4'" A DC 1  ? ? "C1'" A DC 1  ? ? N1    A DC 1  ? ? 116.13 108.30 7.83   0.30 N 
2   1 N3    A DC 1  ? ? C4    A DC 1  ? ? C5    A DC 1  ? ? 116.52 121.90 -5.38  0.40 N 
3   1 C4    A DC 1  ? ? C5    A DC 1  ? ? C6    A DC 1  ? ? 121.24 117.40 3.84   0.50 N 
4   1 N1    A DC 1  ? ? C2    A DC 1  ? ? O2    A DC 1  ? ? 122.69 118.90 3.79   0.60 N 
5   1 N3    A DC 1  ? ? C2    A DC 1  ? ? O2    A DC 1  ? ? 116.82 121.90 -5.08  0.70 N 
6   1 N3    A DC 1  ? ? C4    A DC 1  ? ? N4    A DC 1  ? ? 122.28 118.00 4.28   0.70 N 
7   1 OP1   A DG 2  ? ? P     A DG 2  ? ? OP2   A DG 2  ? ? 109.43 119.60 -10.17 1.50 N 
8   1 "O4'" A DG 2  ? ? "C1'" A DG 2  ? ? "C2'" A DG 2  ? ? 100.78 105.90 -5.12  0.80 N 
9   1 C2    A DG 2  ? ? N3    A DG 2  ? ? C4    A DG 2  ? ? 120.86 111.90 8.96   0.50 N 
10  1 N3    A DG 2  ? ? C4    A DG 2  ? ? C5    A DG 2  ? ? 119.03 128.60 -9.57  0.50 N 
11  1 C5    A DG 2  ? ? C6    A DG 2  ? ? N1    A DG 2  ? ? 115.53 111.50 4.03   0.50 N 
12  1 C4    A DG 2  ? ? C5    A DG 2  ? ? N7    A DG 2  ? ? 101.42 110.80 -9.38  0.40 N 
13  1 C5    A DG 2  ? ? N7    A DG 2  ? ? C8    A DG 2  ? ? 109.07 104.30 4.77   0.50 N 
14  1 N9    A DG 2  ? ? C4    A DG 2  ? ? C5    A DG 2  ? ? 111.39 105.40 5.99   0.40 N 
15  1 C6    A DG 2  ? ? C5    A DG 2  ? ? N7    A DG 2  ? ? 138.11 130.40 7.71   0.60 N 
16  1 N1    A DG 2  ? ? C6    A DG 2  ? ? O6    A DG 2  ? ? 124.77 119.90 4.87   0.60 N 
17  1 C5    A DG 2  ? ? C6    A DG 2  ? ? O6    A DG 2  ? ? 119.70 128.60 -8.90  0.60 N 
18  1 OP1   A DA 3  ? ? P     A DA 3  ? ? OP2   A DA 3  ? ? 109.67 119.60 -9.93  1.50 N 
19  1 "O4'" A DA 3  ? ? "C1'" A DA 3  ? ? "C2'" A DA 3  ? ? 99.92  105.90 -5.98  0.80 N 
20  1 "O4'" A DA 3  ? ? "C1'" A DA 3  ? ? N9    A DA 3  ? ? 111.23 108.30 2.93   0.30 N 
21  1 N1    A DA 3  ? ? C2    A DA 3  ? ? N3    A DA 3  ? ? 122.58 129.30 -6.72  0.50 N 
22  1 C2    A DA 3  ? ? N3    A DA 3  ? ? C4    A DA 3  ? ? 118.02 110.60 7.42   0.50 N 
23  1 N3    A DA 3  ? ? C4    A DA 3  ? ? C5    A DA 3  ? ? 119.38 126.80 -7.42  0.70 N 
24  1 C4    A DA 3  ? ? C5    A DA 3  ? ? C6    A DA 3  ? ? 122.76 117.00 5.76   0.50 N 
25  1 C4    A DA 3  ? ? C5    A DA 3  ? ? N7    A DA 3  ? ? 105.25 110.70 -5.45  0.50 N 
26  1 C5    A DA 3  ? ? N7    A DA 3  ? ? C8    A DA 3  ? ? 109.90 103.90 6.00   0.50 N 
27  1 N3    A DA 3  ? ? C4    A DA 3  ? ? N9    A DA 3  ? ? 133.93 127.40 6.53   0.80 N 
28  1 N1    A DA 3  ? ? C6    A DA 3  ? ? N6    A DA 3  ? ? 122.49 118.60 3.89   0.60 N 
29  1 "C3'" A DA 3  ? ? "O3'" A DA 3  ? ? P     A DC 4  ? ? 129.56 119.70 9.86   1.20 Y 
30  1 OP1   A DC 4  ? ? P     A DC 4  ? ? OP2   A DC 4  ? ? 110.16 119.60 -9.44  1.50 N 
31  1 N3    A DC 4  ? ? C4    A DC 4  ? ? C5    A DC 4  ? ? 116.57 121.90 -5.33  0.40 N 
32  1 C4    A DC 4  ? ? C5    A DC 4  ? ? C6    A DC 4  ? ? 121.10 117.40 3.70   0.50 N 
33  1 N1    A DC 4  ? ? C2    A DC 4  ? ? O2    A DC 4  ? ? 122.97 118.90 4.07   0.60 N 
34  1 N3    A DC 4  ? ? C2    A DC 4  ? ? O2    A DC 4  ? ? 116.75 121.90 -5.15  0.70 N 
35  1 N3    A DC 4  ? ? C4    A DC 4  ? ? N4    A DC 4  ? ? 122.91 118.00 4.91   0.70 N 
36  1 OP1   A DT 5  ? ? P     A DT 5  ? ? OP2   A DT 5  ? ? 109.01 119.60 -10.59 1.50 N 
37  1 "O4'" A DT 5  ? ? "C1'" A DT 5  ? ? "C2'" A DT 5  ? ? 100.16 105.90 -5.74  0.80 N 
38  1 "O4'" A DT 5  ? ? "C1'" A DT 5  ? ? N1    A DT 5  ? ? 114.37 108.30 6.07   0.30 N 
39  1 N1    A DT 5  ? ? C2    A DT 5  ? ? N3    A DT 5  ? ? 119.04 114.60 4.44   0.60 N 
40  1 C2    A DT 5  ? ? N3    A DT 5  ? ? C4    A DT 5  ? ? 121.86 127.20 -5.34  0.60 N 
41  1 C5    A DT 5  ? ? C4    A DT 5  ? ? O4    A DT 5  ? ? 119.74 124.90 -5.16  0.70 N 
42  1 OP1   A DA 6  ? ? P     A DA 6  ? ? OP2   A DA 6  ? ? 109.28 119.60 -10.32 1.50 N 
43  1 N1    A DA 6  ? ? C2    A DA 6  ? ? N3    A DA 6  ? ? 122.69 129.30 -6.61  0.50 N 
44  1 C2    A DA 6  ? ? N3    A DA 6  ? ? C4    A DA 6  ? ? 118.20 110.60 7.60   0.50 N 
45  1 N3    A DA 6  ? ? C4    A DA 6  ? ? C5    A DA 6  ? ? 119.17 126.80 -7.63  0.70 N 
46  1 C4    A DA 6  ? ? C5    A DA 6  ? ? C6    A DA 6  ? ? 122.86 117.00 5.86   0.50 N 
47  1 C4    A DA 6  ? ? C5    A DA 6  ? ? N7    A DA 6  ? ? 105.28 110.70 -5.42  0.50 N 
48  1 C5    A DA 6  ? ? N7    A DA 6  ? ? C8    A DA 6  ? ? 109.81 103.90 5.91   0.50 N 
49  1 N3    A DA 6  ? ? C4    A DA 6  ? ? N9    A DA 6  ? ? 134.09 127.40 6.69   0.80 N 
50  1 N1    A DA 6  ? ? C6    A DA 6  ? ? N6    A DA 6  ? ? 122.65 118.60 4.05   0.60 N 
51  1 OP1   A DG 7  ? ? P     A DG 7  ? ? OP2   A DG 7  ? ? 109.72 119.60 -9.88  1.50 N 
52  1 C2    A DG 7  ? ? N3    A DG 7  ? ? C4    A DG 7  ? ? 120.77 111.90 8.87   0.50 N 
53  1 N3    A DG 7  ? ? C4    A DG 7  ? ? C5    A DG 7  ? ? 118.66 128.60 -9.94  0.50 N 
54  1 C5    A DG 7  ? ? C6    A DG 7  ? ? N1    A DG 7  ? ? 115.10 111.50 3.60   0.50 N 
55  1 C4    A DG 7  ? ? C5    A DG 7  ? ? N7    A DG 7  ? ? 101.41 110.80 -9.39  0.40 N 
56  1 C5    A DG 7  ? ? N7    A DG 7  ? ? C8    A DG 7  ? ? 109.14 104.30 4.84   0.50 N 
57  1 N9    A DG 7  ? ? C4    A DG 7  ? ? C5    A DG 7  ? ? 111.46 105.40 6.06   0.40 N 
58  1 N3    A DG 7  ? ? C4    A DG 7  ? ? N9    A DG 7  ? ? 129.88 126.00 3.88   0.60 N 
59  1 C6    A DG 7  ? ? C5    A DG 7  ? ? N7    A DG 7  ? ? 137.57 130.40 7.17   0.60 N 
60  1 N1    A DG 7  ? ? C6    A DG 7  ? ? O6    A DG 7  ? ? 124.53 119.90 4.63   0.60 N 
61  1 C5    A DG 7  ? ? C6    A DG 7  ? ? O6    A DG 7  ? ? 120.37 128.60 -8.23  0.60 N 
62  1 "C3'" A DG 7  ? ? "O3'" A DG 7  ? ? P     A DT 8  ? ? 127.28 119.70 7.58   1.20 Y 
63  1 OP1   A DT 8  ? ? P     A DT 8  ? ? OP2   A DT 8  ? ? 110.28 119.60 -9.32  1.50 N 
64  1 "O4'" A DT 8  ? ? "C4'" A DT 8  ? ? "C3'" A DT 8  ? ? 101.01 104.50 -3.49  0.40 N 
65  1 "O4'" A DT 8  ? ? "C1'" A DT 8  ? ? N1    A DT 8  ? ? 111.12 108.30 2.82   0.30 N 
66  1 N1    A DT 8  ? ? C2    A DT 8  ? ? N3    A DT 8  ? ? 118.82 114.60 4.22   0.60 N 
67  1 C2    A DT 8  ? ? N3    A DT 8  ? ? C4    A DT 8  ? ? 122.37 127.20 -4.83  0.60 N 
68  1 C5    A DT 8  ? ? C4    A DT 8  ? ? O4    A DT 8  ? ? 119.68 124.90 -5.22  0.70 N 
69  1 OP1   A DC 9  ? ? P     A DC 9  ? ? OP2   A DC 9  ? ? 109.85 119.60 -9.75  1.50 N 
70  1 N3    A DC 9  ? ? C4    A DC 9  ? ? C5    A DC 9  ? ? 116.71 121.90 -5.19  0.40 N 
71  1 C4    A DC 9  ? ? C5    A DC 9  ? ? C6    A DC 9  ? ? 120.86 117.40 3.46   0.50 N 
72  1 N1    A DC 9  ? ? C2    A DC 9  ? ? O2    A DC 9  ? ? 123.18 118.90 4.28   0.60 N 
73  1 N3    A DC 9  ? ? C2    A DC 9  ? ? O2    A DC 9  ? ? 116.49 121.90 -5.41  0.70 N 
74  1 N3    A DC 9  ? ? C4    A DC 9  ? ? N4    A DC 9  ? ? 122.63 118.00 4.63   0.70 N 
75  1 OP1   A DG 10 ? ? P     A DG 10 ? ? OP2   A DG 10 ? ? 109.23 119.60 -10.37 1.50 N 
76  1 "O4'" A DG 10 ? ? "C1'" A DG 10 ? ? "C2'" A DG 10 ? ? 100.26 105.90 -5.64  0.80 N 
77  1 "O4'" A DG 10 ? ? "C1'" A DG 10 ? ? N9    A DG 10 ? ? 111.55 108.30 3.25   0.30 N 
78  1 C2    A DG 10 ? ? N3    A DG 10 ? ? C4    A DG 10 ? ? 120.92 111.90 9.02   0.50 N 
79  1 N3    A DG 10 ? ? C4    A DG 10 ? ? C5    A DG 10 ? ? 119.27 128.60 -9.33  0.50 N 
80  1 C5    A DG 10 ? ? C6    A DG 10 ? ? N1    A DG 10 ? ? 115.29 111.50 3.79   0.50 N 
81  1 C4    A DG 10 ? ? C5    A DG 10 ? ? N7    A DG 10 ? ? 101.22 110.80 -9.58  0.40 N 
82  1 C5    A DG 10 ? ? N7    A DG 10 ? ? C8    A DG 10 ? ? 109.21 104.30 4.91   0.50 N 
83  1 N7    A DG 10 ? ? C8    A DG 10 ? ? N9    A DG 10 ? ? 110.00 113.10 -3.10  0.50 N 
84  1 N9    A DG 10 ? ? C4    A DG 10 ? ? C5    A DG 10 ? ? 111.65 105.40 6.25   0.40 N 
85  1 C6    A DG 10 ? ? C5    A DG 10 ? ? N7    A DG 10 ? ? 138.44 130.40 8.04   0.60 N 
86  1 N1    A DG 10 ? ? C6    A DG 10 ? ? O6    A DG 10 ? ? 124.48 119.90 4.58   0.60 N 
87  1 C5    A DG 10 ? ? C6    A DG 10 ? ? O6    A DG 10 ? ? 120.23 128.60 -8.37  0.60 N 
88  1 "O4'" B DC 11 ? ? "C1'" B DC 11 ? ? N1    B DC 11 ? ? 115.12 108.30 6.82   0.30 N 
89  1 N3    B DC 11 ? ? C4    B DC 11 ? ? C5    B DC 11 ? ? 116.43 121.90 -5.47  0.40 N 
90  1 C4    B DC 11 ? ? C5    B DC 11 ? ? C6    B DC 11 ? ? 121.25 117.40 3.85   0.50 N 
91  1 N1    B DC 11 ? ? C2    B DC 11 ? ? O2    B DC 11 ? ? 122.70 118.90 3.80   0.60 N 
92  1 N3    B DC 11 ? ? C2    B DC 11 ? ? O2    B DC 11 ? ? 116.88 121.90 -5.02  0.70 N 
93  1 N3    B DC 11 ? ? C4    B DC 11 ? ? N4    B DC 11 ? ? 122.39 118.00 4.39   0.70 N 
94  1 OP1   B DG 12 ? ? P     B DG 12 ? ? OP2   B DG 12 ? ? 109.32 119.60 -10.28 1.50 N 
95  1 C2    B DG 12 ? ? N3    B DG 12 ? ? C4    B DG 12 ? ? 120.84 111.90 8.94   0.50 N 
96  1 N3    B DG 12 ? ? C4    B DG 12 ? ? C5    B DG 12 ? ? 118.98 128.60 -9.62  0.50 N 
97  1 C5    B DG 12 ? ? C6    B DG 12 ? ? N1    B DG 12 ? ? 115.52 111.50 4.02   0.50 N 
98  1 C4    B DG 12 ? ? C5    B DG 12 ? ? N7    B DG 12 ? ? 101.30 110.80 -9.50  0.40 N 
99  1 C5    B DG 12 ? ? N7    B DG 12 ? ? C8    B DG 12 ? ? 109.14 104.30 4.84   0.50 N 
100 1 N7    B DG 12 ? ? C8    B DG 12 ? ? N9    B DG 12 ? ? 110.05 113.10 -3.05  0.50 N 
101 1 N9    B DG 12 ? ? C4    B DG 12 ? ? C5    B DG 12 ? ? 111.52 105.40 6.12   0.40 N 
102 1 C6    B DG 12 ? ? C5    B DG 12 ? ? N7    B DG 12 ? ? 138.17 130.40 7.77   0.60 N 
103 1 N1    B DG 12 ? ? C6    B DG 12 ? ? O6    B DG 12 ? ? 124.57 119.90 4.67   0.60 N 
104 1 C5    B DG 12 ? ? C6    B DG 12 ? ? O6    B DG 12 ? ? 119.91 128.60 -8.69  0.60 N 
105 1 "C3'" B DG 12 ? ? "O3'" B DG 12 ? ? P     B DA 13 ? ? 132.17 119.70 12.47  1.20 Y 
106 1 OP1   B DA 13 ? ? P     B DA 13 ? ? OP2   B DA 13 ? ? 108.45 119.60 -11.15 1.50 N 
107 1 "O4'" B DA 13 ? ? "C1'" B DA 13 ? ? "C2'" B DA 13 ? ? 100.72 105.90 -5.18  0.80 N 
108 1 C6    B DA 13 ? ? N1    B DA 13 ? ? C2    B DA 13 ? ? 122.31 118.60 3.71   0.60 N 
109 1 N1    B DA 13 ? ? C2    B DA 13 ? ? N3    B DA 13 ? ? 122.33 129.30 -6.97  0.50 N 
110 1 C2    B DA 13 ? ? N3    B DA 13 ? ? C4    B DA 13 ? ? 117.83 110.60 7.23   0.50 N 
111 1 N3    B DA 13 ? ? C4    B DA 13 ? ? C5    B DA 13 ? ? 120.03 126.80 -6.77  0.70 N 
112 1 C4    B DA 13 ? ? C5    B DA 13 ? ? C6    B DA 13 ? ? 122.39 117.00 5.39   0.50 N 
113 1 C4    B DA 13 ? ? C5    B DA 13 ? ? N7    B DA 13 ? ? 105.35 110.70 -5.35  0.50 N 
114 1 C5    B DA 13 ? ? N7    B DA 13 ? ? C8    B DA 13 ? ? 109.80 103.90 5.90   0.50 N 
115 1 N3    B DA 13 ? ? C4    B DA 13 ? ? N9    B DA 13 ? ? 133.29 127.40 5.89   0.80 N 
116 1 N1    B DA 13 ? ? C6    B DA 13 ? ? N6    B DA 13 ? ? 122.81 118.60 4.21   0.60 N 
117 1 OP1   B DC 14 ? ? P     B DC 14 ? ? OP2   B DC 14 ? ? 109.10 119.60 -10.50 1.50 N 
118 1 "O4'" B DC 14 ? ? "C4'" B DC 14 ? ? "C3'" B DC 14 ? ? 100.21 104.50 -4.29  0.40 N 
119 1 N3    B DC 14 ? ? C4    B DC 14 ? ? C5    B DC 14 ? ? 116.43 121.90 -5.47  0.40 N 
120 1 C4    B DC 14 ? ? C5    B DC 14 ? ? C6    B DC 14 ? ? 121.11 117.40 3.71   0.50 N 
121 1 N1    B DC 14 ? ? C2    B DC 14 ? ? O2    B DC 14 ? ? 123.49 118.90 4.59   0.60 N 
122 1 N3    B DC 14 ? ? C2    B DC 14 ? ? O2    B DC 14 ? ? 115.98 121.90 -5.92  0.70 N 
123 1 N3    B DC 14 ? ? C4    B DC 14 ? ? N4    B DC 14 ? ? 122.43 118.00 4.43   0.70 N 
124 1 "C3'" B DC 14 ? ? "O3'" B DC 14 ? ? P     B DT 15 ? ? 132.64 119.70 12.94  1.20 Y 
125 1 OP1   B DT 15 ? ? P     B DT 15 ? ? OP2   B DT 15 ? ? 107.73 119.60 -11.87 1.50 N 
126 1 N1    B DT 15 ? ? C2    B DT 15 ? ? N3    B DT 15 ? ? 119.02 114.60 4.42   0.60 N 
127 1 C2    B DT 15 ? ? N3    B DT 15 ? ? C4    B DT 15 ? ? 121.92 127.20 -5.28  0.60 N 
128 1 C5    B DT 15 ? ? C4    B DT 15 ? ? O4    B DT 15 ? ? 118.38 124.90 -6.52  0.70 N 
129 1 OP1   B DA 16 ? ? P     B DA 16 ? ? OP2   B DA 16 ? ? 109.47 119.60 -10.13 1.50 N 
130 1 N1    B DA 16 ? ? C2    B DA 16 ? ? N3    B DA 16 ? ? 122.78 129.30 -6.52  0.50 N 
131 1 C2    B DA 16 ? ? N3    B DA 16 ? ? C4    B DA 16 ? ? 117.74 110.60 7.14   0.50 N 
132 1 N3    B DA 16 ? ? C4    B DA 16 ? ? C5    B DA 16 ? ? 119.86 126.80 -6.94  0.70 N 
133 1 C4    B DA 16 ? ? C5    B DA 16 ? ? C6    B DA 16 ? ? 122.53 117.00 5.53   0.50 N 
134 1 C4    B DA 16 ? ? C5    B DA 16 ? ? N7    B DA 16 ? ? 105.25 110.70 -5.45  0.50 N 
135 1 C5    B DA 16 ? ? N7    B DA 16 ? ? C8    B DA 16 ? ? 109.78 103.90 5.88   0.50 N 
136 1 N3    B DA 16 ? ? C4    B DA 16 ? ? N9    B DA 16 ? ? 133.43 127.40 6.03   0.80 N 
137 1 N1    B DA 16 ? ? C6    B DA 16 ? ? N6    B DA 16 ? ? 122.63 118.60 4.03   0.60 N 
138 1 "C3'" B DA 16 ? ? "O3'" B DA 16 ? ? P     B DG 17 ? ? 127.37 119.70 7.67   1.20 Y 
139 1 OP1   B DG 17 ? ? P     B DG 17 ? ? OP2   B DG 17 ? ? 110.08 119.60 -9.52  1.50 N 
140 1 C2    B DG 17 ? ? N3    B DG 17 ? ? C4    B DG 17 ? ? 120.77 111.90 8.87   0.50 N 
141 1 N3    B DG 17 ? ? C4    B DG 17 ? ? C5    B DG 17 ? ? 118.82 128.60 -9.78  0.50 N 
142 1 C5    B DG 17 ? ? C6    B DG 17 ? ? N1    B DG 17 ? ? 115.28 111.50 3.78   0.50 N 
143 1 C4    B DG 17 ? ? C5    B DG 17 ? ? N7    B DG 17 ? ? 101.43 110.80 -9.37  0.40 N 
144 1 C5    B DG 17 ? ? N7    B DG 17 ? ? C8    B DG 17 ? ? 109.10 104.30 4.80   0.50 N 
145 1 N9    B DG 17 ? ? C4    B DG 17 ? ? C5    B DG 17 ? ? 111.56 105.40 6.16   0.40 N 
146 1 N3    B DG 17 ? ? C4    B DG 17 ? ? N9    B DG 17 ? ? 129.62 126.00 3.62   0.60 N 
147 1 C6    B DG 17 ? ? C5    B DG 17 ? ? N7    B DG 17 ? ? 137.73 130.40 7.33   0.60 N 
148 1 N1    B DG 17 ? ? C6    B DG 17 ? ? O6    B DG 17 ? ? 124.74 119.90 4.84   0.60 N 
149 1 C5    B DG 17 ? ? C6    B DG 17 ? ? O6    B DG 17 ? ? 119.97 128.60 -8.63  0.60 N 
150 1 OP1   B DT 18 ? ? P     B DT 18 ? ? OP2   B DT 18 ? ? 109.65 119.60 -9.95  1.50 N 
151 1 "O4'" B DT 18 ? ? "C1'" B DT 18 ? ? "C2'" B DT 18 ? ? 99.10  105.90 -6.80  0.80 N 
152 1 "O4'" B DT 18 ? ? "C1'" B DT 18 ? ? N1    B DT 18 ? ? 111.37 108.30 3.07   0.30 N 
153 1 N1    B DT 18 ? ? C2    B DT 18 ? ? N3    B DT 18 ? ? 119.47 114.60 4.87   0.60 N 
154 1 C2    B DT 18 ? ? N3    B DT 18 ? ? C4    B DT 18 ? ? 122.18 127.20 -5.02  0.60 N 
155 1 C5    B DT 18 ? ? C4    B DT 18 ? ? O4    B DT 18 ? ? 119.85 124.90 -5.05  0.70 N 
156 1 OP1   B DC 19 ? ? P     B DC 19 ? ? OP2   B DC 19 ? ? 109.15 119.60 -10.45 1.50 N 
157 1 N3    B DC 19 ? ? C4    B DC 19 ? ? C5    B DC 19 ? ? 116.63 121.90 -5.27  0.40 N 
158 1 C4    B DC 19 ? ? C5    B DC 19 ? ? C6    B DC 19 ? ? 120.95 117.40 3.55   0.50 N 
159 1 N1    B DC 19 ? ? C2    B DC 19 ? ? O2    B DC 19 ? ? 123.28 118.90 4.38   0.60 N 
160 1 N3    B DC 19 ? ? C2    B DC 19 ? ? O2    B DC 19 ? ? 116.31 121.90 -5.59  0.70 N 
161 1 N3    B DC 19 ? ? C4    B DC 19 ? ? N4    B DC 19 ? ? 122.82 118.00 4.82   0.70 N 
162 1 OP1   B DG 20 ? ? P     B DG 20 ? ? OP2   B DG 20 ? ? 109.31 119.60 -10.29 1.50 N 
163 1 "O4'" B DG 20 ? ? "C1'" B DG 20 ? ? "C2'" B DG 20 ? ? 99.88  105.90 -6.02  0.80 N 
164 1 "O4'" B DG 20 ? ? "C1'" B DG 20 ? ? N9    B DG 20 ? ? 111.07 108.30 2.77   0.30 N 
165 1 C2    B DG 20 ? ? N3    B DG 20 ? ? C4    B DG 20 ? ? 120.89 111.90 8.99   0.50 N 
166 1 N3    B DG 20 ? ? C4    B DG 20 ? ? C5    B DG 20 ? ? 119.11 128.60 -9.49  0.50 N 
167 1 C5    B DG 20 ? ? C6    B DG 20 ? ? N1    B DG 20 ? ? 115.25 111.50 3.75   0.50 N 
168 1 C4    B DG 20 ? ? C5    B DG 20 ? ? N7    B DG 20 ? ? 101.19 110.80 -9.61  0.40 N 
169 1 C5    B DG 20 ? ? N7    B DG 20 ? ? C8    B DG 20 ? ? 109.19 104.30 4.89   0.50 N 
170 1 N9    B DG 20 ? ? C4    B DG 20 ? ? C5    B DG 20 ? ? 111.69 105.40 6.29   0.40 N 
171 1 C6    B DG 20 ? ? C5    B DG 20 ? ? N7    B DG 20 ? ? 138.34 130.40 7.94   0.60 N 
172 1 N1    B DG 20 ? ? C6    B DG 20 ? ? O6    B DG 20 ? ? 124.57 119.90 4.67   0.60 N 
173 1 C5    B DG 20 ? ? C6    B DG 20 ? ? O6    B DG 20 ? ? 120.18 128.60 -8.42  0.60 N 
# 
_pdbx_nmr_ensemble.average_constraint_violations_per_residue     ? 
_pdbx_nmr_ensemble.average_constraints_per_residue               ? 
_pdbx_nmr_ensemble.average_distance_constraint_violation         ? 
_pdbx_nmr_ensemble.average_torsion_angle_constraint_violation    ? 
_pdbx_nmr_ensemble.conformer_selection_criteria                  'structures with the least restraint violations' 
_pdbx_nmr_ensemble.conformers_calculated_total_number            1 
_pdbx_nmr_ensemble.conformers_submitted_total_number             1 
_pdbx_nmr_ensemble.distance_constraint_violation_method          ? 
_pdbx_nmr_ensemble.entry_id                                      2MNE 
_pdbx_nmr_ensemble.maximum_distance_constraint_violation         ? 
_pdbx_nmr_ensemble.maximum_lower_distance_constraint_violation   ? 
_pdbx_nmr_ensemble.maximum_torsion_angle_constraint_violation    ? 
_pdbx_nmr_ensemble.maximum_upper_distance_constraint_violation   ? 
_pdbx_nmr_ensemble.torsion_angle_constraint_violation_method     ? 
# 
_pdbx_nmr_representative.conformer_id         1 
_pdbx_nmr_representative.entry_id             2MNE 
_pdbx_nmr_representative.selection_criteria   'minimized average structure' 
# 
_pdbx_nmr_sample_details.contents         
;2 mM AIK-18/51, 2 mM 5'-D(*CP*GP*AP*CP*TP*AP*GP*TP*CP*G)-3', 90% H2O/10% D2O
;
_pdbx_nmr_sample_details.solution_id      1 
_pdbx_nmr_sample_details.solvent_system   '90% H2O/10% D2O' 
# 
loop_
_pdbx_nmr_exptl_sample.component 
_pdbx_nmr_exptl_sample.concentration 
_pdbx_nmr_exptl_sample.concentration_range 
_pdbx_nmr_exptl_sample.concentration_units 
_pdbx_nmr_exptl_sample.isotopic_labeling 
_pdbx_nmr_exptl_sample.solution_id 
AIK-18/51-1                                2 ? mM ? 1 
"5'-D(*CP*GP*AP*CP*TP*AP*GP*TP*CP*G)-3'-2" 2 ? mM ? 1 
# 
_pdbx_nmr_exptl_sample_conditions.conditions_id       1 
_pdbx_nmr_exptl_sample_conditions.ionic_strength      0.05 
_pdbx_nmr_exptl_sample_conditions.pH                  7.4 
_pdbx_nmr_exptl_sample_conditions.pressure            ambient 
_pdbx_nmr_exptl_sample_conditions.pressure_units      ? 
_pdbx_nmr_exptl_sample_conditions.temperature         298 
_pdbx_nmr_exptl_sample_conditions.temperature_units   K 
# 
loop_
_pdbx_nmr_exptl.conditions_id 
_pdbx_nmr_exptl.experiment_id 
_pdbx_nmr_exptl.solution_id 
_pdbx_nmr_exptl.type 
1 1 1 '2D 1H-1H TOCSY' 
1 2 1 '2D 1H-1H NOESY' 
1 3 1 '2D 1H-1H COSY'  
# 
_pdbx_nmr_constraints.disulfide_bond_constraints_total_count        ? 
_pdbx_nmr_constraints.entry_id                                      2MNE 
_pdbx_nmr_constraints.hydrogen_bond_constraints_total_count         ? 
_pdbx_nmr_constraints.NA_alpha-angle_constraints_total_count        ? 
_pdbx_nmr_constraints.NA_beta-angle_constraints_total_count         ? 
_pdbx_nmr_constraints.NA_chi-angle_constraints_total_count          ? 
_pdbx_nmr_constraints.NA_delta-angle_constraints_total_count        ? 
_pdbx_nmr_constraints.NA_epsilon-angle_constraints_total_count      ? 
_pdbx_nmr_constraints.NA_gamma-angle_constraints_total_count        ? 
_pdbx_nmr_constraints.NA_other-angle_constraints_total_count        ? 
_pdbx_nmr_constraints.NA_sugar_pucker_constraints_total_count       ? 
_pdbx_nmr_constraints.NOE_constraints_total                         756 
_pdbx_nmr_constraints.NOE_interentity_total_count                   ? 
_pdbx_nmr_constraints.NOE_interproton_distance_evaluation           ? 
_pdbx_nmr_constraints.NOE_intraresidue_total_count                  336 
_pdbx_nmr_constraints.NOE_long_range_total_count                    ? 
_pdbx_nmr_constraints.NOE_medium_range_total_count                  ? 
_pdbx_nmr_constraints.NOE_motional_averaging_correction             ? 
_pdbx_nmr_constraints.NOE_pseudoatom_corrections                    ? 
_pdbx_nmr_constraints.NOE_sequential_total_count                    123 
_pdbx_nmr_constraints.protein_chi_angle_constraints_total_count     ? 
_pdbx_nmr_constraints.protein_other_angle_constraints_total_count   ? 
_pdbx_nmr_constraints.protein_phi_angle_constraints_total_count     ? 
_pdbx_nmr_constraints.protein_psi_angle_constraints_total_count     ? 
# 
_pdbx_nmr_refine.entry_id           2MNE 
_pdbx_nmr_refine.method             'molecular dynamics' 
_pdbx_nmr_refine.details            ? 
_pdbx_nmr_refine.software_ordinal   1 
# 
loop_
_pdbx_nmr_software.authors 
_pdbx_nmr_software.classification 
_pdbx_nmr_software.name 
_pdbx_nmr_software.version 
_pdbx_nmr_software.ordinal 
'Bruker Biospin'                                                            collection                    TopSpin   ? 1  
'Bruker Biospin'                                                            processing                    TopSpin   ? 2  
Goddard                                                                     'chemical shift assignment'   Sparky    ? 3  
Goddard                                                                     'data analysis'               Sparky    ? 4  
Goddard                                                                     'peak picking'                Sparky    ? 5  
Tripos                                                                      'geometry optimization'       SYBYL     ? 6  
Tripos                                                                      'structure solution'          SYBYL     ? 7  
Tripos                                                                      'data analysis'               SYBYL     ? 8  
Tripos                                                                      'structure generation'        SYBYL     ? 9  
Tripos                                                                      'data analysis'               MARDIGRAS ? 10 
Tripos                                                                      'structure solution'          MARDIGRAS ? 11 
Tripos                                                                      'noe conversion to distances' MARDIGRAS ? 12 
'Case, Darden, Cheatham, III, Simmerling, Wang, Duke, Luo, ... and Kollman' 'structure solution'          Amber     ? 13 
'Case, Darden, Cheatham, III, Simmerling, Wang, Duke, Luo, ... and Kollman' refinement                    Amber     ? 14 
'Case, Darden, Cheatham, III, Simmerling, Wang, Duke, Luo, ... and Kollman' 'geometry optimization'       Amber     ? 15 
# 
loop_
_chem_comp_atom.comp_id 
_chem_comp_atom.atom_id 
_chem_comp_atom.type_symbol 
_chem_comp_atom.pdbx_aromatic_flag 
_chem_comp_atom.pdbx_stereo_config 
_chem_comp_atom.pdbx_ordinal 
3B5 C10    C Y N 1   
3B5 C8     C Y N 2   
3B5 C6     C N N 3   
3B5 C3     C Y N 4   
3B5 C1     C Y N 5   
3B5 C4     C Y N 6   
3B5 C5     C Y N 7   
3B5 C11    C Y N 8   
3B5 N12    N Y N 9   
3B5 C12    C N N 10  
3B5 C13    C N N 11  
3B5 C15    C Y N 12  
3B5 C17    C Y N 13  
3B5 N21    N N N 14  
3B5 C20    C N N 15  
3B5 C25    C N N 16  
3B5 C27    C N N 17  
3B5 C28    C N N 18  
3B5 C32    C N N 19  
3B5 C31    C N N 20  
3B5 C19    C N N 21  
3B5 C22    C Y N 22  
3B5 C23    C Y N 23  
3B5 C24    C Y N 24  
3B5 C34    C N N 25  
3B5 N33    N N N 26  
3B5 C35    C N N 27  
3B5 C30    C N N 28  
3B5 N29    N N N 29  
3B5 O28    O N N 30  
3B5 N22    N Y N 31  
3B5 C26    C N N 32  
3B5 S22    S Y N 33  
3B5 O20    O N N 34  
3B5 N19    N Y N 35  
3B5 C18    C Y N 36  
3B5 C16    C Y N 37  
3B5 N14    N N N 38  
3B5 O13    O N N 39  
3B5 C9     C Y N 40  
3B5 N7     N N N 41  
3B5 O6     O N N 42  
3B5 N1     N Y N 43  
3B5 C2     C Y N 44  
3B5 H3     H N N 45  
3B5 H1     H N N 46  
3B5 H5     H N N 47  
3B5 H11    H N N 48  
3B5 H123   H N N 49  
3B5 H121   H N N 50  
3B5 H122   H N N 51  
3B5 H21    H N N 52  
3B5 H25    H N N 53  
3B5 H273   H N N 54  
3B5 H271   H N N 55  
3B5 H272   H N N 56  
3B5 H322   H N N 57  
3B5 H321   H N N 58  
3B5 H312   H N N 59  
3B5 H311   H N N 60  
3B5 H193   H N N 61  
3B5 H192   H N N 62  
3B5 H191   H N N 63  
3B5 H341   H N N 64  
3B5 H342   H N N 65  
3B5 H343   H N N 66  
3B5 H353   H N N 67  
3B5 H352   H N N 68  
3B5 H351   H N N 69  
3B5 H302   H N N 70  
3B5 H301   H N N 71  
3B5 H29    H N N 72  
3B5 H263   H N N 73  
3B5 H261   H N N 74  
3B5 H262   H N N 75  
3B5 H18    H N N 76  
3B5 H16    H N N 77  
3B5 H14    H N N 78  
3B5 H9     H N N 79  
3B5 H7     H N N 80  
3B5 H2     H N N 81  
3B5 H33    H N N 82  
DA  OP3    O N N 83  
DA  P      P N N 84  
DA  OP1    O N N 85  
DA  OP2    O N N 86  
DA  "O5'"  O N N 87  
DA  "C5'"  C N N 88  
DA  "C4'"  C N R 89  
DA  "O4'"  O N N 90  
DA  "C3'"  C N S 91  
DA  "O3'"  O N N 92  
DA  "C2'"  C N N 93  
DA  "C1'"  C N R 94  
DA  N9     N Y N 95  
DA  C8     C Y N 96  
DA  N7     N Y N 97  
DA  C5     C Y N 98  
DA  C6     C Y N 99  
DA  N6     N N N 100 
DA  N1     N Y N 101 
DA  C2     C Y N 102 
DA  N3     N Y N 103 
DA  C4     C Y N 104 
DA  HOP3   H N N 105 
DA  HOP2   H N N 106 
DA  "H5'"  H N N 107 
DA  "H5''" H N N 108 
DA  "H4'"  H N N 109 
DA  "H3'"  H N N 110 
DA  "HO3'" H N N 111 
DA  "H2'"  H N N 112 
DA  "H2''" H N N 113 
DA  "H1'"  H N N 114 
DA  H8     H N N 115 
DA  H61    H N N 116 
DA  H62    H N N 117 
DA  H2     H N N 118 
DC  OP3    O N N 119 
DC  P      P N N 120 
DC  OP1    O N N 121 
DC  OP2    O N N 122 
DC  "O5'"  O N N 123 
DC  "C5'"  C N N 124 
DC  "C4'"  C N R 125 
DC  "O4'"  O N N 126 
DC  "C3'"  C N S 127 
DC  "O3'"  O N N 128 
DC  "C2'"  C N N 129 
DC  "C1'"  C N R 130 
DC  N1     N N N 131 
DC  C2     C N N 132 
DC  O2     O N N 133 
DC  N3     N N N 134 
DC  C4     C N N 135 
DC  N4     N N N 136 
DC  C5     C N N 137 
DC  C6     C N N 138 
DC  HOP3   H N N 139 
DC  HOP2   H N N 140 
DC  "H5'"  H N N 141 
DC  "H5''" H N N 142 
DC  "H4'"  H N N 143 
DC  "H3'"  H N N 144 
DC  "HO3'" H N N 145 
DC  "H2'"  H N N 146 
DC  "H2''" H N N 147 
DC  "H1'"  H N N 148 
DC  H41    H N N 149 
DC  H42    H N N 150 
DC  H5     H N N 151 
DC  H6     H N N 152 
DG  OP3    O N N 153 
DG  P      P N N 154 
DG  OP1    O N N 155 
DG  OP2    O N N 156 
DG  "O5'"  O N N 157 
DG  "C5'"  C N N 158 
DG  "C4'"  C N R 159 
DG  "O4'"  O N N 160 
DG  "C3'"  C N S 161 
DG  "O3'"  O N N 162 
DG  "C2'"  C N N 163 
DG  "C1'"  C N R 164 
DG  N9     N Y N 165 
DG  C8     C Y N 166 
DG  N7     N Y N 167 
DG  C5     C Y N 168 
DG  C6     C N N 169 
DG  O6     O N N 170 
DG  N1     N N N 171 
DG  C2     C N N 172 
DG  N2     N N N 173 
DG  N3     N N N 174 
DG  C4     C Y N 175 
DG  HOP3   H N N 176 
DG  HOP2   H N N 177 
DG  "H5'"  H N N 178 
DG  "H5''" H N N 179 
DG  "H4'"  H N N 180 
DG  "H3'"  H N N 181 
DG  "HO3'" H N N 182 
DG  "H2'"  H N N 183 
DG  "H2''" H N N 184 
DG  "H1'"  H N N 185 
DG  H8     H N N 186 
DG  H1     H N N 187 
DG  H21    H N N 188 
DG  H22    H N N 189 
DT  OP3    O N N 190 
DT  P      P N N 191 
DT  OP1    O N N 192 
DT  OP2    O N N 193 
DT  "O5'"  O N N 194 
DT  "C5'"  C N N 195 
DT  "C4'"  C N R 196 
DT  "O4'"  O N N 197 
DT  "C3'"  C N S 198 
DT  "O3'"  O N N 199 
DT  "C2'"  C N N 200 
DT  "C1'"  C N R 201 
DT  N1     N N N 202 
DT  C2     C N N 203 
DT  O2     O N N 204 
DT  N3     N N N 205 
DT  C4     C N N 206 
DT  O4     O N N 207 
DT  C5     C N N 208 
DT  C7     C N N 209 
DT  C6     C N N 210 
DT  HOP3   H N N 211 
DT  HOP2   H N N 212 
DT  "H5'"  H N N 213 
DT  "H5''" H N N 214 
DT  "H4'"  H N N 215 
DT  "H3'"  H N N 216 
DT  "HO3'" H N N 217 
DT  "H2'"  H N N 218 
DT  "H2''" H N N 219 
DT  "H1'"  H N N 220 
DT  H3     H N N 221 
DT  H71    H N N 222 
DT  H72    H N N 223 
DT  H73    H N N 224 
DT  H6     H N N 225 
# 
loop_
_chem_comp_bond.comp_id 
_chem_comp_bond.atom_id_1 
_chem_comp_bond.atom_id_2 
_chem_comp_bond.value_order 
_chem_comp_bond.pdbx_aromatic_flag 
_chem_comp_bond.pdbx_stereo_config 
_chem_comp_bond.pdbx_ordinal 
3B5 C34   N33    sing N N 1   
3B5 C27   C25    sing N N 2   
3B5 C35   N33    sing N N 3   
3B5 C32   N33    sing N N 4   
3B5 C32   C31    sing N N 5   
3B5 O28   C28    doub N N 6   
3B5 C25   C26    sing N N 7   
3B5 C25   C24    sing N N 8   
3B5 C31   C30    sing N N 9   
3B5 C30   N29    sing N N 10  
3B5 C28   N29    sing N N 11  
3B5 C28   C23    sing N N 12  
3B5 C24   C23    doub Y N 13  
3B5 C24   S22    sing Y N 14  
3B5 C23   N22    sing Y N 15  
3B5 S22   C22    sing Y N 16  
3B5 N22   C22    doub Y N 17  
3B5 C22   N21    sing N N 18  
3B5 O20   C20    doub N N 19  
3B5 N21   C20    sing N N 20  
3B5 C20   C17    sing N N 21  
3B5 C19   N19    sing N N 22  
3B5 C17   N19    sing Y N 23  
3B5 C17   C16    doub Y N 24  
3B5 N19   C18    sing Y N 25  
3B5 C16   C15    sing Y N 26  
3B5 C18   C15    doub Y N 27  
3B5 C15   N14    sing N N 28  
3B5 N14   C13    sing N N 29  
3B5 C13   O13    doub N N 30  
3B5 C13   C10    sing N N 31  
3B5 C10   C9     doub Y N 32  
3B5 C10   N12    sing Y N 33  
3B5 C9    C8     sing Y N 34  
3B5 N12   C12    sing N N 35  
3B5 N12   C11    sing Y N 36  
3B5 C8    C11    doub Y N 37  
3B5 C8    N7     sing N N 38  
3B5 N7    C6     sing N N 39  
3B5 C6    O6     doub N N 40  
3B5 C6    C4     sing N N 41  
3B5 C5    C4     doub Y N 42  
3B5 C5    N1     sing Y N 43  
3B5 C4    C3     sing Y N 44  
3B5 N1    C1     doub Y N 45  
3B5 C3    C2     doub Y N 46  
3B5 C1    C2     sing Y N 47  
3B5 C3    H3     sing N N 48  
3B5 C1    H1     sing N N 49  
3B5 C5    H5     sing N N 50  
3B5 C11   H11    sing N N 51  
3B5 C12   H123   sing N N 52  
3B5 C12   H121   sing N N 53  
3B5 C12   H122   sing N N 54  
3B5 N21   H21    sing N N 55  
3B5 C25   H25    sing N N 56  
3B5 C27   H273   sing N N 57  
3B5 C27   H271   sing N N 58  
3B5 C27   H272   sing N N 59  
3B5 C32   H322   sing N N 60  
3B5 C32   H321   sing N N 61  
3B5 C31   H312   sing N N 62  
3B5 C31   H311   sing N N 63  
3B5 C19   H193   sing N N 64  
3B5 C19   H192   sing N N 65  
3B5 C19   H191   sing N N 66  
3B5 C34   H341   sing N N 67  
3B5 C34   H342   sing N N 68  
3B5 C34   H343   sing N N 69  
3B5 C35   H353   sing N N 70  
3B5 C35   H352   sing N N 71  
3B5 C35   H351   sing N N 72  
3B5 C30   H302   sing N N 73  
3B5 C30   H301   sing N N 74  
3B5 N29   H29    sing N N 75  
3B5 C26   H263   sing N N 76  
3B5 C26   H261   sing N N 77  
3B5 C26   H262   sing N N 78  
3B5 C18   H18    sing N N 79  
3B5 C16   H16    sing N N 80  
3B5 N14   H14    sing N N 81  
3B5 C9    H9     sing N N 82  
3B5 N7    H7     sing N N 83  
3B5 C2    H2     sing N N 84  
3B5 N33   H33    sing N N 85  
DA  OP3   P      sing N N 86  
DA  OP3   HOP3   sing N N 87  
DA  P     OP1    doub N N 88  
DA  P     OP2    sing N N 89  
DA  P     "O5'"  sing N N 90  
DA  OP2   HOP2   sing N N 91  
DA  "O5'" "C5'"  sing N N 92  
DA  "C5'" "C4'"  sing N N 93  
DA  "C5'" "H5'"  sing N N 94  
DA  "C5'" "H5''" sing N N 95  
DA  "C4'" "O4'"  sing N N 96  
DA  "C4'" "C3'"  sing N N 97  
DA  "C4'" "H4'"  sing N N 98  
DA  "O4'" "C1'"  sing N N 99  
DA  "C3'" "O3'"  sing N N 100 
DA  "C3'" "C2'"  sing N N 101 
DA  "C3'" "H3'"  sing N N 102 
DA  "O3'" "HO3'" sing N N 103 
DA  "C2'" "C1'"  sing N N 104 
DA  "C2'" "H2'"  sing N N 105 
DA  "C2'" "H2''" sing N N 106 
DA  "C1'" N9     sing N N 107 
DA  "C1'" "H1'"  sing N N 108 
DA  N9    C8     sing Y N 109 
DA  N9    C4     sing Y N 110 
DA  C8    N7     doub Y N 111 
DA  C8    H8     sing N N 112 
DA  N7    C5     sing Y N 113 
DA  C5    C6     sing Y N 114 
DA  C5    C4     doub Y N 115 
DA  C6    N6     sing N N 116 
DA  C6    N1     doub Y N 117 
DA  N6    H61    sing N N 118 
DA  N6    H62    sing N N 119 
DA  N1    C2     sing Y N 120 
DA  C2    N3     doub Y N 121 
DA  C2    H2     sing N N 122 
DA  N3    C4     sing Y N 123 
DC  OP3   P      sing N N 124 
DC  OP3   HOP3   sing N N 125 
DC  P     OP1    doub N N 126 
DC  P     OP2    sing N N 127 
DC  P     "O5'"  sing N N 128 
DC  OP2   HOP2   sing N N 129 
DC  "O5'" "C5'"  sing N N 130 
DC  "C5'" "C4'"  sing N N 131 
DC  "C5'" "H5'"  sing N N 132 
DC  "C5'" "H5''" sing N N 133 
DC  "C4'" "O4'"  sing N N 134 
DC  "C4'" "C3'"  sing N N 135 
DC  "C4'" "H4'"  sing N N 136 
DC  "O4'" "C1'"  sing N N 137 
DC  "C3'" "O3'"  sing N N 138 
DC  "C3'" "C2'"  sing N N 139 
DC  "C3'" "H3'"  sing N N 140 
DC  "O3'" "HO3'" sing N N 141 
DC  "C2'" "C1'"  sing N N 142 
DC  "C2'" "H2'"  sing N N 143 
DC  "C2'" "H2''" sing N N 144 
DC  "C1'" N1     sing N N 145 
DC  "C1'" "H1'"  sing N N 146 
DC  N1    C2     sing N N 147 
DC  N1    C6     sing N N 148 
DC  C2    O2     doub N N 149 
DC  C2    N3     sing N N 150 
DC  N3    C4     doub N N 151 
DC  C4    N4     sing N N 152 
DC  C4    C5     sing N N 153 
DC  N4    H41    sing N N 154 
DC  N4    H42    sing N N 155 
DC  C5    C6     doub N N 156 
DC  C5    H5     sing N N 157 
DC  C6    H6     sing N N 158 
DG  OP3   P      sing N N 159 
DG  OP3   HOP3   sing N N 160 
DG  P     OP1    doub N N 161 
DG  P     OP2    sing N N 162 
DG  P     "O5'"  sing N N 163 
DG  OP2   HOP2   sing N N 164 
DG  "O5'" "C5'"  sing N N 165 
DG  "C5'" "C4'"  sing N N 166 
DG  "C5'" "H5'"  sing N N 167 
DG  "C5'" "H5''" sing N N 168 
DG  "C4'" "O4'"  sing N N 169 
DG  "C4'" "C3'"  sing N N 170 
DG  "C4'" "H4'"  sing N N 171 
DG  "O4'" "C1'"  sing N N 172 
DG  "C3'" "O3'"  sing N N 173 
DG  "C3'" "C2'"  sing N N 174 
DG  "C3'" "H3'"  sing N N 175 
DG  "O3'" "HO3'" sing N N 176 
DG  "C2'" "C1'"  sing N N 177 
DG  "C2'" "H2'"  sing N N 178 
DG  "C2'" "H2''" sing N N 179 
DG  "C1'" N9     sing N N 180 
DG  "C1'" "H1'"  sing N N 181 
DG  N9    C8     sing Y N 182 
DG  N9    C4     sing Y N 183 
DG  C8    N7     doub Y N 184 
DG  C8    H8     sing N N 185 
DG  N7    C5     sing Y N 186 
DG  C5    C6     sing N N 187 
DG  C5    C4     doub Y N 188 
DG  C6    O6     doub N N 189 
DG  C6    N1     sing N N 190 
DG  N1    C2     sing N N 191 
DG  N1    H1     sing N N 192 
DG  C2    N2     sing N N 193 
DG  C2    N3     doub N N 194 
DG  N2    H21    sing N N 195 
DG  N2    H22    sing N N 196 
DG  N3    C4     sing N N 197 
DT  OP3   P      sing N N 198 
DT  OP3   HOP3   sing N N 199 
DT  P     OP1    doub N N 200 
DT  P     OP2    sing N N 201 
DT  P     "O5'"  sing N N 202 
DT  OP2   HOP2   sing N N 203 
DT  "O5'" "C5'"  sing N N 204 
DT  "C5'" "C4'"  sing N N 205 
DT  "C5'" "H5'"  sing N N 206 
DT  "C5'" "H5''" sing N N 207 
DT  "C4'" "O4'"  sing N N 208 
DT  "C4'" "C3'"  sing N N 209 
DT  "C4'" "H4'"  sing N N 210 
DT  "O4'" "C1'"  sing N N 211 
DT  "C3'" "O3'"  sing N N 212 
DT  "C3'" "C2'"  sing N N 213 
DT  "C3'" "H3'"  sing N N 214 
DT  "O3'" "HO3'" sing N N 215 
DT  "C2'" "C1'"  sing N N 216 
DT  "C2'" "H2'"  sing N N 217 
DT  "C2'" "H2''" sing N N 218 
DT  "C1'" N1     sing N N 219 
DT  "C1'" "H1'"  sing N N 220 
DT  N1    C2     sing N N 221 
DT  N1    C6     sing N N 222 
DT  C2    O2     doub N N 223 
DT  C2    N3     sing N N 224 
DT  N3    C4     sing N N 225 
DT  N3    H3     sing N N 226 
DT  C4    O4     doub N N 227 
DT  C4    C5     sing N N 228 
DT  C5    C7     sing N N 229 
DT  C5    C6     doub N N 230 
DT  C7    H71    sing N N 231 
DT  C7    H72    sing N N 232 
DT  C7    H73    sing N N 233 
DT  C6    H6     sing N N 234 
# 
loop_
_ndb_struct_conf_na.entry_id 
_ndb_struct_conf_na.feature 
2MNE 'double helix'         
2MNE 'b-form double helix'  
2MNE 'mismatched base pair' 
# 
loop_
_ndb_struct_na_base_pair.model_number 
_ndb_struct_na_base_pair.i_label_asym_id 
_ndb_struct_na_base_pair.i_label_comp_id 
_ndb_struct_na_base_pair.i_label_seq_id 
_ndb_struct_na_base_pair.i_symmetry 
_ndb_struct_na_base_pair.j_label_asym_id 
_ndb_struct_na_base_pair.j_label_comp_id 
_ndb_struct_na_base_pair.j_label_seq_id 
_ndb_struct_na_base_pair.j_symmetry 
_ndb_struct_na_base_pair.shear 
_ndb_struct_na_base_pair.stretch 
_ndb_struct_na_base_pair.stagger 
_ndb_struct_na_base_pair.buckle 
_ndb_struct_na_base_pair.propeller 
_ndb_struct_na_base_pair.opening 
_ndb_struct_na_base_pair.pair_number 
_ndb_struct_na_base_pair.pair_name 
_ndb_struct_na_base_pair.i_auth_asym_id 
_ndb_struct_na_base_pair.i_auth_seq_id 
_ndb_struct_na_base_pair.i_PDB_ins_code 
_ndb_struct_na_base_pair.j_auth_asym_id 
_ndb_struct_na_base_pair.j_auth_seq_id 
_ndb_struct_na_base_pair.j_PDB_ins_code 
_ndb_struct_na_base_pair.hbond_type_28 
_ndb_struct_na_base_pair.hbond_type_12 
1 A DC 1  1_555 B DG 10 1_555 0.283  -0.436 1.398  -14.192 -8.914  -6.787  1  A_DC1:DG20_B  A 1  ? B 20 ? 19 1 
1 A DG 2  1_555 B DC 9  1_555 -0.315 -0.100 0.038  -2.694  -10.108 -5.432  2  A_DG2:DC19_B  A 2  ? B 19 ? 19 1 
1 A DA 3  1_555 B DT 8  1_555 0.735  -0.247 -1.458 -17.439 -13.799 6.132   3  A_DA3:DT18_B  A 3  ? B 18 ? 20 1 
1 A DC 4  1_555 B DG 7  1_555 0.220  -0.121 0.298  -14.640 -1.020  -2.819  4  A_DC4:DG17_B  A 4  ? B 17 ? 19 1 
1 A DT 5  1_555 B DA 6  1_555 -1.466 -0.117 1.053  4.339   -34.276 -28.016 5  A_DT5:DA16_B  A 5  ? B 16 ? 20 1 
1 A DA 6  1_555 B DT 5  1_555 0.814  -0.010 1.689  9.851   -31.179 -14.033 6  A_DA6:DT15_B  A 6  ? B 15 ? ?  ? 
1 A DG 7  1_555 B DC 4  1_555 -0.874 -0.142 -0.764 -20.705 -31.762 3.729   7  A_DG7:DC14_B  A 7  ? B 14 ? 19 1 
1 A DT 8  1_555 B DA 3  1_555 -0.026 -0.214 -0.536 -10.391 -30.842 10.556  8  A_DT8:DA13_B  A 8  ? B 13 ? 20 1 
1 A DC 9  1_555 B DG 2  1_555 0.263  -0.076 0.205  -5.667  -5.466  -4.652  9  A_DC9:DG12_B  A 9  ? B 12 ? 19 1 
1 A DG 10 1_555 B DC 1  1_555 -0.172 -0.387 1.339  12.988  -9.528  -5.822  10 A_DG10:DC11_B A 10 ? B 11 ? 19 1 
# 
loop_
_ndb_struct_na_base_pair_step.model_number 
_ndb_struct_na_base_pair_step.i_label_asym_id_1 
_ndb_struct_na_base_pair_step.i_label_comp_id_1 
_ndb_struct_na_base_pair_step.i_label_seq_id_1 
_ndb_struct_na_base_pair_step.i_symmetry_1 
_ndb_struct_na_base_pair_step.j_label_asym_id_1 
_ndb_struct_na_base_pair_step.j_label_comp_id_1 
_ndb_struct_na_base_pair_step.j_label_seq_id_1 
_ndb_struct_na_base_pair_step.j_symmetry_1 
_ndb_struct_na_base_pair_step.i_label_asym_id_2 
_ndb_struct_na_base_pair_step.i_label_comp_id_2 
_ndb_struct_na_base_pair_step.i_label_seq_id_2 
_ndb_struct_na_base_pair_step.i_symmetry_2 
_ndb_struct_na_base_pair_step.j_label_asym_id_2 
_ndb_struct_na_base_pair_step.j_label_comp_id_2 
_ndb_struct_na_base_pair_step.j_label_seq_id_2 
_ndb_struct_na_base_pair_step.j_symmetry_2 
_ndb_struct_na_base_pair_step.shift 
_ndb_struct_na_base_pair_step.slide 
_ndb_struct_na_base_pair_step.rise 
_ndb_struct_na_base_pair_step.tilt 
_ndb_struct_na_base_pair_step.roll 
_ndb_struct_na_base_pair_step.twist 
_ndb_struct_na_base_pair_step.x_displacement 
_ndb_struct_na_base_pair_step.y_displacement 
_ndb_struct_na_base_pair_step.helical_rise 
_ndb_struct_na_base_pair_step.inclination 
_ndb_struct_na_base_pair_step.tip 
_ndb_struct_na_base_pair_step.helical_twist 
_ndb_struct_na_base_pair_step.step_number 
_ndb_struct_na_base_pair_step.step_name 
_ndb_struct_na_base_pair_step.i_auth_asym_id_1 
_ndb_struct_na_base_pair_step.i_auth_seq_id_1 
_ndb_struct_na_base_pair_step.i_PDB_ins_code_1 
_ndb_struct_na_base_pair_step.j_auth_asym_id_1 
_ndb_struct_na_base_pair_step.j_auth_seq_id_1 
_ndb_struct_na_base_pair_step.j_PDB_ins_code_1 
_ndb_struct_na_base_pair_step.i_auth_asym_id_2 
_ndb_struct_na_base_pair_step.i_auth_seq_id_2 
_ndb_struct_na_base_pair_step.i_PDB_ins_code_2 
_ndb_struct_na_base_pair_step.j_auth_asym_id_2 
_ndb_struct_na_base_pair_step.j_auth_seq_id_2 
_ndb_struct_na_base_pair_step.j_PDB_ins_code_2 
1 A DC 1 1_555 B DG 10 1_555 A DG 2  1_555 B DC 9 1_555 -0.454 -1.848 2.366 10.987  -2.782  31.965 -2.847 2.064  2.242 -4.865  
-19.211 33.865 1 AA_DC1DG2:DC19DG20_BB  A 1 ? B 20 ? A 2  ? B 19 ? 
1 A DG 2 1_555 B DC 9  1_555 A DA 3  1_555 B DT 8 1_555 1.864  -0.004 3.715 12.797  6.315   44.976 -0.636 -1.056 4.038 8.020   
-16.251 47.074 2 AA_DG2DA3:DT18DC19_BB  A 2 ? B 19 ? A 3  ? B 18 ? 
1 A DA 3 1_555 B DT 8  1_555 A DC 4  1_555 B DG 7 1_555 -1.978 -0.109 3.003 -16.086 23.420  24.691 -3.487 0.800  2.767 41.063  
28.205  37.474 3 AA_DA3DC4:DG17DT18_BB  A 3 ? B 18 ? A 4  ? B 17 ? 
1 A DC 4 1_555 B DG 7  1_555 A DT 5  1_555 B DA 6 1_555 -2.030 0.679  3.105 -1.699  -13.445 23.749 4.521  3.912  2.502 -29.768 
3.761   27.295 4 AA_DC4DT5:DA16DG17_BB  A 4 ? B 17 ? A 5  ? B 16 ? 
1 A DT 5 1_555 B DA 6  1_555 A DA 6  1_555 B DT 5 1_555 0.686  -0.460 2.711 -0.033  -2.317  49.476 -0.407 -0.821 2.728 -2.767  
0.039   49.527 5 AA_DT5DA6:DT15DA16_BB  A 5 ? B 16 ? A 6  ? B 15 ? 
1 A DA 6 1_555 B DT 5  1_555 A DG 7  1_555 B DC 4 1_555 2.159  0.570  4.688 13.025  19.724  33.439 -2.693 -0.781 4.812 30.065  
-19.854 40.754 6 AA_DA6DG7:DC14DT15_BB  A 6 ? B 15 ? A 7  ? B 14 ? 
1 A DG 7 1_555 B DC 4  1_555 A DT 8  1_555 B DA 3 1_555 0.414  0.606  2.633 0.785   0.398   36.031 0.933  -0.579 2.648 0.643   
-1.269  36.042 7 AA_DG7DT8:DA13DC14_BB  A 7 ? B 14 ? A 8  ? B 13 ? 
1 A DT 8 1_555 B DA 3  1_555 A DC 9  1_555 B DG 2 1_555 -0.437 -0.618 3.073 -3.774  14.859  31.215 -3.110 0.205  2.562 25.758  
6.542   34.693 8 AA_DT8DC9:DG12DA13_BB  A 8 ? B 13 ? A 9  ? B 12 ? 
1 A DC 9 1_555 B DG 2  1_555 A DG 10 1_555 B DC 1 1_555 0.156  -1.951 2.149 -8.486  -1.034  30.358 -3.465 -1.332 2.094 -1.926  
15.814  31.511 9 AA_DC9DG10:DC11DG12_BB A 9 ? B 12 ? A 10 ? B 11 ? 
# 
_pdbx_nmr_spectrometer.field_strength    600 
_pdbx_nmr_spectrometer.manufacturer      Bruker 
_pdbx_nmr_spectrometer.model             AVANCE 
_pdbx_nmr_spectrometer.spectrometer_id   1 
_pdbx_nmr_spectrometer.type              'Bruker Avance' 
# 
_atom_sites.entry_id                    2MNE 
_atom_sites.fract_transf_matrix[1][1]   1.000000 
_atom_sites.fract_transf_matrix[1][2]   0.000000 
_atom_sites.fract_transf_matrix[1][3]   0.000000 
_atom_sites.fract_transf_matrix[2][1]   0.000000 
_atom_sites.fract_transf_matrix[2][2]   1.000000 
_atom_sites.fract_transf_matrix[2][3]   0.000000 
_atom_sites.fract_transf_matrix[3][1]   0.000000 
_atom_sites.fract_transf_matrix[3][2]   0.000000 
_atom_sites.fract_transf_matrix[3][3]   1.000000 
_atom_sites.fract_transf_vector[1]      0.00000 
_atom_sites.fract_transf_vector[2]      0.00000 
_atom_sites.fract_transf_vector[3]      0.00000 
# 
loop_
_atom_type.symbol 
C 
H 
N 
O 
P 
S 
# 
loop_
_atom_site.group_PDB 
_atom_site.id 
_atom_site.type_symbol 
_atom_site.label_atom_id 
_atom_site.label_alt_id 
_atom_site.label_comp_id 
_atom_site.label_asym_id 
_atom_site.label_entity_id 
_atom_site.label_seq_id 
_atom_site.pdbx_PDB_ins_code 
_atom_site.Cartn_x 
_atom_site.Cartn_y 
_atom_site.Cartn_z 
_atom_site.occupancy 
_atom_site.B_iso_or_equiv 
_atom_site.pdbx_formal_charge 
_atom_site.auth_seq_id 
_atom_site.auth_comp_id 
_atom_site.auth_asym_id 
_atom_site.auth_atom_id 
_atom_site.pdbx_PDB_model_num 
ATOM   1   O "O5'"  . DC  A 1 1  ? 20.081  -0.201  -4.997  1.00 0.00 ? 1   DC  A "O5'"  1 
ATOM   2   C "C5'"  . DC  A 1 1  ? 18.754  -0.388  -5.519  1.00 0.00 ? 1   DC  A "C5'"  1 
ATOM   3   C "C4'"  . DC  A 1 1  ? 17.975  -1.319  -4.560  1.00 0.00 ? 1   DC  A "C4'"  1 
ATOM   4   O "O4'"  . DC  A 1 1  ? 17.789  -0.715  -3.271  1.00 0.00 ? 1   DC  A "O4'"  1 
ATOM   5   C "C3'"  . DC  A 1 1  ? 16.521  -1.605  -5.001  1.00 0.00 ? 1   DC  A "C3'"  1 
ATOM   6   O "O3'"  . DC  A 1 1  ? 16.450  -2.734  -5.884  1.00 0.00 ? 1   DC  A "O3'"  1 
ATOM   7   C "C2'"  . DC  A 1 1  ? 15.779  -1.825  -3.658  1.00 0.00 ? 1   DC  A "C2'"  1 
ATOM   8   C "C1'"  . DC  A 1 1  ? 16.835  -1.523  -2.568  1.00 0.00 ? 1   DC  A "C1'"  1 
ATOM   9   N N1     . DC  A 1 1  ? 16.203  -0.907  -1.403  1.00 0.00 ? 1   DC  A N1     1 
ATOM   10  C C2     . DC  A 1 1  ? 15.408  -1.653  -0.610  1.00 0.00 ? 1   DC  A C2     1 
ATOM   11  O O2     . DC  A 1 1  ? 15.218  -2.844  -0.800  1.00 0.00 ? 1   DC  A O2     1 
ATOM   12  N N3     . DC  A 1 1  ? 14.737  -1.059  0.521   1.00 0.00 ? 1   DC  A N3     1 
ATOM   13  C C4     . DC  A 1 1  ? 14.868  0.172   0.810   1.00 0.00 ? 1   DC  A C4     1 
ATOM   14  N N4     . DC  A 1 1  ? 14.263  0.716   1.829   1.00 0.00 ? 1   DC  A N4     1 
ATOM   15  C C5     . DC  A 1 1  ? 15.750  0.969   -0.075  1.00 0.00 ? 1   DC  A C5     1 
ATOM   16  C C6     . DC  A 1 1  ? 16.368  0.411   -1.128  1.00 0.00 ? 1   DC  A C6     1 
ATOM   17  H "H5'"  . DC  A 1 1  ? 18.794  -0.849  -6.520  1.00 0.00 ? 1   DC  A "H5'"  1 
ATOM   18  H "H5''" . DC  A 1 1  ? 18.238  0.584   -5.589  1.00 0.00 ? 1   DC  A "H5''" 1 
ATOM   19  H "H4'"  . DC  A 1 1  ? 18.525  -2.271  -4.447  1.00 0.00 ? 1   DC  A "H4'"  1 
ATOM   20  H "H3'"  . DC  A 1 1  ? 16.110  -0.721  -5.517  1.00 0.00 ? 1   DC  A "H3'"  1 
ATOM   21  H "H2'"  . DC  A 1 1  ? 14.941  -1.115  -3.572  1.00 0.00 ? 1   DC  A "H2'"  1 
ATOM   22  H "H2''" . DC  A 1 1  ? 15.392  -2.846  -3.535  1.00 0.00 ? 1   DC  A "H2''" 1 
ATOM   23  H "H1'"  . DC  A 1 1  ? 17.357  -2.447  -2.262  1.00 0.00 ? 1   DC  A "H1'"  1 
ATOM   24  H H41    . DC  A 1 1  ? 13.652  0.146   2.432   1.00 0.00 ? 1   DC  A H41    1 
ATOM   25  H H42    . DC  A 1 1  ? 14.387  1.717   2.043   1.00 0.00 ? 1   DC  A H42    1 
ATOM   26  H H5     . DC  A 1 1  ? 15.900  2.028   0.131   1.00 0.00 ? 1   DC  A H5     1 
ATOM   27  H H6     . DC  A 1 1  ? 17.000  1.045   -1.751  1.00 0.00 ? 1   DC  A H6     1 
ATOM   28  H "HO5'" . DC  A 1 1  ? 20.614  0.365   -5.549  1.00 0.00 ? 1   DC  A "HO5'" 1 
ATOM   29  P P      . DG  A 1 2  ? 15.087  -3.336  -6.476  1.00 0.00 ? 2   DG  A P      1 
ATOM   30  O OP1    . DG  A 1 2  ? 15.397  -4.182  -7.662  1.00 0.00 ? 2   DG  A OP1    1 
ATOM   31  O OP2    . DG  A 1 2  ? 14.184  -2.224  -6.883  1.00 0.00 ? 2   DG  A OP2    1 
ATOM   32  O "O5'"  . DG  A 1 2  ? 14.361  -4.234  -5.366  1.00 0.00 ? 2   DG  A "O5'"  1 
ATOM   33  C "C5'"  . DG  A 1 2  ? 14.933  -5.441  -4.846  1.00 0.00 ? 2   DG  A "C5'"  1 
ATOM   34  C "C4'"  . DG  A 1 2  ? 14.043  -5.976  -3.700  1.00 0.00 ? 2   DG  A "C4'"  1 
ATOM   35  O "O4'"  . DG  A 1 2  ? 13.931  -4.960  -2.691  1.00 0.00 ? 2   DG  A "O4'"  1 
ATOM   36  C "C3'"  . DG  A 1 2  ? 12.583  -6.281  -4.137  1.00 0.00 ? 2   DG  A "C3'"  1 
ATOM   37  O "O3'"  . DG  A 1 2  ? 12.267  -7.624  -3.736  1.00 0.00 ? 2   DG  A "O3'"  1 
ATOM   38  C "C2'"  . DG  A 1 2  ? 11.756  -5.239  -3.349  1.00 0.00 ? 2   DG  A "C2'"  1 
ATOM   39  C "C1'"  . DG  A 1 2  ? 12.629  -5.049  -2.098  1.00 0.00 ? 2   DG  A "C1'"  1 
ATOM   40  N N9     . DG  A 1 2  ? 12.359  -3.828  -1.355  1.00 0.00 ? 2   DG  A N9     1 
ATOM   41  C C8     . DG  A 1 2  ? 12.556  -2.615  -1.786  1.00 0.00 ? 2   DG  A C8     1 
ATOM   42  N N7     . DG  A 1 2  ? 12.290  -1.783  -0.877  1.00 0.00 ? 2   DG  A N7     1 
ATOM   43  C C5     . DG  A 1 2  ? 11.870  -2.491  0.298   1.00 0.00 ? 2   DG  A C5     1 
ATOM   44  C C6     . DG  A 1 2  ? 11.459  -2.182  1.664   1.00 0.00 ? 2   DG  A C6     1 
ATOM   45  O O6     . DG  A 1 2  ? 11.454  -1.024  2.046   1.00 0.00 ? 2   DG  A O6     1 
ATOM   46  N N1     . DG  A 1 2  ? 11.112  -3.253  2.428   1.00 0.00 ? 2   DG  A N1     1 
ATOM   47  C C2     . DG  A 1 2  ? 11.150  -4.542  1.969   1.00 0.00 ? 2   DG  A C2     1 
ATOM   48  N N2     . DG  A 1 2  ? 10.783  -5.502  2.777   1.00 0.00 ? 2   DG  A N2     1 
ATOM   49  N N3     . DG  A 1 2  ? 11.544  -4.807  0.784   1.00 0.00 ? 2   DG  A N3     1 
ATOM   50  C C4     . DG  A 1 2  ? 11.929  -3.753  -0.119  1.00 0.00 ? 2   DG  A C4     1 
ATOM   51  H "H5'"  . DG  A 1 2  ? 15.940  -5.226  -4.453  1.00 0.00 ? 2   DG  A "H5'"  1 
ATOM   52  H "H5''" . DG  A 1 2  ? 15.016  -6.189  -5.649  1.00 0.00 ? 2   DG  A "H5''" 1 
ATOM   53  H "H4'"  . DG  A 1 2  ? 14.506  -6.869  -3.248  1.00 0.00 ? 2   DG  A "H4'"  1 
ATOM   54  H "H3'"  . DG  A 1 2  ? 12.421  -6.194  -5.224  1.00 0.00 ? 2   DG  A "H3'"  1 
ATOM   55  H "H2'"  . DG  A 1 2  ? 11.714  -4.295  -3.915  1.00 0.00 ? 2   DG  A "H2'"  1 
ATOM   56  H "H2''" . DG  A 1 2  ? 10.732  -5.558  -3.113  1.00 0.00 ? 2   DG  A "H2''" 1 
ATOM   57  H "H1'"  . DG  A 1 2  ? 12.579  -5.938  -1.446  1.00 0.00 ? 2   DG  A "H1'"  1 
ATOM   58  H H8     . DG  A 1 2  ? 12.908  -2.340  -2.778  1.00 0.00 ? 2   DG  A H8     1 
ATOM   59  H H1     . DG  A 1 2  ? 10.822  -3.056  3.366   1.00 0.00 ? 2   DG  A H1     1 
ATOM   60  H H21    . DG  A 1 2  ? 10.472  -5.304  3.739   1.00 0.00 ? 2   DG  A H21    1 
ATOM   61  H H22    . DG  A 1 2  ? 10.804  -6.481  2.452   1.00 0.00 ? 2   DG  A H22    1 
ATOM   62  P P      . DA  A 1 3  ? 10.839  -8.337  -3.849  1.00 0.00 ? 3   DA  A P      1 
ATOM   63  O OP1    . DA  A 1 3  ? 11.009  -9.817  -3.811  1.00 0.00 ? 3   DA  A OP1    1 
ATOM   64  O OP2    . DA  A 1 3  ? 10.181  -7.940  -5.125  1.00 0.00 ? 3   DA  A OP2    1 
ATOM   65  O "O5'"  . DA  A 1 3  ? 9.937   -7.871  -2.613  1.00 0.00 ? 3   DA  A "O5'"  1 
ATOM   66  C "C5'"  . DA  A 1 3  ? 10.108  -8.295  -1.256  1.00 0.00 ? 3   DA  A "C5'"  1 
ATOM   67  C "C4'"  . DA  A 1 3  ? 9.104   -7.517  -0.374  1.00 0.00 ? 3   DA  A "C4'"  1 
ATOM   68  O "O4'"  . DA  A 1 3  ? 9.483   -6.128  -0.372  1.00 0.00 ? 3   DA  A "O4'"  1 
ATOM   69  C "C3'"  . DA  A 1 3  ? 7.668   -7.553  -0.966  1.00 0.00 ? 3   DA  A "C3'"  1 
ATOM   70  O "O3'"  . DA  A 1 3  ? 6.674   -7.746  0.049   1.00 0.00 ? 3   DA  A "O3'"  1 
ATOM   71  C "C2'"  . DA  A 1 3  ? 7.501   -6.116  -1.500  1.00 0.00 ? 3   DA  A "C2'"  1 
ATOM   72  C "C1'"  . DA  A 1 3  ? 8.292   -5.336  -0.425  1.00 0.00 ? 3   DA  A "C1'"  1 
ATOM   73  N N9     . DA  A 1 3  ? 8.600   -3.936  -0.698  1.00 0.00 ? 3   DA  A N9     1 
ATOM   74  C C8     . DA  A 1 3  ? 8.883   -3.388  -1.852  1.00 0.00 ? 3   DA  A C8     1 
ATOM   75  N N7     . DA  A 1 3  ? 9.078   -2.141  -1.737  1.00 0.00 ? 3   DA  A N7     1 
ATOM   76  C C5     . DA  A 1 3  ? 8.919   -1.771  -0.461  1.00 0.00 ? 3   DA  A C5     1 
ATOM   77  C C6     . DA  A 1 3  ? 9.003   -0.531  0.166   1.00 0.00 ? 3   DA  A C6     1 
ATOM   78  N N6     . DA  A 1 3  ? 9.295   0.602   -0.511  1.00 0.00 ? 3   DA  A N6     1 
ATOM   79  N N1     . DA  A 1 3  ? 8.770   -0.542  1.497   1.00 0.00 ? 3   DA  A N1     1 
ATOM   80  C C2     . DA  A 1 3  ? 8.526   -1.692  2.171   1.00 0.00 ? 3   DA  A C2     1 
ATOM   81  N N3     . DA  A 1 3  ? 8.396   -2.889  1.549   1.00 0.00 ? 3   DA  A N3     1 
ATOM   82  C C4     . DA  A 1 3  ? 8.611   -2.938  0.221   1.00 0.00 ? 3   DA  A C4     1 
ATOM   83  H "H5'"  . DA  A 1 3  ? 11.137  -8.090  -0.921  1.00 0.00 ? 3   DA  A "H5'"  1 
ATOM   84  H "H5''" . DA  A 1 3  ? 9.915   -9.377  -1.190  1.00 0.00 ? 3   DA  A "H5''" 1 
ATOM   85  H "H4'"  . DA  A 1 3  ? 9.128   -7.885  0.664   1.00 0.00 ? 3   DA  A "H4'"  1 
ATOM   86  H "H3'"  . DA  A 1 3  ? 7.511   -8.313  -1.750  1.00 0.00 ? 3   DA  A "H3'"  1 
ATOM   87  H "H2'"  . DA  A 1 3  ? 7.986   -6.033  -2.484  1.00 0.00 ? 3   DA  A "H2'"  1 
ATOM   88  H "H2''" . DA  A 1 3  ? 6.445   -5.825  -1.593  1.00 0.00 ? 3   DA  A "H2''" 1 
ATOM   89  H "H1'"  . DA  A 1 3  ? 7.763   -5.397  0.541   1.00 0.00 ? 3   DA  A "H1'"  1 
ATOM   90  H H8     . DA  A 1 3  ? 8.952   -3.888  -2.814  1.00 0.00 ? 3   DA  A H8     1 
ATOM   91  H H61    . DA  A 1 3  ? 9.469   0.574   -1.527  1.00 0.00 ? 3   DA  A H61    1 
ATOM   92  H H62    . DA  A 1 3  ? 9.342   1.502   -0.011  1.00 0.00 ? 3   DA  A H62    1 
ATOM   93  H H2     . DA  A 1 3  ? 8.442   -1.638  3.248   1.00 0.00 ? 3   DA  A H2     1 
ATOM   94  P P      . DC  A 1 4  ? 6.331   -9.054  0.906   1.00 0.00 ? 4   DC  A P      1 
ATOM   95  O OP1    . DC  A 1 4  ? 7.473   -9.439  1.781   1.00 0.00 ? 4   DC  A OP1    1 
ATOM   96  O OP2    . DC  A 1 4  ? 5.971   -10.183 0.003   1.00 0.00 ? 4   DC  A OP2    1 
ATOM   97  O "O5'"  . DC  A 1 4  ? 5.081   -8.653  1.819   1.00 0.00 ? 4   DC  A "O5'"  1 
ATOM   98  C "C5'"  . DC  A 1 4  ? 3.746   -8.459  1.335   1.00 0.00 ? 4   DC  A "C5'"  1 
ATOM   99  C "C4'"  . DC  A 1 4  ? 3.027   -7.568  2.371   1.00 0.00 ? 4   DC  A "C4'"  1 
ATOM   100 O "O4'"  . DC  A 1 4  ? 3.803   -6.358  2.423   1.00 0.00 ? 4   DC  A "O4'"  1 
ATOM   101 C "C3'"  . DC  A 1 4  ? 1.593   -7.156  1.949   1.00 0.00 ? 4   DC  A "C3'"  1 
ATOM   102 O "O3'"  . DC  A 1 4  ? 0.753   -7.112  3.113   1.00 0.00 ? 4   DC  A "O3'"  1 
ATOM   103 C "C2'"  . DC  A 1 4  ? 1.797   -5.736  1.388   1.00 0.00 ? 4   DC  A "C2'"  1 
ATOM   104 C "C1'"  . DC  A 1 4  ? 2.950   -5.218  2.268   1.00 0.00 ? 4   DC  A "C1'"  1 
ATOM   105 N N1     . DC  A 1 4  ? 3.691   -4.127  1.630   1.00 0.00 ? 4   DC  A N1     1 
ATOM   106 C C2     . DC  A 1 4  ? 3.585   -2.855  2.073   1.00 0.00 ? 4   DC  A C2     1 
ATOM   107 O O2     . DC  A 1 4  ? 2.881   -2.537  3.018   1.00 0.00 ? 4   DC  A O2     1 
ATOM   108 N N3     . DC  A 1 4  ? 4.319   -1.794  1.424   1.00 0.00 ? 4   DC  A N3     1 
ATOM   109 C C4     . DC  A 1 4  ? 5.073   -2.009  0.422   1.00 0.00 ? 4   DC  A C4     1 
ATOM   110 N N4     . DC  A 1 4  ? 5.733   -1.061  -0.185  1.00 0.00 ? 4   DC  A N4     1 
ATOM   111 C C5     . DC  A 1 4  ? 5.169   -3.407  -0.044  1.00 0.00 ? 4   DC  A C5     1 
ATOM   112 C C6     . DC  A 1 4  ? 4.494   -4.389  0.569   1.00 0.00 ? 4   DC  A C6     1 
ATOM   113 H "H5'"  . DC  A 1 4  ? 3.247   -9.431  1.205   1.00 0.00 ? 4   DC  A "H5'"  1 
ATOM   114 H "H5''" . DC  A 1 4  ? 3.772   -7.934  0.367   1.00 0.00 ? 4   DC  A "H5''" 1 
ATOM   115 H "H4'"  . DC  A 1 4  ? 3.032   -8.061  3.355   1.00 0.00 ? 4   DC  A "H4'"  1 
ATOM   116 H "H3'"  . DC  A 1 4  ? 1.134   -7.820  1.198   1.00 0.00 ? 4   DC  A "H3'"  1 
ATOM   117 H "H2'"  . DC  A 1 4  ? 2.116   -5.793  0.335   1.00 0.00 ? 4   DC  A "H2'"  1 
ATOM   118 H "H2''" . DC  A 1 4  ? 0.895   -5.111  1.457   1.00 0.00 ? 4   DC  A "H2''" 1 
ATOM   119 H "H1'"  . DC  A 1 4  ? 2.565   -4.964  3.268   1.00 0.00 ? 4   DC  A "H1'"  1 
ATOM   120 H H41    . DC  A 1 4  ? 5.669   -0.091  0.149   1.00 0.00 ? 4   DC  A H41    1 
ATOM   121 H H42    . DC  A 1 4  ? 6.317   -1.269  -1.008  1.00 0.00 ? 4   DC  A H42    1 
ATOM   122 H H5     . DC  A 1 4  ? 5.802   -3.627  -0.902  1.00 0.00 ? 4   DC  A H5     1 
ATOM   123 H H6     . DC  A 1 4  ? 4.604   -5.407  0.190   1.00 0.00 ? 4   DC  A H6     1 
ATOM   124 P P      . DT  A 1 5  ? 0.168   -8.445  3.786   1.00 0.00 ? 5   DT  A P      1 
ATOM   125 O OP1    . DT  A 1 5  ? 0.284   -8.384  5.270   1.00 0.00 ? 5   DT  A OP1    1 
ATOM   126 O OP2    . DT  A 1 5  ? 0.905   -9.642  3.290   1.00 0.00 ? 5   DT  A OP2    1 
ATOM   127 O "O5'"  . DT  A 1 5  ? -1.363  -8.558  3.336   1.00 0.00 ? 5   DT  A "O5'"  1 
ATOM   128 C "C5'"  . DT  A 1 5  ? -2.513  -8.056  4.029   1.00 0.00 ? 5   DT  A "C5'"  1 
ATOM   129 C "C4'"  . DT  A 1 5  ? -2.282  -6.601  4.513   1.00 0.00 ? 5   DT  A "C4'"  1 
ATOM   130 O "O4'"  . DT  A 1 5  ? -1.644  -5.799  3.511   1.00 0.00 ? 5   DT  A "O4'"  1 
ATOM   131 C "C3'"  . DT  A 1 5  ? -3.576  -5.816  4.861   1.00 0.00 ? 5   DT  A "C3'"  1 
ATOM   132 O "O3'"  . DT  A 1 5  ? -3.720  -5.725  6.288   1.00 0.00 ? 5   DT  A "O3'"  1 
ATOM   133 C "C2'"  . DT  A 1 5  ? -3.348  -4.439  4.184   1.00 0.00 ? 5   DT  A "C2'"  1 
ATOM   134 C "C1'"  . DT  A 1 5  ? -1.836  -4.431  3.895   1.00 0.00 ? 5   DT  A "C1'"  1 
ATOM   135 N N1     . DT  A 1 5  ? -1.457  -3.458  2.871   1.00 0.00 ? 5   DT  A N1     1 
ATOM   136 C C2     . DT  A 1 5  ? -1.113  -2.203  3.257   1.00 0.00 ? 5   DT  A C2     1 
ATOM   137 O O2     . DT  A 1 5  ? -1.176  -1.860  4.427   1.00 0.00 ? 5   DT  A O2     1 
ATOM   138 N N3     . DT  A 1 5  ? -0.691  -1.324  2.326   1.00 0.00 ? 5   DT  A N3     1 
ATOM   139 C C4     . DT  A 1 5  ? -0.619  -1.649  1.023   1.00 0.00 ? 5   DT  A C4     1 
ATOM   140 O O4     . DT  A 1 5  ? -0.190  -0.869  0.189   1.00 0.00 ? 5   DT  A O4     1 
ATOM   141 C C5     . DT  A 1 5  ? -1.077  -2.986  0.606   1.00 0.00 ? 5   DT  A C5     1 
ATOM   142 C C7     . DT  A 1 5  ? -1.103  -3.399  -0.846  1.00 0.00 ? 5   DT  A C7     1 
ATOM   143 C C6     . DT  A 1 5  ? -1.473  -3.828  1.567   1.00 0.00 ? 5   DT  A C6     1 
ATOM   144 H "H5'"  . DT  A 1 5  ? -2.744  -8.701  4.890   1.00 0.00 ? 5   DT  A "H5'"  1 
ATOM   145 H "H5''" . DT  A 1 5  ? -3.345  -8.108  3.311   1.00 0.00 ? 5   DT  A "H5''" 1 
ATOM   146 H "H4'"  . DT  A 1 5  ? -1.614  -6.615  5.390   1.00 0.00 ? 5   DT  A "H4'"  1 
ATOM   147 H "H3'"  . DT  A 1 5  ? -4.478  -6.300  4.453   1.00 0.00 ? 5   DT  A "H3'"  1 
ATOM   148 H "H2'"  . DT  A 1 5  ? -3.875  -4.403  3.216   1.00 0.00 ? 5   DT  A "H2'"  1 
ATOM   149 H "H2''" . DT  A 1 5  ? -3.653  -3.576  4.788   1.00 0.00 ? 5   DT  A "H2''" 1 
ATOM   150 H "H1'"  . DT  A 1 5  ? -1.261  -4.264  4.823   1.00 0.00 ? 5   DT  A "H1'"  1 
ATOM   151 H H3     . DT  A 1 5  ? -0.412  -0.408  2.611   1.00 0.00 ? 5   DT  A H3     1 
ATOM   152 H H71    . DT  A 1 5  ? -0.896  -2.554  -1.522  1.00 0.00 ? 5   DT  A H71    1 
ATOM   153 H H72    . DT  A 1 5  ? -0.344  -4.176  -1.016  1.00 0.00 ? 5   DT  A H72    1 
ATOM   154 H H73    . DT  A 1 5  ? -2.093  -3.806  -1.102  1.00 0.00 ? 5   DT  A H73    1 
ATOM   155 H H6     . DT  A 1 5  ? -1.807  -4.824  1.270   1.00 0.00 ? 5   DT  A H6     1 
ATOM   156 P P      . DA  A 1 6  ? -4.973  -5.081  7.052   1.00 0.00 ? 6   DA  A P      1 
ATOM   157 O OP1    . DA  A 1 6  ? -4.884  -5.402  8.504   1.00 0.00 ? 6   DA  A OP1    1 
ATOM   158 O OP2    . DA  A 1 6  ? -6.232  -5.651  6.499   1.00 0.00 ? 6   DA  A OP2    1 
ATOM   159 O "O5'"  . DA  A 1 6  ? -4.990  -3.492  6.861   1.00 0.00 ? 6   DA  A "O5'"  1 
ATOM   160 C "C5'"  . DA  A 1 6  ? -4.123  -2.602  7.573   1.00 0.00 ? 6   DA  A "C5'"  1 
ATOM   161 C "C4'"  . DA  A 1 6  ? -4.280  -1.179  6.993   1.00 0.00 ? 6   DA  A "C4'"  1 
ATOM   162 O "O4'"  . DA  A 1 6  ? -3.823  -1.189  5.634   1.00 0.00 ? 6   DA  A "O4'"  1 
ATOM   163 C "C3'"  . DA  A 1 6  ? -5.745  -0.670  6.946   1.00 0.00 ? 6   DA  A "C3'"  1 
ATOM   164 O "O3'"  . DA  A 1 6  ? -5.848  0.519   7.747   1.00 0.00 ? 6   DA  A "O3'"  1 
ATOM   165 C "C2'"  . DA  A 1 6  ? -5.978  -0.410  5.437   1.00 0.00 ? 6   DA  A "C2'"  1 
ATOM   166 C "C1'"  . DA  A 1 6  ? -4.544  -0.194  4.903   1.00 0.00 ? 6   DA  A "C1'"  1 
ATOM   167 N N9     . DA  A 1 6  ? -4.324  -0.441  3.480   1.00 0.00 ? 6   DA  A N9     1 
ATOM   168 C C8     . DA  A 1 6  ? -4.757  -1.457  2.778   1.00 0.00 ? 6   DA  A C8     1 
ATOM   169 N N7     . DA  A 1 6  ? -4.351  -1.400  1.579   1.00 0.00 ? 6   DA  A N7     1 
ATOM   170 C C5     . DA  A 1 6  ? -3.592  -0.313  1.409   1.00 0.00 ? 6   DA  A C5     1 
ATOM   171 C C6     . DA  A 1 6  ? -2.903  0.175   0.302   1.00 0.00 ? 6   DA  A C6     1 
ATOM   172 N N6     . DA  A 1 6  ? -2.891  -0.479  -0.880  1.00 0.00 ? 6   DA  A N6     1 
ATOM   173 N N1     . DA  A 1 6  ? -2.239  1.336   0.499   1.00 0.00 ? 6   DA  A N1     1 
ATOM   174 C C2     . DA  A 1 6  ? -2.209  1.942   1.712   1.00 0.00 ? 6   DA  A C2     1 
ATOM   175 N N3     . DA  A 1 6  ? -2.887  1.466   2.784   1.00 0.00 ? 6   DA  A N3     1 
ATOM   176 C C4     . DA  A 1 6  ? -3.579  0.321   2.642   1.00 0.00 ? 6   DA  A C4     1 
ATOM   177 H "H5'"  . DA  A 1 6  ? -3.081  -2.934  7.447   1.00 0.00 ? 6   DA  A "H5'"  1 
ATOM   178 H "H5''" . DA  A 1 6  ? -4.381  -2.615  8.644   1.00 0.00 ? 6   DA  A "H5''" 1 
ATOM   179 H "H4'"  . DA  A 1 6  ? -3.667  -0.471  7.568   1.00 0.00 ? 6   DA  A "H4'"  1 
ATOM   180 H "H3'"  . DA  A 1 6  ? -6.464  -1.404  7.349   1.00 0.00 ? 6   DA  A "H3'"  1 
ATOM   181 H "H2'"  . DA  A 1 6  ? -6.416  -1.316  4.994   1.00 0.00 ? 6   DA  A "H2'"  1 
ATOM   182 H "H2''" . DA  A 1 6  ? -6.643  0.436   5.228   1.00 0.00 ? 6   DA  A "H2''" 1 
ATOM   183 H "H1'"  . DA  A 1 6  ? -4.195  0.812   5.187   1.00 0.00 ? 6   DA  A "H1'"  1 
ATOM   184 H H8     . DA  A 1 6  ? -5.378  -2.278  3.132   1.00 0.00 ? 6   DA  A H8     1 
ATOM   185 H H61    . DA  A 1 6  ? -3.380  -1.380  -0.978  1.00 0.00 ? 6   DA  A H61    1 
ATOM   186 H H62    . DA  A 1 6  ? -2.377  -0.087  -1.684  1.00 0.00 ? 6   DA  A H62    1 
ATOM   187 H H2     . DA  A 1 6  ? -1.620  2.839   1.825   1.00 0.00 ? 6   DA  A H2     1 
ATOM   188 P P      . DG  A 1 7  ? -7.169  1.391   7.986   1.00 0.00 ? 7   DG  A P      1 
ATOM   189 O OP1    . DG  A 1 7  ? -6.986  2.260   9.182   1.00 0.00 ? 7   DG  A OP1    1 
ATOM   190 O OP2    . DG  A 1 7  ? -8.338  0.491   8.194   1.00 0.00 ? 7   DG  A OP2    1 
ATOM   191 O "O5'"  . DG  A 1 7  ? -7.409  2.302   6.696   1.00 0.00 ? 7   DG  A "O5'"  1 
ATOM   192 C "C5'"  . DG  A 1 7  ? -6.591  3.437   6.392   1.00 0.00 ? 7   DG  A "C5'"  1 
ATOM   193 C "C4'"  . DG  A 1 7  ? -6.843  3.850   4.927   1.00 0.00 ? 7   DG  A "C4'"  1 
ATOM   194 O "O4'"  . DG  A 1 7  ? -6.489  2.762   4.064   1.00 0.00 ? 7   DG  A "O4'"  1 
ATOM   195 C "C3'"  . DG  A 1 7  ? -8.323  4.151   4.589   1.00 0.00 ? 7   DG  A "C3'"  1 
ATOM   196 O "O3'"  . DG  A 1 7  ? -8.520  5.574   4.570   1.00 0.00 ? 7   DG  A "O3'"  1 
ATOM   197 C "C2'"  . DG  A 1 7  ? -8.518  3.459   3.214   1.00 0.00 ? 7   DG  A "C2'"  1 
ATOM   198 C "C1'"  . DG  A 1 7  ? -7.098  3.001   2.793   1.00 0.00 ? 7   DG  A "C1'"  1 
ATOM   199 N N9     . DG  A 1 7  ? -7.058  1.772   2.007   1.00 0.00 ? 7   DG  A N9     1 
ATOM   200 C C8     . DG  A 1 7  ? -7.610  0.637   2.336   1.00 0.00 ? 7   DG  A C8     1 
ATOM   201 N N7     . DG  A 1 7  ? -7.385  -0.231  1.451   1.00 0.00 ? 7   DG  A N7     1 
ATOM   202 C C5     . DG  A 1 7  ? -6.594  0.355   0.408   1.00 0.00 ? 7   DG  A C5     1 
ATOM   203 C C6     . DG  A 1 7  ? -5.998  -0.065  -0.858  1.00 0.00 ? 7   DG  A C6     1 
ATOM   204 O O6     . DG  A 1 7  ? -6.135  -1.211  -1.255  1.00 0.00 ? 7   DG  A O6     1 
ATOM   205 N N1     . DG  A 1 7  ? -5.308  0.900   -1.518  1.00 0.00 ? 7   DG  A N1     1 
ATOM   206 C C2     . DG  A 1 7  ? -5.152  2.173   -1.040  1.00 0.00 ? 7   DG  A C2     1 
ATOM   207 N N2     . DG  A 1 7  ? -4.454  3.016   -1.755  1.00 0.00 ? 7   DG  A N2     1 
ATOM   208 N N3     . DG  A 1 7  ? -5.677  2.531   0.070   1.00 0.00 ? 7   DG  A N3     1 
ATOM   209 C C4     . DG  A 1 7  ? -6.446  1.600   0.857   1.00 0.00 ? 7   DG  A C4     1 
ATOM   210 H "H5'"  . DG  A 1 7  ? -5.535  3.151   6.493   1.00 0.00 ? 7   DG  A "H5'"  1 
ATOM   211 H "H5''" . DG  A 1 7  ? -6.814  4.262   7.085   1.00 0.00 ? 7   DG  A "H5''" 1 
ATOM   212 H "H4'"  . DG  A 1 7  ? -6.230  4.724   4.661   1.00 0.00 ? 7   DG  A "H4'"  1 
ATOM   213 H "H3'"  . DG  A 1 7  ? -9.019  3.726   5.333   1.00 0.00 ? 7   DG  A "H3'"  1 
ATOM   214 H "H2'"  . DG  A 1 7  ? -9.181  2.589   3.335   1.00 0.00 ? 7   DG  A "H2'"  1 
ATOM   215 H "H2''" . DG  A 1 7  ? -8.970  4.116   2.467   1.00 0.00 ? 7   DG  A "H2''" 1 
ATOM   216 H "H1'"  . DG  A 1 7  ? -6.566  3.824   2.284   1.00 0.00 ? 7   DG  A "H1'"  1 
ATOM   217 H H8     . DG  A 1 7  ? -8.186  0.424   3.234   1.00 0.00 ? 7   DG  A H8     1 
ATOM   218 H H1     . DG  A 1 7  ? -4.907  0.630   -2.393  1.00 0.00 ? 7   DG  A H1     1 
ATOM   219 H H21    . DG  A 1 7  ? -4.029  2.735   -2.652  1.00 0.00 ? 7   DG  A H21    1 
ATOM   220 H H22    . DG  A 1 7  ? -4.322  3.983   -1.430  1.00 0.00 ? 7   DG  A H22    1 
ATOM   221 P P      . DT  A 1 8  ? -9.801  6.369   4.030   1.00 0.00 ? 8   DT  A P      1 
ATOM   222 O OP1    . DT  A 1 8  ? -9.851  7.725   4.645   1.00 0.00 ? 8   DT  A OP1    1 
ATOM   223 O OP2    . DT  A 1 8  ? -11.047 5.615   4.343   1.00 0.00 ? 8   DT  A OP2    1 
ATOM   224 O "O5'"  . DT  A 1 8  ? -9.612  6.503   2.447   1.00 0.00 ? 8   DT  A "O5'"  1 
ATOM   225 C "C5'"  . DT  A 1 8  ? -8.493  7.207   1.896   1.00 0.00 ? 8   DT  A "C5'"  1 
ATOM   226 C "C4'"  . DT  A 1 8  ? -8.235  6.722   0.455   1.00 0.00 ? 8   DT  A "C4'"  1 
ATOM   227 O "O4'"  . DT  A 1 8  ? -8.125  5.296   0.446   1.00 0.00 ? 8   DT  A "O4'"  1 
ATOM   228 C "C3'"  . DT  A 1 8  ? -9.390  6.935   -0.538  1.00 0.00 ? 8   DT  A "C3'"  1 
ATOM   229 O "O3'"  . DT  A 1 8  ? -9.428  8.295   -0.989  1.00 0.00 ? 8   DT  A "O3'"  1 
ATOM   230 C "C2'"  . DT  A 1 8  ? -9.031  5.918   -1.650  1.00 0.00 ? 8   DT  A "C2'"  1 
ATOM   231 C "C1'"  . DT  A 1 8  ? -8.165  4.861   -0.917  1.00 0.00 ? 8   DT  A "C1'"  1 
ATOM   232 N N1     . DT  A 1 8  ? -8.669  3.490   -1.019  1.00 0.00 ? 8   DT  A N1     1 
ATOM   233 C C2     . DT  A 1 8  ? -8.104  2.635   -1.909  1.00 0.00 ? 8   DT  A C2     1 
ATOM   234 O O2     . DT  A 1 8  ? -7.232  3.000   -2.682  1.00 0.00 ? 8   DT  A O2     1 
ATOM   235 N N3     . DT  A 1 8  ? -8.517  1.350   -1.928  1.00 0.00 ? 8   DT  A N3     1 
ATOM   236 C C4     . DT  A 1 8  ? -9.484  0.892   -1.113  1.00 0.00 ? 8   DT  A C4     1 
ATOM   237 O O4     . DT  A 1 8  ? -9.837  -0.277  -1.114  1.00 0.00 ? 8   DT  A O4     1 
ATOM   238 C C5     . DT  A 1 8  ? -10.134 1.849   -0.204  1.00 0.00 ? 8   DT  A C5     1 
ATOM   239 C C7     . DT  A 1 8  ? -11.250 1.397   0.706   1.00 0.00 ? 8   DT  A C7     1 
ATOM   240 C C6     . DT  A 1 8  ? -9.692  3.112   -0.216  1.00 0.00 ? 8   DT  A C6     1 
ATOM   241 H "H5'"  . DT  A 1 8  ? -7.587  6.956   2.471   1.00 0.00 ? 8   DT  A "H5'"  1 
ATOM   242 H "H5''" . DT  A 1 8  ? -8.661  8.294   1.940   1.00 0.00 ? 8   DT  A "H5''" 1 
ATOM   243 H "H4'"  . DT  A 1 8  ? -7.327  7.196   0.055   1.00 0.00 ? 8   DT  A "H4'"  1 
ATOM   244 H "H3'"  . DT  A 1 8  ? -10.345 6.657   -0.063  1.00 0.00 ? 8   DT  A "H3'"  1 
ATOM   245 H "H2'"  . DT  A 1 8  ? -9.931  5.477   -2.104  1.00 0.00 ? 8   DT  A "H2'"  1 
ATOM   246 H "H2''" . DT  A 1 8  ? -8.431  6.400   -2.440  1.00 0.00 ? 8   DT  A "H2''" 1 
ATOM   247 H "H1'"  . DT  A 1 8  ? -7.111  4.930   -1.216  1.00 0.00 ? 8   DT  A "H1'"  1 
ATOM   248 H H3     . DT  A 1 8  ? -8.084  0.713   -2.563  1.00 0.00 ? 8   DT  A H3     1 
ATOM   249 H H71    . DT  A 1 8  ? -11.037 0.391   1.096   1.00 0.00 ? 8   DT  A H71    1 
ATOM   250 H H72    . DT  A 1 8  ? -11.381 2.071   1.565   1.00 0.00 ? 8   DT  A H72    1 
ATOM   251 H H73    . DT  A 1 8  ? -12.189 1.365   0.134   1.00 0.00 ? 8   DT  A H73    1 
ATOM   252 H H6     . DT  A 1 8  ? -10.171 3.843   0.436   1.00 0.00 ? 8   DT  A H6     1 
ATOM   253 P P      . DC  A 1 9  ? -10.449 8.803   -2.110  1.00 0.00 ? 9   DC  A P      1 
ATOM   254 O OP1    . DC  A 1 9  ? -10.312 10.274  -2.294  1.00 0.00 ? 9   DC  A OP1    1 
ATOM   255 O OP2    . DC  A 1 9  ? -11.842 8.473   -1.697  1.00 0.00 ? 9   DC  A OP2    1 
ATOM   256 O "O5'"  . DC  A 1 9  ? -10.099 8.058   -3.481  1.00 0.00 ? 9   DC  A "O5'"  1 
ATOM   257 C "C5'"  . DC  A 1 9  ? -10.917 8.093   -4.654  1.00 0.00 ? 9   DC  A "C5'"  1 
ATOM   258 C "C4'"  . DC  A 1 9  ? -10.251 7.217   -5.739  1.00 0.00 ? 9   DC  A "C4'"  1 
ATOM   259 O "O4'"  . DC  A 1 9  ? -10.029 5.920   -5.162  1.00 0.00 ? 9   DC  A "O4'"  1 
ATOM   260 C "C3'"  . DC  A 1 9  ? -11.181 6.998   -6.960  1.00 0.00 ? 9   DC  A "C3'"  1 
ATOM   261 O "O3'"  . DC  A 1 9  ? -10.419 7.169   -8.166  1.00 0.00 ? 9   DC  A "O3'"  1 
ATOM   262 C "C2'"  . DC  A 1 9  ? -11.654 5.541   -6.773  1.00 0.00 ? 9   DC  A "C2'"  1 
ATOM   263 C "C1'"  . DC  A 1 9  ? -10.426 4.903   -6.094  1.00 0.00 ? 9   DC  A "C1'"  1 
ATOM   264 N N1     . DC  A 1 9  ? -10.736 3.671   -5.364  1.00 0.00 ? 9   DC  A N1     1 
ATOM   265 C C2     . DC  A 1 9  ? -10.422 2.457   -5.868  1.00 0.00 ? 9   DC  A C2     1 
ATOM   266 O O2     . DC  A 1 9  ? -9.878  2.304   -6.949  1.00 0.00 ? 9   DC  A O2     1 
ATOM   267 N N3     . DC  A 1 9  ? -10.731 1.256   -5.127  1.00 0.00 ? 9   DC  A N3     1 
ATOM   268 C C4     . DC  A 1 9  ? -11.304 1.293   -3.993  1.00 0.00 ? 9   DC  A C4     1 
ATOM   269 N N4     . DC  A 1 9  ? -11.593 0.217   -3.315  1.00 0.00 ? 9   DC  A N4     1 
ATOM   270 C C5     . DC  A 1 9  ? -11.648 2.632   -3.465  1.00 0.00 ? 9   DC  A C5     1 
ATOM   271 C C6     . DC  A 1 9  ? -11.362 3.740   -4.162  1.00 0.00 ? 9   DC  A C6     1 
ATOM   272 H "H5'"  . DC  A 1 9  ? -11.028 9.131   -5.005  1.00 0.00 ? 9   DC  A "H5'"  1 
ATOM   273 H "H5''" . DC  A 1 9  ? -11.907 7.686   -4.400  1.00 0.00 ? 9   DC  A "H5''" 1 
ATOM   274 H "H4'"  . DC  A 1 9  ? -9.285  7.653   -6.040  1.00 0.00 ? 9   DC  A "H4'"  1 
ATOM   275 H "H3'"  . DC  A 1 9  ? -12.024 7.708   -6.991  1.00 0.00 ? 9   DC  A "H3'"  1 
ATOM   276 H "H2'"  . DC  A 1 9  ? -12.510 5.513   -6.078  1.00 0.00 ? 9   DC  A "H2'"  1 
ATOM   277 H "H2''" . DC  A 1 9  ? -11.937 5.047   -7.712  1.00 0.00 ? 9   DC  A "H2''" 1 
ATOM   278 H "H1'"  . DC  A 1 9  ? -9.620  4.774   -6.837  1.00 0.00 ? 9   DC  A "H1'"  1 
ATOM   279 H H41    . DC  A 1 9  ? -11.355 -0.710  -3.692  1.00 0.00 ? 9   DC  A H41    1 
ATOM   280 H H42    . DC  A 1 9  ? -12.061 0.279   -2.399  1.00 0.00 ? 9   DC  A H42    1 
ATOM   281 H H5     . DC  A 1 9  ? -12.142 2.720   -2.497  1.00 0.00 ? 9   DC  A H5     1 
ATOM   282 H H6     . DC  A 1 9  ? -11.650 4.701   -3.735  1.00 0.00 ? 9   DC  A H6     1 
ATOM   283 P P      . DG  A 1 10 ? -11.018 7.042   -9.645  1.00 0.00 ? 10  DG  A P      1 
ATOM   284 O OP1    . DG  A 1 10 ? -10.162 7.808   -10.594 1.00 0.00 ? 10  DG  A OP1    1 
ATOM   285 O OP2    . DG  A 1 10 ? -12.401 7.596   -9.676  1.00 0.00 ? 10  DG  A OP2    1 
ATOM   286 O "O5'"  . DG  A 1 10 ? -11.051 5.503   -10.077 1.00 0.00 ? 10  DG  A "O5'"  1 
ATOM   287 C "C5'"  . DG  A 1 10 ? -9.889  4.793   -10.516 1.00 0.00 ? 10  DG  A "C5'"  1 
ATOM   288 C "C4'"  . DG  A 1 10 ? -10.265 3.316   -10.764 1.00 0.00 ? 10  DG  A "C4'"  1 
ATOM   289 O "O4'"  . DG  A 1 10 ? -10.650 2.701   -9.527  1.00 0.00 ? 10  DG  A "O4'"  1 
ATOM   290 C "C3'"  . DG  A 1 10 ? -11.496 3.128   -11.698 1.00 0.00 ? 10  DG  A "C3'"  1 
ATOM   291 O "O3'"  . DG  A 1 10 ? -11.139 2.389   -12.880 1.00 0.00 ? 10  DG  A "O3'"  1 
ATOM   292 C "C2'"  . DG  A 1 10 ? -12.465 2.276   -10.841 1.00 0.00 ? 10  DG  A "C2'"  1 
ATOM   293 C "C1'"  . DG  A 1 10 ? -11.498 1.597   -9.853  1.00 0.00 ? 10  DG  A "C1'"  1 
ATOM   294 N N9     . DG  A 1 10 ? -12.137 1.046   -8.667  1.00 0.00 ? 10  DG  A N9     1 
ATOM   295 C C8     . DG  A 1 10 ? -12.733 1.715   -7.722  1.00 0.00 ? 10  DG  A C8     1 
ATOM   296 N N7     . DG  A 1 10 ? -13.148 0.925   -6.829  1.00 0.00 ? 10  DG  A N7     1 
ATOM   297 C C5     . DG  A 1 10 ? -12.804 -0.420  -7.192  1.00 0.00 ? 10  DG  A C5     1 
ATOM   298 C C6     . DG  A 1 10 ? -12.955 -1.772  -6.654  1.00 0.00 ? 10  DG  A C6     1 
ATOM   299 O O6     . DG  A 1 10 ? -13.519 -1.949  -5.587  1.00 0.00 ? 10  DG  A O6     1 
ATOM   300 N N1     . DG  A 1 10 ? -12.431 -2.765  -7.421  1.00 0.00 ? 10  DG  A N1     1 
ATOM   301 C C2     . DG  A 1 10 ? -11.791 -2.541  -8.612  1.00 0.00 ? 10  DG  A C2     1 
ATOM   302 N N2     . DG  A 1 10 ? -11.308 -3.561  -9.270  1.00 0.00 ? 10  DG  A N2     1 
ATOM   303 N N3     . DG  A 1 10 ? -11.664 -1.358  -9.072  1.00 0.00 ? 10  DG  A N3     1 
ATOM   304 C C4     . DG  A 1 10 ? -12.183 -0.225  -8.351  1.00 0.00 ? 10  DG  A C4     1 
ATOM   305 H "H5'"  . DG  A 1 10 ? -9.106  4.851   -9.743  1.00 0.00 ? 10  DG  A "H5'"  1 
ATOM   306 H "H5''" . DG  A 1 10 ? -9.513  5.246   -11.447 1.00 0.00 ? 10  DG  A "H5''" 1 
ATOM   307 H "H4'"  . DG  A 1 10 ? -9.393  2.763   -11.155 1.00 0.00 ? 10  DG  A "H4'"  1 
ATOM   308 H "H3'"  . DG  A 1 10 ? -11.978 4.076   -11.993 1.00 0.00 ? 10  DG  A "H3'"  1 
ATOM   309 H "HO3'" . DG  A 1 10 ? -10.525 2.863   -13.430 1.00 0.00 ? 10  DG  A "HO3'" 1 
ATOM   310 H "H2'"  . DG  A 1 10 ? -13.148 2.933   -10.278 1.00 0.00 ? 10  DG  A "H2'"  1 
ATOM   311 H "H2''" . DG  A 1 10 ? -13.059 1.558   -11.429 1.00 0.00 ? 10  DG  A "H2''" 1 
ATOM   312 H "H1'"  . DG  A 1 10 ? -10.909 0.819   -10.371 1.00 0.00 ? 10  DG  A "H1'"  1 
ATOM   313 H H8     . DG  A 1 10 ? -12.863 2.794   -7.684  1.00 0.00 ? 10  DG  A H8     1 
ATOM   314 H H1     . DG  A 1 10 ? -12.533 -3.695  -7.071  1.00 0.00 ? 10  DG  A H1     1 
ATOM   315 H H21    . DG  A 1 10 ? -11.400 -4.523  -8.912  1.00 0.00 ? 10  DG  A H21    1 
ATOM   316 H H22    . DG  A 1 10 ? -10.820 -3.409  -10.165 1.00 0.00 ? 10  DG  A H22    1 
ATOM   317 O "O5'"  . DC  B 1 1  ? -12.566 -12.309 -5.527  1.00 0.00 ? 11  DC  B "O5'"  1 
ATOM   318 C "C5'"  . DC  B 1 1  ? -12.828 -12.281 -6.932  1.00 0.00 ? 11  DC  B "C5'"  1 
ATOM   319 C "C4'"  . DC  B 1 1  ? -12.343 -10.932 -7.513  1.00 0.00 ? 11  DC  B "C4'"  1 
ATOM   320 O "O4'"  . DC  B 1 1  ? -12.919 -9.828  -6.800  1.00 0.00 ? 11  DC  B "O4'"  1 
ATOM   321 C "C3'"  . DC  B 1 1  ? -10.818 -10.694 -7.361  1.00 0.00 ? 11  DC  B "C3'"  1 
ATOM   322 O "O3'"  . DC  B 1 1  ? -10.125 -11.099 -8.552  1.00 0.00 ? 11  DC  B "O3'"  1 
ATOM   323 C "C2'"  . DC  B 1 1  ? -10.712 -9.174  -7.069  1.00 0.00 ? 11  DC  B "C2'"  1 
ATOM   324 C "C1'"  . DC  B 1 1  ? -12.166 -8.662  -7.161  1.00 0.00 ? 11  DC  B "C1'"  1 
ATOM   325 N N1     . DC  B 1 1  ? -12.363 -7.504  -6.292  1.00 0.00 ? 11  DC  B N1     1 
ATOM   326 C C2     . DC  B 1 1  ? -11.957 -6.284  -6.702  1.00 0.00 ? 11  DC  B C2     1 
ATOM   327 O O2     . DC  B 1 1  ? -11.447 -6.091  -7.794  1.00 0.00 ? 11  DC  B O2     1 
ATOM   328 N N3     . DC  B 1 1  ? -12.112 -5.136  -5.843  1.00 0.00 ? 11  DC  B N3     1 
ATOM   329 C C4     . DC  B 1 1  ? -12.618 -5.226  -4.680  1.00 0.00 ? 11  DC  B C4     1 
ATOM   330 N N4     . DC  B 1 1  ? -12.758 -4.193  -3.897  1.00 0.00 ? 11  DC  B N4     1 
ATOM   331 C C5     . DC  B 1 1  ? -13.045 -6.577  -4.250  1.00 0.00 ? 11  DC  B C5     1 
ATOM   332 C C6     . DC  B 1 1  ? -12.901 -7.642  -5.055  1.00 0.00 ? 11  DC  B C6     1 
ATOM   333 H "H5'"  . DC  B 1 1  ? -13.913 -12.377 -7.110  1.00 0.00 ? 11  DC  B "H5'"  1 
ATOM   334 H "H5''" . DC  B 1 1  ? -12.306 -13.107 -7.443  1.00 0.00 ? 11  DC  B "H5''" 1 
ATOM   335 H "H4'"  . DC  B 1 1  ? -12.625 -10.859 -8.578  1.00 0.00 ? 11  DC  B "H4'"  1 
ATOM   336 H "H3'"  . DC  B 1 1  ? -10.419 -11.273 -6.512  1.00 0.00 ? 11  DC  B "H3'"  1 
ATOM   337 H "H2'"  . DC  B 1 1  ? -10.340 -9.012  -6.044  1.00 0.00 ? 11  DC  B "H2'"  1 
ATOM   338 H "H2''" . DC  B 1 1  ? -10.065 -8.625  -7.767  1.00 0.00 ? 11  DC  B "H2''" 1 
ATOM   339 H "H1'"  . DC  B 1 1  ? -12.426 -8.410  -8.205  1.00 0.00 ? 11  DC  B "H1'"  1 
ATOM   340 H H41    . DC  B 1 1  ? -12.452 -3.260  -4.213  1.00 0.00 ? 11  DC  B H41    1 
ATOM   341 H H42    . DC  B 1 1  ? -13.172 -4.294  -2.959  1.00 0.00 ? 11  DC  B H42    1 
ATOM   342 H H5     . DC  B 1 1  ? -13.483 -6.712  -3.260  1.00 0.00 ? 11  DC  B H5     1 
ATOM   343 H H6     . DC  B 1 1  ? -13.225 -8.615  -4.685  1.00 0.00 ? 11  DC  B H6     1 
ATOM   344 H "HO5'" . DC  B 1 1  ? -12.848 -13.120 -5.118  1.00 0.00 ? 11  DC  B "HO5'" 1 
ATOM   345 P P      . DG  B 1 2  ? -8.539  -11.003 -8.763  1.00 0.00 ? 12  DG  B P      1 
ATOM   346 O OP1    . DG  B 1 2  ? -8.146  -11.837 -9.933  1.00 0.00 ? 12  DG  B OP1    1 
ATOM   347 O OP2    . DG  B 1 2  ? -7.843  -11.503 -7.544  1.00 0.00 ? 12  DG  B OP2    1 
ATOM   348 O "O5'"  . DG  B 1 2  ? -8.116  -9.483  -9.032  1.00 0.00 ? 12  DG  B "O5'"  1 
ATOM   349 C "C5'"  . DG  B 1 2  ? -8.418  -8.793  -10.252 1.00 0.00 ? 12  DG  B "C5'"  1 
ATOM   350 C "C4'"  . DG  B 1 2  ? -8.030  -7.301  -10.122 1.00 0.00 ? 12  DG  B "C4'"  1 
ATOM   351 O "O4'"  . DG  B 1 2  ? -8.769  -6.680  -9.065  1.00 0.00 ? 12  DG  B "O4'"  1 
ATOM   352 C "C3'"  . DG  B 1 2  ? -6.546  -7.056  -9.733  1.00 0.00 ? 12  DG  B "C3'"  1 
ATOM   353 O "O3'"  . DG  B 1 2  ? -5.743  -6.628  -10.846 1.00 0.00 ? 12  DG  B "O3'"  1 
ATOM   354 C "C2'"  . DG  B 1 2  ? -6.622  -6.000  -8.599  1.00 0.00 ? 12  DG  B "C2'"  1 
ATOM   355 C "C1'"  . DG  B 1 2  ? -8.071  -5.483  -8.699  1.00 0.00 ? 12  DG  B "C1'"  1 
ATOM   356 N N9     . DG  B 1 2  ? -8.613  -4.976  -7.447  1.00 0.00 ? 12  DG  B N9     1 
ATOM   357 C C8     . DG  B 1 2  ? -8.910  -5.692  -6.399  1.00 0.00 ? 12  DG  B C8     1 
ATOM   358 N N7     . DG  B 1 2  ? -9.412  -4.960  -5.504  1.00 0.00 ? 12  DG  B N7     1 
ATOM   359 C C5     . DG  B 1 2  ? -9.478  -3.608  -5.983  1.00 0.00 ? 12  DG  B C5     1 
ATOM   360 C C6     . DG  B 1 2  ? -9.948  -2.308  -5.512  1.00 0.00 ? 12  DG  B C6     1 
ATOM   361 O O6     . DG  B 1 2  ? -10.476 -2.213  -4.415  1.00 0.00 ? 12  DG  B O6     1 
ATOM   362 N N1     . DG  B 1 2  ? -9.759  -1.271  -6.369  1.00 0.00 ? 12  DG  B N1     1 
ATOM   363 C C2     . DG  B 1 2  ? -9.183  -1.417  -7.603  1.00 0.00 ? 12  DG  B C2     1 
ATOM   364 N N2     . DG  B 1 2  ? -9.041  -0.357  -8.354  1.00 0.00 ? 12  DG  B N2     1 
ATOM   365 N N3     . DG  B 1 2  ? -8.799  -2.561  -8.020  1.00 0.00 ? 12  DG  B N3     1 
ATOM   366 C C4     . DG  B 1 2  ? -8.939  -3.733  -7.193  1.00 0.00 ? 12  DG  B C4     1 
ATOM   367 H "H5'"  . DG  B 1 2  ? -9.499  -8.867  -10.453 1.00 0.00 ? 12  DG  B "H5'"  1 
ATOM   368 H "H5''" . DG  B 1 2  ? -7.865  -9.259  -11.083 1.00 0.00 ? 12  DG  B "H5''" 1 
ATOM   369 H "H4'"  . DG  B 1 2  ? -8.288  -6.782  -11.056 1.00 0.00 ? 12  DG  B "H4'"  1 
ATOM   370 H "H3'"  . DG  B 1 2  ? -6.074  -7.977  -9.356  1.00 0.00 ? 12  DG  B "H3'"  1 
ATOM   371 H "H2'"  . DG  B 1 2  ? -6.491  -6.487  -7.619  1.00 0.00 ? 12  DG  B "H2'"  1 
ATOM   372 H "H2''" . DG  B 1 2  ? -5.879  -5.195  -8.691  1.00 0.00 ? 12  DG  B "H2''" 1 
ATOM   373 H "H1'"  . DG  B 1 2  ? -8.165  -4.737  -9.508  1.00 0.00 ? 12  DG  B "H1'"  1 
ATOM   374 H H8     . DG  B 1 2  ? -8.763  -6.766  -6.295  1.00 0.00 ? 12  DG  B H8     1 
ATOM   375 H H1     . DG  B 1 2  ? -10.071 -0.373  -6.058  1.00 0.00 ? 12  DG  B H1     1 
ATOM   376 H H21    . DG  B 1 2  ? -9.346  0.574   -8.032  1.00 0.00 ? 12  DG  B H21    1 
ATOM   377 H H22    . DG  B 1 2  ? -8.620  -0.448  -9.292  1.00 0.00 ? 12  DG  B H22    1 
ATOM   378 P P      . DA  B 1 3  ? -5.791  -5.316  -11.767 1.00 0.00 ? 13  DA  B P      1 
ATOM   379 O OP1    . DA  B 1 3  ? -7.119  -5.138  -12.419 1.00 0.00 ? 13  DA  B OP1    1 
ATOM   380 O OP2    . DA  B 1 3  ? -4.758  -5.453  -12.831 1.00 0.00 ? 13  DA  B OP2    1 
ATOM   381 O "O5'"  . DA  B 1 3  ? -5.448  -4.015  -10.902 1.00 0.00 ? 13  DA  B "O5'"  1 
ATOM   382 C "C5'"  . DA  B 1 3  ? -5.562  -2.683  -11.417 1.00 0.00 ? 13  DA  B "C5'"  1 
ATOM   383 C "C4'"  . DA  B 1 3  ? -5.032  -1.693  -10.356 1.00 0.00 ? 13  DA  B "C4'"  1 
ATOM   384 O "O4'"  . DA  B 1 3  ? -5.790  -1.853  -9.146  1.00 0.00 ? 13  DA  B "O4'"  1 
ATOM   385 C "C3'"  . DA  B 1 3  ? -3.555  -1.981  -9.962  1.00 0.00 ? 13  DA  B "C3'"  1 
ATOM   386 O "O3'"  . DA  B 1 3  ? -2.774  -0.777  -9.916  1.00 0.00 ? 13  DA  B "O3'"  1 
ATOM   387 C "C2'"  . DA  B 1 3  ? -3.688  -2.521  -8.524  1.00 0.00 ? 13  DA  B "C2'"  1 
ATOM   388 C "C1'"  . DA  B 1 3  ? -4.896  -1.694  -8.039  1.00 0.00 ? 13  DA  B "C1'"  1 
ATOM   389 N N9     . DA  B 1 3  ? -5.558  -2.106  -6.812  1.00 0.00 ? 13  DA  B N9     1 
ATOM   390 C C8     . DA  B 1 3  ? -5.516  -3.269  -6.211  1.00 0.00 ? 13  DA  B C8     1 
ATOM   391 N N7     . DA  B 1 3  ? -6.215  -3.265  -5.153  1.00 0.00 ? 13  DA  B N7     1 
ATOM   392 C C5     . DA  B 1 3  ? -6.767  -2.059  -4.978  1.00 0.00 ? 13  DA  B C5     1 
ATOM   393 C C6     . DA  B 1 3  ? -7.601  -1.547  -3.990  1.00 0.00 ? 13  DA  B C6     1 
ATOM   394 N N6     . DA  B 1 3  ? -8.033  -2.299  -2.953  1.00 0.00 ? 13  DA  B N6     1 
ATOM   395 N N1     . DA  B 1 3  ? -7.949  -0.249  -4.149  1.00 0.00 ? 13  DA  B N1     1 
ATOM   396 C C2     . DA  B 1 3  ? -7.504  0.498   -5.190  1.00 0.00 ? 13  DA  B C2     1 
ATOM   397 N N3     . DA  B 1 3  ? -6.714  -0.013  -6.163  1.00 0.00 ? 13  DA  B N3     1 
ATOM   398 C C4     . DA  B 1 3  ? -6.336  -1.300  -6.053  1.00 0.00 ? 13  DA  B C4     1 
ATOM   399 H "H5'"  . DA  B 1 3  ? -6.619  -2.469  -11.641 1.00 0.00 ? 13  DA  B "H5'"  1 
ATOM   400 H "H5''" . DA  B 1 3  ? -4.971  -2.586  -12.342 1.00 0.00 ? 13  DA  B "H5''" 1 
ATOM   401 H "H4'"  . DA  B 1 3  ? -5.158  -0.661  -10.713 1.00 0.00 ? 13  DA  B "H4'"  1 
ATOM   402 H "H3'"  . DA  B 1 3  ? -3.045  -2.701  -10.623 1.00 0.00 ? 13  DA  B "H3'"  1 
ATOM   403 H "H2'"  . DA  B 1 3  ? -3.935  -3.591  -8.569  1.00 0.00 ? 13  DA  B "H2'"  1 
ATOM   404 H "H2''" . DA  B 1 3  ? -2.780  -2.381  -7.920  1.00 0.00 ? 13  DA  B "H2''" 1 
ATOM   405 H "H1'"  . DA  B 1 3  ? -4.606  -0.632  -7.943  1.00 0.00 ? 13  DA  B "H1'"  1 
ATOM   406 H H8     . DA  B 1 3  ? -4.973  -4.156  -6.528  1.00 0.00 ? 13  DA  B H8     1 
ATOM   407 H H61    . DA  B 1 3  ? -7.745  -3.285  -2.869  1.00 0.00 ? 13  DA  B H61    1 
ATOM   408 H H62    . DA  B 1 3  ? -8.659  -1.889  -2.245  1.00 0.00 ? 13  DA  B H62    1 
ATOM   409 H H2     . DA  B 1 3  ? -7.793  1.539   -5.243  1.00 0.00 ? 13  DA  B H2     1 
ATOM   410 P P      . DC  B 1 4  ? -2.422  0.148   -11.174 1.00 0.00 ? 14  DC  B P      1 
ATOM   411 O OP1    . DC  B 1 4  ? -3.523  1.112   -11.452 1.00 0.00 ? 14  DC  B OP1    1 
ATOM   412 O OP2    . DC  B 1 4  ? -2.214  -0.714  -12.372 1.00 0.00 ? 14  DC  B OP2    1 
ATOM   413 O "O5'"  . DC  B 1 4  ? -1.075  0.967   -10.900 1.00 0.00 ? 14  DC  B "O5'"  1 
ATOM   414 C "C5'"  . DC  B 1 4  ? -0.286  0.968   -9.705  1.00 0.00 ? 14  DC  B "C5'"  1 
ATOM   415 C "C4'"  . DC  B 1 4  ? -1.011  1.644   -8.515  1.00 0.00 ? 14  DC  B "C4'"  1 
ATOM   416 O "O4'"  . DC  B 1 4  ? -2.020  0.836   -7.899  1.00 0.00 ? 14  DC  B "O4'"  1 
ATOM   417 C "C3'"  . DC  B 1 4  ? -0.062  1.858   -7.317  1.00 0.00 ? 14  DC  B "C3'"  1 
ATOM   418 O "O3'"  . DC  B 1 4  ? 0.954   2.844   -7.569  1.00 0.00 ? 14  DC  B "O3'"  1 
ATOM   419 C "C2'"  . DC  B 1 4  ? -1.049  2.170   -6.174  1.00 0.00 ? 14  DC  B "C2'"  1 
ATOM   420 C "C1'"  . DC  B 1 4  ? -2.337  1.423   -6.620  1.00 0.00 ? 14  DC  B "C1'"  1 
ATOM   421 N N1     . DC  B 1 4  ? -2.772  0.370   -5.697  1.00 0.00 ? 14  DC  B N1     1 
ATOM   422 C C2     . DC  B 1 4  ? -3.788  0.577   -4.830  1.00 0.00 ? 14  DC  B C2     1 
ATOM   423 O O2     . DC  B 1 4  ? -4.365  1.644   -4.712  1.00 0.00 ? 14  DC  B O2     1 
ATOM   424 N N3     . DC  B 1 4  ? -4.252  -0.490  -3.977  1.00 0.00 ? 14  DC  B N3     1 
ATOM   425 C C4     . DC  B 1 4  ? -3.723  -1.645  -3.995  1.00 0.00 ? 14  DC  B C4     1 
ATOM   426 N N4     . DC  B 1 4  ? -4.163  -2.627  -3.257  1.00 0.00 ? 14  DC  B N4     1 
ATOM   427 C C5     . DC  B 1 4  ? -2.571  -1.829  -4.906  1.00 0.00 ? 14  DC  B C5     1 
ATOM   428 C C6     . DC  B 1 4  ? -2.151  -0.834  -5.702  1.00 0.00 ? 14  DC  B C6     1 
ATOM   429 H "H5'"  . DC  B 1 4  ? 0.620   1.549   -9.940  1.00 0.00 ? 14  DC  B "H5'"  1 
ATOM   430 H "H5''" . DC  B 1 4  ? 0.010   -0.061  -9.450  1.00 0.00 ? 14  DC  B "H5''" 1 
ATOM   431 H "H4'"  . DC  B 1 4  ? -1.473  2.588   -8.841  1.00 0.00 ? 14  DC  B "H4'"  1 
ATOM   432 H "H3'"  . DC  B 1 4  ? 0.447   0.906   -7.095  1.00 0.00 ? 14  DC  B "H3'"  1 
ATOM   433 H "H2'"  . DC  B 1 4  ? -0.693  1.836   -5.187  1.00 0.00 ? 14  DC  B "H2'"  1 
ATOM   434 H "H2''" . DC  B 1 4  ? -1.212  3.257   -6.139  1.00 0.00 ? 14  DC  B "H2''" 1 
ATOM   435 H "H1'"  . DC  B 1 4  ? -3.138  2.154   -6.801  1.00 0.00 ? 14  DC  B "H1'"  1 
ATOM   436 H H41    . DC  B 1 4  ? -4.971  -2.481  -2.633  1.00 0.00 ? 14  DC  B H41    1 
ATOM   437 H H42    . DC  B 1 4  ? -3.718  -3.555  -3.294  1.00 0.00 ? 14  DC  B H42    1 
ATOM   438 H H5     . DC  B 1 4  ? -2.056  -2.790  -4.934  1.00 0.00 ? 14  DC  B H5     1 
ATOM   439 H H6     . DC  B 1 4  ? -1.298  -1.016  -6.356  1.00 0.00 ? 14  DC  B H6     1 
ATOM   440 P P      . DT  B 1 5  ? 0.888   4.379   -8.028  1.00 0.00 ? 15  DT  B P      1 
ATOM   441 O OP1    . DT  B 1 5  ? -0.168  4.617   -9.049  1.00 0.00 ? 15  DT  B OP1    1 
ATOM   442 O OP2    . DT  B 1 5  ? 2.201   4.723   -8.644  1.00 0.00 ? 15  DT  B OP2    1 
ATOM   443 O "O5'"  . DT  B 1 5  ? 0.630   5.344   -6.775  1.00 0.00 ? 15  DT  B "O5'"  1 
ATOM   444 C "C5'"  . DT  B 1 5  ? 1.673   6.145   -6.205  1.00 0.00 ? 15  DT  B "C5'"  1 
ATOM   445 C "C4'"  . DT  B 1 5  ? 1.123   6.878   -4.958  1.00 0.00 ? 15  DT  B "C4'"  1 
ATOM   446 O "O4'"  . DT  B 1 5  ? 0.438   5.905   -4.156  1.00 0.00 ? 15  DT  B "O4'"  1 
ATOM   447 C "C3'"  . DT  B 1 5  ? 2.261   7.460   -4.086  1.00 0.00 ? 15  DT  B "C3'"  1 
ATOM   448 O "O3'"  . DT  B 1 5  ? 1.803   8.669   -3.464  1.00 0.00 ? 15  DT  B "O3'"  1 
ATOM   449 C "C2'"  . DT  B 1 5  ? 2.517   6.323   -3.073  1.00 0.00 ? 15  DT  B "C2'"  1 
ATOM   450 C "C1'"  . DT  B 1 5  ? 1.095   5.746   -2.890  1.00 0.00 ? 15  DT  B "C1'"  1 
ATOM   451 N N1     . DT  B 1 5  ? 1.021   4.321   -2.544  1.00 0.00 ? 15  DT  B N1     1 
ATOM   452 C C2     . DT  B 1 5  ? 0.486   3.928   -1.358  1.00 0.00 ? 15  DT  B C2     1 
ATOM   453 O O2     . DT  B 1 5  ? 0.117   4.739   -0.524  1.00 0.00 ? 15  DT  B O2     1 
ATOM   454 N N3     . DT  B 1 5  ? 0.349   2.606   -1.106  1.00 0.00 ? 15  DT  B N3     1 
ATOM   455 C C4     . DT  B 1 5  ? 0.762   1.667   -1.981  1.00 0.00 ? 15  DT  B C4     1 
ATOM   456 O O4     . DT  B 1 5  ? 0.633   0.470   -1.782  1.00 0.00 ? 15  DT  B O4     1 
ATOM   457 C C5     . DT  B 1 5  ? 1.394   2.102   -3.232  1.00 0.00 ? 15  DT  B C5     1 
ATOM   458 C C7     . DT  B 1 5  ? 1.919   1.074   -4.210  1.00 0.00 ? 15  DT  B C7     1 
ATOM   459 C C6     . DT  B 1 5  ? 1.469   3.419   -3.454  1.00 0.00 ? 15  DT  B C6     1 
ATOM   460 H "H5'"  . DT  B 1 5  ? 2.033   6.877   -6.945  1.00 0.00 ? 15  DT  B "H5'"  1 
ATOM   461 H "H5''" . DT  B 1 5  ? 2.512   5.487   -5.932  1.00 0.00 ? 15  DT  B "H5''" 1 
ATOM   462 H "H4'"  . DT  B 1 5  ? 0.406   7.651   -5.278  1.00 0.00 ? 15  DT  B "H4'"  1 
ATOM   463 H "H3'"  . DT  B 1 5  ? 3.156   7.707   -4.680  1.00 0.00 ? 15  DT  B "H3'"  1 
ATOM   464 H "H2'"  . DT  B 1 5  ? 3.190   5.572   -3.513  1.00 0.00 ? 15  DT  B "H2'"  1 
ATOM   465 H "H2''" . DT  B 1 5  ? 2.962   6.671   -2.129  1.00 0.00 ? 15  DT  B "H2''" 1 
ATOM   466 H "H1'"  . DT  B 1 5  ? 0.560   6.405   -2.188  1.00 0.00 ? 15  DT  B "H1'"  1 
ATOM   467 H H3     . DT  B 1 5  ? -0.079  2.309   -0.250  1.00 0.00 ? 15  DT  B H3     1 
ATOM   468 H H71    . DT  B 1 5  ? 2.175   1.511   -5.186  1.00 0.00 ? 15  DT  B H71    1 
ATOM   469 H H72    . DT  B 1 5  ? 2.823   0.616   -3.784  1.00 0.00 ? 15  DT  B H72    1 
ATOM   470 H H73    . DT  B 1 5  ? 1.169   0.285   -4.371  1.00 0.00 ? 15  DT  B H73    1 
ATOM   471 H H6     . DT  B 1 5  ? 1.903   3.746   -4.395  1.00 0.00 ? 15  DT  B H6     1 
ATOM   472 P P      . DA  B 1 6  ? 2.712   9.597   -2.527  1.00 0.00 ? 16  DA  B P      1 
ATOM   473 O OP1    . DA  B 1 6  ? 2.171   10.984  -2.519  1.00 0.00 ? 16  DA  B OP1    1 
ATOM   474 O OP2    . DA  B 1 6  ? 4.114   9.613   -3.032  1.00 0.00 ? 16  DA  B OP2    1 
ATOM   475 O "O5'"  . DA  B 1 6  ? 2.685   9.003   -1.043  1.00 0.00 ? 16  DA  B "O5'"  1 
ATOM   476 C "C5'"  . DA  B 1 6  ? 1.578   9.207   -0.162  1.00 0.00 ? 16  DA  B "C5'"  1 
ATOM   477 C "C4'"  . DA  B 1 6  ? 1.750   8.278   1.057   1.00 0.00 ? 16  DA  B "C4'"  1 
ATOM   478 O "O4'"  . DA  B 1 6  ? 1.812   6.919   0.620   1.00 0.00 ? 16  DA  B "O4'"  1 
ATOM   479 C "C3'"  . DA  B 1 6  ? 3.061   8.485   1.856   1.00 0.00 ? 16  DA  B "C3'"  1 
ATOM   480 O "O3'"  . DA  B 1 6  ? 2.758   9.277   3.015   1.00 0.00 ? 16  DA  B "O3'"  1 
ATOM   481 C "C2'"  . DA  B 1 6  ? 3.529   7.036   2.167   1.00 0.00 ? 16  DA  B "C2'"  1 
ATOM   482 C "C1'"  . DA  B 1 6  ? 2.346   6.155   1.704   1.00 0.00 ? 16  DA  B "C1'"  1 
ATOM   483 N N9     . DA  B 1 6  ? 2.682   4.834   1.194   1.00 0.00 ? 16  DA  B N9     1 
ATOM   484 C C8     . DA  B 1 6  ? 3.494   4.550   0.210   1.00 0.00 ? 16  DA  B C8     1 
ATOM   485 N N7     . DA  B 1 6  ? 3.501   3.308   -0.041  1.00 0.00 ? 16  DA  B N7     1 
ATOM   486 C C5     . DA  B 1 6  ? 2.651   2.676   0.777   1.00 0.00 ? 16  DA  B C5     1 
ATOM   487 C C6     . DA  B 1 6  ? 2.264   1.342   0.876   1.00 0.00 ? 16  DA  B C6     1 
ATOM   488 N N6     . DA  B 1 6  ? 2.741   0.391   0.043   1.00 0.00 ? 16  DA  B N6     1 
ATOM   489 N N1     . DA  B 1 6  ? 1.375   1.072   1.858   1.00 0.00 ? 16  DA  B N1     1 
ATOM   490 C C2     . DA  B 1 6  ? 0.899   2.041   2.680   1.00 0.00 ? 16  DA  B C2     1 
ATOM   491 N N3     . DA  B 1 6  ? 1.257   3.340   2.564   1.00 0.00 ? 16  DA  B N3     1 
ATOM   492 C C4     . DA  B 1 6  ? 2.135   3.664   1.600   1.00 0.00 ? 16  DA  B C4     1 
ATOM   493 H "H5'"  . DA  B 1 6  ? 0.646   8.937   -0.680  1.00 0.00 ? 16  DA  B "H5'"  1 
ATOM   494 H "H5''" . DA  B 1 6  ? 1.528   10.261  0.150   1.00 0.00 ? 16  DA  B "H5''" 1 
ATOM   495 H "H4'"  . DA  B 1 6  ? 0.892   8.388   1.735   1.00 0.00 ? 16  DA  B "H4'"  1 
ATOM   496 H "H3'"  . DA  B 1 6  ? 3.825   9.019   1.267   1.00 0.00 ? 16  DA  B "H3'"  1 
ATOM   497 H "H2'"  . DA  B 1 6  ? 4.420   6.797   1.566   1.00 0.00 ? 16  DA  B "H2'"  1 
ATOM   498 H "H2''" . DA  B 1 6  ? 3.773   6.867   3.223   1.00 0.00 ? 16  DA  B "H2''" 1 
ATOM   499 H "H1'"  . DA  B 1 6  ? 1.592   6.082   2.507   1.00 0.00 ? 16  DA  B "H1'"  1 
ATOM   500 H H8     . DA  B 1 6  ? 4.092   5.269   -0.349  1.00 0.00 ? 16  DA  B H8     1 
ATOM   501 H H61    . DA  B 1 6  ? 3.381   0.644   -0.725  1.00 0.00 ? 16  DA  B H61    1 
ATOM   502 H H62    . DA  B 1 6  ? 2.446   -0.590  0.158   1.00 0.00 ? 16  DA  B H62    1 
ATOM   503 H H2     . DA  B 1 6  ? 0.204   1.767   3.458   1.00 0.00 ? 16  DA  B H2     1 
ATOM   504 P P      . DG  B 1 7  ? 3.737   9.637   4.228   1.00 0.00 ? 17  DG  B P      1 
ATOM   505 O OP1    . DG  B 1 7  ? 3.221   10.838  4.944   1.00 0.00 ? 17  DG  B OP1    1 
ATOM   506 O OP2    . DG  B 1 7  ? 5.113   9.897   3.720   1.00 0.00 ? 17  DG  B OP2    1 
ATOM   507 O "O5'"  . DG  B 1 7  ? 3.741   8.385   5.223   1.00 0.00 ? 17  DG  B "O5'"  1 
ATOM   508 C "C5'"  . DG  B 1 7  ? 2.549   7.956   5.892   1.00 0.00 ? 17  DG  B "C5'"  1 
ATOM   509 C "C4'"  . DG  B 1 7  ? 2.802   6.565   6.513   1.00 0.00 ? 17  DG  B "C4'"  1 
ATOM   510 O "O4'"  . DG  B 1 7  ? 3.106   5.671   5.428   1.00 0.00 ? 17  DG  B "O4'"  1 
ATOM   511 C "C3'"  . DG  B 1 7  ? 4.018   6.526   7.473   1.00 0.00 ? 17  DG  B "C3'"  1 
ATOM   512 O "O3'"  . DG  B 1 7  ? 3.655   5.738   8.617   1.00 0.00 ? 17  DG  B "O3'"  1 
ATOM   513 C "C2'"  . DG  B 1 7  ? 5.096   5.831   6.616   1.00 0.00 ? 17  DG  B "C2'"  1 
ATOM   514 C "C1'"  . DG  B 1 7  ? 4.227   4.857   5.793   1.00 0.00 ? 17  DG  B "C1'"  1 
ATOM   515 N N9     . DG  B 1 7  ? 4.830   4.302   4.586   1.00 0.00 ? 17  DG  B N9     1 
ATOM   516 C C8     . DG  B 1 7  ? 5.719   4.867   3.814   1.00 0.00 ? 17  DG  B C8     1 
ATOM   517 N N7     . DG  B 1 7  ? 6.019   4.101   2.861   1.00 0.00 ? 17  DG  B N7     1 
ATOM   518 C C5     . DG  B 1 7  ? 5.268   2.885   2.982   1.00 0.00 ? 17  DG  B C5     1 
ATOM   519 C C6     . DG  B 1 7  ? 5.131   1.625   2.262   1.00 0.00 ? 17  DG  B C6     1 
ATOM   520 O O6     . DG  B 1 7  ? 5.784   1.427   1.251   1.00 0.00 ? 17  DG  B O6     1 
ATOM   521 N N1     . DG  B 1 7  ? 4.261   0.736   2.807   1.00 0.00 ? 17  DG  B N1     1 
ATOM   522 C C2     . DG  B 1 7  ? 3.526   1.000   3.932   1.00 0.00 ? 17  DG  B C2     1 
ATOM   523 N N2     . DG  B 1 7  ? 2.684   0.089   4.342   1.00 0.00 ? 17  DG  B N2     1 
ATOM   524 N N3     . DG  B 1 7  ? 3.653   2.107   4.557   1.00 0.00 ? 17  DG  B N3     1 
ATOM   525 C C4     . DG  B 1 7  ? 4.564   3.119   4.086   1.00 0.00 ? 17  DG  B C4     1 
ATOM   526 H "H5'"  . DG  B 1 7  ? 1.729   7.866   5.160   1.00 0.00 ? 17  DG  B "H5'"  1 
ATOM   527 H "H5''" . DG  B 1 7  ? 2.264   8.691   6.660   1.00 0.00 ? 17  DG  B "H5''" 1 
ATOM   528 H "H4'"  . DG  B 1 7  ? 1.903   6.229   7.043   1.00 0.00 ? 17  DG  B "H4'"  1 
ATOM   529 H "H3'"  . DG  B 1 7  ? 4.327   7.524   7.825   1.00 0.00 ? 17  DG  B "H3'"  1 
ATOM   530 H "H2'"  . DG  B 1 7  ? 5.557   6.599   5.979   1.00 0.00 ? 17  DG  B "H2'"  1 
ATOM   531 H "H2''" . DG  B 1 7  ? 5.887   5.324   7.190   1.00 0.00 ? 17  DG  B "H2''" 1 
ATOM   532 H "H1'"  . DG  B 1 7  ? 3.876   4.046   6.453   1.00 0.00 ? 17  DG  B "H1'"  1 
ATOM   533 H H8     . DG  B 1 7  ? 6.179   5.849   3.909   1.00 0.00 ? 17  DG  B H8     1 
ATOM   534 H H1     . DG  B 1 7  ? 4.170   -0.140  2.337   1.00 0.00 ? 17  DG  B H1     1 
ATOM   535 H H21    . DG  B 1 7  ? 2.567   -0.801  3.835   1.00 0.00 ? 17  DG  B H21    1 
ATOM   536 H H22    . DG  B 1 7  ? 2.108   0.260   5.175   1.00 0.00 ? 17  DG  B H22    1 
ATOM   537 P P      . DT  B 1 8  ? 4.640   5.340   9.812   1.00 0.00 ? 18  DT  B P      1 
ATOM   538 O OP1    . DT  B 1 8  ? 3.846   5.051   11.039  1.00 0.00 ? 18  DT  B OP1    1 
ATOM   539 O OP2    . DT  B 1 8  ? 5.585   6.461   10.080  1.00 0.00 ? 18  DT  B OP2    1 
ATOM   540 O "O5'"  . DT  B 1 8  ? 5.460   4.037   9.379   1.00 0.00 ? 18  DT  B "O5'"  1 
ATOM   541 C "C5'"  . DT  B 1 8  ? 4.893   2.722   9.364   1.00 0.00 ? 18  DT  B "C5'"  1 
ATOM   542 C "C4'"  . DT  B 1 8  ? 5.952   1.719   8.853   1.00 0.00 ? 18  DT  B "C4'"  1 
ATOM   543 O "O4'"  . DT  B 1 8  ? 6.168   1.914   7.441   1.00 0.00 ? 18  DT  B "O4'"  1 
ATOM   544 C "C3'"  . DT  B 1 8  ? 7.339   1.945   9.522   1.00 0.00 ? 18  DT  B "C3'"  1 
ATOM   545 O "O3'"  . DT  B 1 8  ? 7.887   0.712   10.008  1.00 0.00 ? 18  DT  B "O3'"  1 
ATOM   546 C "C2'"  . DT  B 1 8  ? 8.187   2.444   8.333   1.00 0.00 ? 18  DT  B "C2'"  1 
ATOM   547 C "C1'"  . DT  B 1 8  ? 7.551   1.653   7.166   1.00 0.00 ? 18  DT  B "C1'"  1 
ATOM   548 N N1     . DT  B 1 8  ? 7.886   1.959   5.766   1.00 0.00 ? 18  DT  B N1     1 
ATOM   549 C C2     . DT  B 1 8  ? 7.457   1.096   4.809   1.00 0.00 ? 18  DT  B C2     1 
ATOM   550 O O2     . DT  B 1 8  ? 6.788   0.115   5.096   1.00 0.00 ? 18  DT  B O2     1 
ATOM   551 N N3     . DT  B 1 8  ? 7.778   1.324   3.517   1.00 0.00 ? 18  DT  B N3     1 
ATOM   552 C C4     . DT  B 1 8  ? 8.483   2.405   3.133   1.00 0.00 ? 18  DT  B C4     1 
ATOM   553 O O4     . DT  B 1 8  ? 8.766   2.617   1.966   1.00 0.00 ? 18  DT  B O4     1 
ATOM   554 C C5     . DT  B 1 8  ? 8.912   3.352   4.175   1.00 0.00 ? 18  DT  B C5     1 
ATOM   555 C C7     . DT  B 1 8  ? 9.692   4.595   3.805   1.00 0.00 ? 18  DT  B C7     1 
ATOM   556 C C6     . DT  B 1 8  ? 8.595   3.072   5.445   1.00 0.00 ? 18  DT  B C6     1 
ATOM   557 H "H5'"  . DT  B 1 8  ? 4.012   2.711   8.709   1.00 0.00 ? 18  DT  B "H5'"  1 
ATOM   558 H "H5''" . DT  B 1 8  ? 4.584   2.454   10.387  1.00 0.00 ? 18  DT  B "H5''" 1 
ATOM   559 H "H4'"  . DT  B 1 8  ? 5.604   0.683   8.993   1.00 0.00 ? 18  DT  B "H4'"  1 
ATOM   560 H "H3'"  . DT  B 1 8  ? 7.339   2.664   10.359  1.00 0.00 ? 18  DT  B "H3'"  1 
ATOM   561 H "H2'"  . DT  B 1 8  ? 7.999   3.526   8.234   1.00 0.00 ? 18  DT  B "H2'"  1 
ATOM   562 H "H2''" . DT  B 1 8  ? 9.266   2.263   8.462   1.00 0.00 ? 18  DT  B "H2''" 1 
ATOM   563 H "H1'"  . DT  B 1 8  ? 7.762   0.584   7.343   1.00 0.00 ? 18  DT  B "H1'"  1 
ATOM   564 H H3     . DT  B 1 8  ? 7.482   0.677   2.813   1.00 0.00 ? 18  DT  B H3     1 
ATOM   565 H H71    . DT  B 1 8  ? 10.276  4.438   2.886   1.00 0.00 ? 18  DT  B H71    1 
ATOM   566 H H72    . DT  B 1 8  ? 8.984   5.419   3.636   1.00 0.00 ? 18  DT  B H72    1 
ATOM   567 H H73    . DT  B 1 8  ? 10.393  4.887   4.602   1.00 0.00 ? 18  DT  B H73    1 
ATOM   568 H H6     . DT  B 1 8  ? 8.937   3.783   6.192   1.00 0.00 ? 18  DT  B H6     1 
ATOM   569 P P      . DC  B 1 9  ? 7.295   -0.091  11.261  1.00 0.00 ? 19  DC  B P      1 
ATOM   570 O OP1    . DC  B 1 9  ? 5.931   0.402   11.598  1.00 0.00 ? 19  DC  B OP1    1 
ATOM   571 O OP2    . DC  B 1 9  ? 8.185   0.087   12.443  1.00 0.00 ? 19  DC  B OP2    1 
ATOM   572 O "O5'"  . DC  B 1 9  ? 7.229   -1.631  10.836  1.00 0.00 ? 19  DC  B "O5'"  1 
ATOM   573 C "C5'"  . DC  B 1 9  ? 8.173   -2.640  11.205  1.00 0.00 ? 19  DC  B "C5'"  1 
ATOM   574 C "C4'"  . DC  B 1 9  ? 7.904   -3.872  10.308  1.00 0.00 ? 19  DC  B "C4'"  1 
ATOM   575 O "O4'"  . DC  B 1 9  ? 7.920   -3.417  8.944   1.00 0.00 ? 19  DC  B "O4'"  1 
ATOM   576 C "C3'"  . DC  B 1 9  ? 9.018   -4.938  10.414  1.00 0.00 ? 19  DC  B "C3'"  1 
ATOM   577 O "O3'"  . DC  B 1 9  ? 8.448   -6.218  10.099  1.00 0.00 ? 19  DC  B "O3'"  1 
ATOM   578 C "C2'"  . DC  B 1 9  ? 10.006  -4.474  9.324   1.00 0.00 ? 19  DC  B "C2'"  1 
ATOM   579 C "C1'"  . DC  B 1 9  ? 9.028   -3.991  8.231   1.00 0.00 ? 19  DC  B "C1'"  1 
ATOM   580 N N1     . DC  B 1 9  ? 9.578   -2.985  7.317   1.00 0.00 ? 19  DC  B N1     1 
ATOM   581 C C2     . DC  B 1 9  ? 9.883   -3.286  6.034   1.00 0.00 ? 19  DC  B C2     1 
ATOM   582 O O2     . DC  B 1 9  ? 9.733   -4.397  5.553   1.00 0.00 ? 19  DC  B O2     1 
ATOM   583 N N3     . DC  B 1 9  ? 10.408  -2.272  5.151   1.00 0.00 ? 19  DC  B N3     1 
ATOM   584 C C4     . DC  B 1 9  ? 10.600  -1.074  5.536   1.00 0.00 ? 19  DC  B C4     1 
ATOM   585 N N4     . DC  B 1 9  ? 11.060  -0.143  4.748   1.00 0.00 ? 19  DC  B N4     1 
ATOM   586 C C5     . DC  B 1 9  ? 10.269  -0.771  6.944   1.00 0.00 ? 19  DC  B C5     1 
ATOM   587 C C6     . DC  B 1 9  ? 9.780   -1.718  7.757   1.00 0.00 ? 19  DC  B C6     1 
ATOM   588 H "H5'"  . DC  B 1 9  ? 8.057   -2.887  12.273  1.00 0.00 ? 19  DC  B "H5'"  1 
ATOM   589 H "H5''" . DC  B 1 9  ? 9.190   -2.251  11.045  1.00 0.00 ? 19  DC  B "H5''" 1 
ATOM   590 H "H4'"  . DC  B 1 9  ? 6.913   -4.284  10.554  1.00 0.00 ? 19  DC  B "H4'"  1 
ATOM   591 H "H3'"  . DC  B 1 9  ? 9.471   -4.984  11.417  1.00 0.00 ? 19  DC  B "H3'"  1 
ATOM   592 H "H2'"  . DC  B 1 9  ? 10.619  -3.634  9.683   1.00 0.00 ? 19  DC  B "H2'"  1 
ATOM   593 H "H2''" . DC  B 1 9  ? 10.674  -5.278  8.989   1.00 0.00 ? 19  DC  B "H2''" 1 
ATOM   594 H "H1'"  . DC  B 1 9  ? 8.629   -4.873  7.705   1.00 0.00 ? 19  DC  B "H1'"  1 
ATOM   595 H H41    . DC  B 1 9  ? 11.288  -0.361  3.769   1.00 0.00 ? 19  DC  B H41    1 
ATOM   596 H H42    . DC  B 1 9  ? 11.199  0.819   5.091   1.00 0.00 ? 19  DC  B H42    1 
ATOM   597 H H5     . DC  B 1 9  ? 10.425  0.238   7.326   1.00 0.00 ? 19  DC  B H5     1 
ATOM   598 H H6     . DC  B 1 9  ? 9.546   -1.434  8.782   1.00 0.00 ? 19  DC  B H6     1 
ATOM   599 P P      . DG  B 1 10 ? 9.257   -7.598  10.066  1.00 0.00 ? 20  DG  B P      1 
ATOM   600 O OP1    . DG  B 1 10 ? 8.299   -8.738  10.128  1.00 0.00 ? 20  DG  B OP1    1 
ATOM   601 O OP2    . DG  B 1 10 ? 10.173  -7.661  11.239  1.00 0.00 ? 20  DG  B OP2    1 
ATOM   602 O "O5'"  . DG  B 1 10 ? 10.116  -7.693  8.719   1.00 0.00 ? 20  DG  B "O5'"  1 
ATOM   603 C "C5'"  . DG  B 1 10 ? 9.603   -8.148  7.463   1.00 0.00 ? 20  DG  B "C5'"  1 
ATOM   604 C "C4'"  . DG  B 1 10 ? 10.701  -8.011  6.384   1.00 0.00 ? 20  DG  B "C4'"  1 
ATOM   605 O "O4'"  . DG  B 1 10 ? 10.989  -6.626  6.147   1.00 0.00 ? 20  DG  B "O4'"  1 
ATOM   606 C "C3'"  . DG  B 1 10 ? 12.073  -8.627  6.791   1.00 0.00 ? 20  DG  B "C3'"  1 
ATOM   607 O "O3'"  . DG  B 1 10 ? 12.455  -9.673  5.879   1.00 0.00 ? 20  DG  B "O3'"  1 
ATOM   608 C "C2'"  . DG  B 1 10 ? 13.057  -7.440  6.638   1.00 0.00 ? 20  DG  B "C2'"  1 
ATOM   609 C "C1'"  . DG  B 1 10 ? 12.319  -6.548  5.622   1.00 0.00 ? 20  DG  B "C1'"  1 
ATOM   610 N N9     . DG  B 1 10 ? 12.775  -5.167  5.554   1.00 0.00 ? 20  DG  B N9     1 
ATOM   611 C C8     . DG  B 1 10 ? 12.697  -4.276  6.500   1.00 0.00 ? 20  DG  B C8     1 
ATOM   612 N N7     . DG  B 1 10 ? 13.145  -3.170  6.095   1.00 0.00 ? 20  DG  B N7     1 
ATOM   613 C C5     . DG  B 1 10 ? 13.579  -3.307  4.734   1.00 0.00 ? 20  DG  B C5     1 
ATOM   614 C C6     . DG  B 1 10 ? 14.167  -2.475  3.685   1.00 0.00 ? 20  DG  B C6     1 
ATOM   615 O O6     . DG  B 1 10 ? 14.402  -1.296  3.898   1.00 0.00 ? 20  DG  B O6     1 
ATOM   616 N N1     . DG  B 1 10 ? 14.414  -3.111  2.510   1.00 0.00 ? 20  DG  B N1     1 
ATOM   617 C C2     . DG  B 1 10 ? 14.131  -4.433  2.293   1.00 0.00 ? 20  DG  B C2     1 
ATOM   618 N N2     . DG  B 1 10 ? 14.399  -4.950  1.123   1.00 0.00 ? 20  DG  B N2     1 
ATOM   619 N N3     . DG  B 1 10 ? 13.612  -5.150  3.213   1.00 0.00 ? 20  DG  B N3     1 
ATOM   620 C C4     . DG  B 1 10 ? 13.308  -4.590  4.505   1.00 0.00 ? 20  DG  B C4     1 
ATOM   621 H "H5'"  . DG  B 1 10 ? 8.724   -7.548  7.177   1.00 0.00 ? 20  DG  B "H5'"  1 
ATOM   622 H "H5''" . DG  B 1 10 ? 9.303   -9.203  7.560   1.00 0.00 ? 20  DG  B "H5''" 1 
ATOM   623 H "H4'"  . DG  B 1 10 ? 10.345  -8.439  5.431   1.00 0.00 ? 20  DG  B "H4'"  1 
ATOM   624 H "H3'"  . DG  B 1 10 ? 12.096  -9.016  7.822   1.00 0.00 ? 20  DG  B "H3'"  1 
ATOM   625 H "HO3'" . DG  B 1 10 ? 11.865  -10.417 5.917   1.00 0.00 ? 20  DG  B "HO3'" 1 
ATOM   626 H "H2'"  . DG  B 1 10 ? 13.143  -6.895  7.594   1.00 0.00 ? 20  DG  B "H2'"  1 
ATOM   627 H "H2''" . DG  B 1 10 ? 14.061  -7.740  6.301   1.00 0.00 ? 20  DG  B "H2''" 1 
ATOM   628 H "H1'"  . DG  B 1 10 ? 12.352  -7.014  4.622   1.00 0.00 ? 20  DG  B "H1'"  1 
ATOM   629 H H8     . DG  B 1 10 ? 12.304  -4.430  7.500   1.00 0.00 ? 20  DG  B H8     1 
ATOM   630 H H1     . DG  B 1 10 ? 14.823  -2.556  1.787   1.00 0.00 ? 20  DG  B H1     1 
ATOM   631 H H21    . DG  B 1 10 ? 14.817  -4.385  0.369   1.00 0.00 ? 20  DG  B H21    1 
ATOM   632 H H22    . DG  B 1 10 ? 14.187  -5.942  0.940   1.00 0.00 ? 20  DG  B H22    1 
HETATM 633 C C10    . 3B5 C 2 .  ? -2.132  2.148   6.938   1.00 0.00 ? 101 3B5 A C10    1 
HETATM 634 C C8     . 3B5 C 2 .  ? -0.989  0.221   7.142   1.00 0.00 ? 101 3B5 A C8     1 
HETATM 635 C C6     . 3B5 C 2 .  ? -0.229  -1.944  7.549   1.00 0.00 ? 101 3B5 A C6     1 
HETATM 636 C C3     . 3B5 C 2 .  ? 0.083   -4.442  7.469   1.00 0.00 ? 101 3B5 A C3     1 
HETATM 637 C C1     . 3B5 C 2 .  ? 1.878   -5.431  6.201   1.00 0.00 ? 101 3B5 A C1     1 
HETATM 638 C C4     . 3B5 C 2 .  ? 0.533   -3.172  7.095   1.00 0.00 ? 101 3B5 A C4     1 
HETATM 639 C C5     . 3B5 C 2 .  ? 1.689   -3.086  6.311   1.00 0.00 ? 101 3B5 A C5     1 
HETATM 640 C C11    . 3B5 C 2 .  ? -1.387  0.674   8.402   1.00 0.00 ? 101 3B5 A C11    1 
HETATM 641 N N12    . 3B5 C 2 .  ? -2.116  1.798   8.244   1.00 0.00 ? 101 3B5 A N12    1 
HETATM 642 C C12    . 3B5 C 2 .  ? -2.901  2.423   9.302   1.00 0.00 ? 101 3B5 A C12    1 
HETATM 643 C C13    . 3B5 C 2 .  ? -2.767  3.410   6.385   1.00 0.00 ? 101 3B5 A C13    1 
HETATM 644 C C15    . 3B5 C 2 .  ? -3.429  4.749   4.584   1.00 0.00 ? 101 3B5 A C15    1 
HETATM 645 C C17    . 3B5 C 2 .  ? -4.201  6.218   3.058   1.00 0.00 ? 101 3B5 A C17    1 
HETATM 646 N N21    . 3B5 C 2 .  ? -4.633  6.303   0.637   1.00 0.00 ? 101 3B5 A N21    1 
HETATM 647 C C20    . 3B5 C 2 .  ? -4.500  6.925   1.751   1.00 0.00 ? 101 3B5 A C20    1 
HETATM 648 C C25    . 3B5 C 2 .  ? -5.516  9.575   -3.291  1.00 0.00 ? 101 3B5 A C25    1 
HETATM 649 C C27    . 3B5 C 2 .  ? -7.019  9.748   -3.379  1.00 0.00 ? 101 3B5 A C27    1 
HETATM 650 C C28    . 3B5 C 2 .  ? -5.779  6.512   -3.944  1.00 0.00 ? 101 3B5 A C28    1 
HETATM 651 C C32    . 3B5 C 2 .  ? -6.531  3.792   -7.553  1.00 0.00 ? 101 3B5 A C32    1 
HETATM 652 C C31    . 3B5 C 2 .  ? -5.799  4.393   -6.315  1.00 0.00 ? 101 3B5 A C31    1 
HETATM 653 C C19    . 3B5 C 2 .  ? -4.954  8.052   4.590   1.00 0.00 ? 101 3B5 A C19    1 
HETATM 654 C C22    . 3B5 C 2 .  ? -4.778  6.874   -0.501  1.00 0.00 ? 101 3B5 A C22    1 
HETATM 655 C C23    . 3B5 C 2 .  ? -5.304  7.072   -2.656  1.00 0.00 ? 101 3B5 A C23    1 
HETATM 656 C C24    . 3B5 C 2 .  ? -5.224  8.388   -2.396  1.00 0.00 ? 101 3B5 A C24    1 
HETATM 657 C C34    . 3B5 C 2 .  ? -6.480  2.339   -9.515  1.00 0.00 ? 101 3B5 A C34    1 
HETATM 658 N N33    . 3B5 C 2 .  ? -5.671  2.948   -8.449  1.00 0.00 ? 101 3B5 A N33    1 
HETATM 659 C C35    . 3B5 C 2 .  ? -4.633  3.650   -8.953  1.00 0.00 ? 101 3B5 A C35    1 
HETATM 660 C C30    . 3B5 C 2 .  ? -6.799  4.897   -5.243  1.00 0.00 ? 101 3B5 A C30    1 
HETATM 661 N N29    . 3B5 C 2 .  ? -6.130  5.281   -4.003  1.00 0.00 ? 101 3B5 A N29    1 
HETATM 662 O O28    . 3B5 C 2 .  ? -5.847  7.247   -4.916  1.00 0.00 ? 101 3B5 A O28    1 
HETATM 663 N N22    . 3B5 C 2 .  ? -4.962  6.230   -1.663  1.00 0.00 ? 101 3B5 A N22    1 
HETATM 664 C C26    . 3B5 C 2 .  ? -4.853  10.839  -2.776  1.00 0.00 ? 101 3B5 A C26    1 
HETATM 665 S S22    . 3B5 C 2 .  ? -4.768  8.535   -0.798  1.00 0.00 ? 101 3B5 A S22    1 
HETATM 666 O O20    . 3B5 C 2 .  ? -4.585  8.141   1.823   1.00 0.00 ? 101 3B5 A O20    1 
HETATM 667 N N19    . 3B5 C 2 .  ? -4.275  6.798   4.277   1.00 0.00 ? 101 3B5 A N19    1 
HETATM 668 C C18    . 3B5 C 2 .  ? -3.756  5.962   5.199   1.00 0.00 ? 101 3B5 A C18    1 
HETATM 669 C C16    . 3B5 C 2 .  ? -3.756  4.904   3.231   1.00 0.00 ? 101 3B5 A C16    1 
HETATM 670 N N14    . 3B5 C 2 .  ? -2.892  3.627   5.128   1.00 0.00 ? 101 3B5 A N14    1 
HETATM 671 O O13    . 3B5 C 2 .  ? -3.151  4.216   7.214   1.00 0.00 ? 101 3B5 A O13    1 
HETATM 672 C C9     . 3B5 C 2 .  ? -1.458  1.158   6.218   1.00 0.00 ? 101 3B5 A C9     1 
HETATM 673 N N7     . 3B5 C 2 .  ? -0.299  -0.897  6.818   1.00 0.00 ? 101 3B5 A N7     1 
HETATM 674 O O6     . 3B5 C 2 .  ? -0.791  -2.012  8.630   1.00 0.00 ? 101 3B5 A O6     1 
HETATM 675 N N1     . 3B5 C 2 .  ? 2.310   -4.199  5.865   1.00 0.00 ? 101 3B5 A N1     1 
HETATM 676 C C2     . 3B5 C 2 .  ? 0.766   -5.580  7.034   1.00 0.00 ? 101 3B5 A C2     1 
HETATM 677 H H3     . 3B5 C 2 .  ? -0.799  -4.553  8.093   1.00 0.00 ? 101 3B5 A H3     1 
HETATM 678 H H1     . 3B5 C 2 .  ? 2.402   -6.302  5.820   1.00 0.00 ? 101 3B5 A H1     1 
HETATM 679 H H5     . 3B5 C 2 .  ? 2.113   -2.127  6.054   1.00 0.00 ? 101 3B5 A H5     1 
HETATM 680 H H11    . 3B5 C 2 .  ? -1.158  0.219   9.358   1.00 0.00 ? 101 3B5 A H11    1 
HETATM 681 H H123   . 3B5 C 2 .  ? -2.495  3.417   9.532   1.00 0.00 ? 101 3B5 A H123   1 
HETATM 682 H H121   . 3B5 C 2 .  ? -2.883  1.818   10.221  1.00 0.00 ? 101 3B5 A H121   1 
HETATM 683 H H122   . 3B5 C 2 .  ? -3.950  2.524   8.982   1.00 0.00 ? 101 3B5 A H122   1 
HETATM 684 H H21    . 3B5 C 2 .  ? -4.618  5.297   0.650   1.00 0.00 ? 101 3B5 A H21    1 
HETATM 685 H H25    . 3B5 C 2 .  ? -5.096  9.392   -4.293  1.00 0.00 ? 101 3B5 A H25    1 
HETATM 686 H H273   . 3B5 C 2 .  ? -7.282  10.580  -4.032  1.00 0.00 ? 101 3B5 A H273   1 
HETATM 687 H H271   . 3B5 C 2 .  ? -7.503  8.856   -3.778  1.00 0.00 ? 101 3B5 A H271   1 
HETATM 688 H H272   . 3B5 C 2 .  ? -7.441  9.939   -2.393  1.00 0.00 ? 101 3B5 A H272   1 
HETATM 689 H H322   . 3B5 C 2 .  ? -7.004  4.623   -8.103  1.00 0.00 ? 101 3B5 A H322   1 
HETATM 690 H H321   . 3B5 C 2 .  ? -7.346  3.161   -7.161  1.00 0.00 ? 101 3B5 A H321   1 
HETATM 691 H H312   . 3B5 C 2 .  ? -5.167  5.242   -6.614  1.00 0.00 ? 101 3B5 A H312   1 
HETATM 692 H H311   . 3B5 C 2 .  ? -5.162  3.629   -5.851  1.00 0.00 ? 101 3B5 A H311   1 
HETATM 693 H H193   . 3B5 C 2 .  ? -5.926  8.095   4.079   1.00 0.00 ? 101 3B5 A H193   1 
HETATM 694 H H192   . 3B5 C 2 .  ? -4.340  8.902   4.265   1.00 0.00 ? 101 3B5 A H192   1 
HETATM 695 H H191   . 3B5 C 2 .  ? -5.136  8.144   5.671   1.00 0.00 ? 101 3B5 A H191   1 
HETATM 696 H H341   . 3B5 C 2 .  ? -6.954  3.077   -10.178 1.00 0.00 ? 101 3B5 A H341   1 
HETATM 697 H H342   . 3B5 C 2 .  ? -5.922  1.652   -10.169 1.00 0.00 ? 101 3B5 A H342   1 
HETATM 698 H H343   . 3B5 C 2 .  ? -7.300  1.714   -9.132  1.00 0.00 ? 101 3B5 A H343   1 
HETATM 699 H H353   . 3B5 C 2 .  ? -4.945  4.540   -9.504  1.00 0.00 ? 101 3B5 A H353   1 
HETATM 700 H H352   . 3B5 C 2 .  ? -3.991  3.078   -9.626  1.00 0.00 ? 101 3B5 A H352   1 
HETATM 701 H H351   . 3B5 C 2 .  ? -3.925  3.996   -8.201  1.00 0.00 ? 101 3B5 A H351   1 
HETATM 702 H H302   . 3B5 C 2 .  ? -7.432  5.688   -5.677  1.00 0.00 ? 101 3B5 A H302   1 
HETATM 703 H H301   . 3B5 C 2 .  ? -7.487  4.078   -4.979  1.00 0.00 ? 101 3B5 A H301   1 
HETATM 704 H H29    . 3B5 C 2 .  ? -6.053  4.655   -3.218  1.00 0.00 ? 101 3B5 A H29    1 
HETATM 705 H H263   . 3B5 C 2 .  ? -5.007  11.669  -3.467  1.00 0.00 ? 101 3B5 A H263   1 
HETATM 706 H H261   . 3B5 C 2 .  ? -5.256  11.143  -1.810  1.00 0.00 ? 101 3B5 A H261   1 
HETATM 707 H H262   . 3B5 C 2 .  ? -3.778  10.695  -2.666  1.00 0.00 ? 101 3B5 A H262   1 
HETATM 708 H H18    . 3B5 C 2 .  ? -3.622  6.238   6.236   1.00 0.00 ? 101 3B5 A H18    1 
HETATM 709 H H16    . 3B5 C 2 .  ? -3.672  4.146   2.467   1.00 0.00 ? 101 3B5 A H16    1 
HETATM 710 H H14    . 3B5 C 2 .  ? -2.579  2.919   4.485   1.00 0.00 ? 101 3B5 A H14    1 
HETATM 711 H H9     . 3B5 C 2 .  ? -1.318  1.097   5.148   1.00 0.00 ? 101 3B5 A H9     1 
HETATM 712 H H7     . 3B5 C 2 .  ? 0.130   -0.916  5.908   1.00 0.00 ? 101 3B5 A H7     1 
HETATM 713 H H2     . 3B5 C 2 .  ? 0.436   -6.567  7.339   1.00 0.00 ? 101 3B5 A H2     1 
HETATM 714 H H33    . 3B5 C 2 .  ? -5.270  2.139   -7.840  1.00 0.00 ? 101 3B5 A H33    1 
HETATM 715 C C10    . 3B5 D 2 .  ? -1.242  7.082   2.919   1.00 0.00 ? 101 3B5 B C10    1 
HETATM 716 C C8     . 3B5 D 2 .  ? -1.735  7.040   0.722   1.00 0.00 ? 101 3B5 B C8     1 
HETATM 717 C C6     . 3B5 D 2 .  ? -1.955  7.259   -1.591  1.00 0.00 ? 101 3B5 B C6     1 
HETATM 718 C C3     . 3B5 D 2 .  ? -2.475  7.566   -4.026  1.00 0.00 ? 101 3B5 B C3     1 
HETATM 719 C C1     . 3B5 D 2 .  ? -2.628  5.716   -5.555  1.00 0.00 ? 101 3B5 B C1     1 
HETATM 720 C C4     . 3B5 D 2 .  ? -2.220  6.680   -2.972  1.00 0.00 ? 101 3B5 B C4     1 
HETATM 721 C C5     . 3B5 D 2 .  ? -2.214  5.308   -3.273  1.00 0.00 ? 101 3B5 B C5     1 
HETATM 722 C C11    . 3B5 D 2 .  ? -1.843  8.345   1.211   1.00 0.00 ? 101 3B5 B C11    1 
HETATM 723 N N12    . 3B5 D 2 .  ? -1.516  8.346   2.522   1.00 0.00 ? 101 3B5 B N12    1 
HETATM 724 C C12    . 3B5 D 2 .  ? -1.364  9.546   3.336   1.00 0.00 ? 101 3B5 B C12    1 
HETATM 725 C C13    . 3B5 D 2 .  ? -0.897  6.654   4.335   1.00 0.00 ? 101 3B5 B C13    1 
HETATM 726 C C15    . 3B5 D 2 .  ? -0.271  4.991   5.850   1.00 0.00 ? 101 3B5 B C15    1 
HETATM 727 C C17    . 3B5 D 2 .  ? 0.498   3.652   7.477   1.00 0.00 ? 101 3B5 B C17    1 
HETATM 728 N N21    . 3B5 D 2 .  ? 1.912   1.683   7.628   1.00 0.00 ? 101 3B5 B N21    1 
HETATM 729 C C20    . 3B5 D 2 .  ? 1.044   2.434   8.191   1.00 0.00 ? 101 3B5 B C20    1 
HETATM 730 C C25    . 3B5 D 2 .  ? 3.002   -2.634  10.312  1.00 0.00 ? 101 3B5 B C25    1 
HETATM 731 C C27    . 3B5 D 2 .  ? 3.755   -2.197  11.549  1.00 0.00 ? 101 3B5 B C27    1 
HETATM 732 C C28    . 3B5 D 2 .  ? 4.798   -2.007  7.808   1.00 0.00 ? 101 3B5 B C28    1 
HETATM 733 C C32    . 3B5 D 2 .  ? 5.751   -4.605  4.460   1.00 0.00 ? 101 3B5 B C32    1 
HETATM 734 C C31    . 3B5 D 2 .  ? 6.438   -3.244  4.775   1.00 0.00 ? 101 3B5 B C31    1 
HETATM 735 C C19    . 3B5 D 2 .  ? 0.152   5.131   9.450   1.00 0.00 ? 101 3B5 B C19    1 
HETATM 736 C C22    . 3B5 D 2 .  ? 2.330   0.569   8.096   1.00 0.00 ? 101 3B5 B C22    1 
HETATM 737 C C23    . 3B5 D 2 .  ? 3.627   -1.220  8.244   1.00 0.00 ? 101 3B5 B C23    1 
HETATM 738 C C24    . 3B5 D 2 .  ? 2.900   -1.476  9.343   1.00 0.00 ? 101 3B5 B C24    1 
HETATM 739 C C34    . 3B5 D 2 .  ? 7.452   -6.183  3.610   1.00 0.00 ? 101 3B5 B C34    1 
HETATM 740 N N33    . 3B5 D 2 .  ? 6.614   -5.789  4.778   1.00 0.00 ? 101 3B5 B N33    1 
HETATM 741 C C35    . 3B5 D 2 .  ? 5.811   -6.954  5.236   1.00 0.00 ? 101 3B5 B C35    1 
HETATM 742 C C30    . 3B5 D 2 .  ? 6.300   -2.838  6.271   1.00 0.00 ? 101 3B5 B C30    1 
HETATM 743 N N29    . 3B5 D 2 .  ? 5.078   -2.097  6.561   1.00 0.00 ? 101 3B5 B N29    1 
HETATM 744 O O28    . 3B5 D 2 .  ? 5.477   -2.519  8.685   1.00 0.00 ? 101 3B5 B O28    1 
HETATM 745 N N22    . 3B5 D 2 .  ? 3.281   -0.158  7.499   1.00 0.00 ? 101 3B5 B N22    1 
HETATM 746 C C26    . 3B5 D 2 .  ? 1.590   -3.163  10.685  1.00 0.00 ? 101 3B5 B C26    1 
HETATM 747 S S22    . 3B5 D 2 .  ? 1.805   -0.222  9.496   1.00 0.00 ? 101 3B5 B S22    1 
HETATM 748 O O20    . 3B5 D 2 .  ? 0.599   2.217   9.307   1.00 0.00 ? 101 3B5 B O20    1 
HETATM 749 N N19    . 3B5 D 2 .  ? -0.045  4.743   8.059   1.00 0.00 ? 101 3B5 B N19    1 
HETATM 750 C C18    . 3B5 D 2 .  ? -0.580  5.533   7.102   1.00 0.00 ? 101 3B5 B C18    1 
HETATM 751 C C16    . 3B5 D 2 .  ? 0.433   3.809   6.093   1.00 0.00 ? 101 3B5 B C16    1 
HETATM 752 N N14    . 3B5 D 2 .  ? -0.571  5.449   4.611   1.00 0.00 ? 101 3B5 B N14    1 
HETATM 753 O O13    . 3B5 D 2 .  ? -0.941  7.508   5.202   1.00 0.00 ? 101 3B5 B O13    1 
HETATM 754 C C9     . 3B5 D 2 .  ? -1.341  6.249   1.803   1.00 0.00 ? 101 3B5 B C9     1 
HETATM 755 N N7     . 3B5 D 2 .  ? -1.971  6.557   -0.521  1.00 0.00 ? 101 3B5 B N7     1 
HETATM 756 O O6     . 3B5 D 2 .  ? -1.715  8.454   -1.543  1.00 0.00 ? 101 3B5 B O6     1 
HETATM 757 N N1     . 3B5 D 2 .  ? -2.469  4.866   -4.521  1.00 0.00 ? 101 3B5 B N1     1 
HETATM 758 C C2     . 3B5 D 2 .  ? -2.670  7.091   -5.324  1.00 0.00 ? 101 3B5 B C2     1 
HETATM 759 H H3     . 3B5 D 2 .  ? -2.522  8.636   -3.851  1.00 0.00 ? 101 3B5 B H3     1 
HETATM 760 H H1     . 3B5 D 2 .  ? -2.720  5.327   -6.562  1.00 0.00 ? 101 3B5 B H1     1 
HETATM 761 H H5     . 3B5 D 2 .  ? -1.993  4.554   -2.533  1.00 0.00 ? 101 3B5 B H5     1 
HETATM 762 H H11    . 3B5 D 2 .  ? -2.145  9.224   0.655   1.00 0.00 ? 101 3B5 B H11    1 
HETATM 763 H H123   . 3B5 D 2 .  ? -2.081  9.536   4.169   1.00 0.00 ? 101 3B5 B H123   1 
HETATM 764 H H121   . 3B5 D 2 .  ? -1.539  10.456  2.740   1.00 0.00 ? 101 3B5 B H121   1 
HETATM 765 H H122   . 3B5 D 2 .  ? -0.342  9.592   3.742   1.00 0.00 ? 101 3B5 B H122   1 
HETATM 766 H H21    . 3B5 D 2 .  ? 2.303   1.987   6.751   1.00 0.00 ? 101 3B5 B H21    1 
HETATM 767 H H25    . 3B5 D 2 .  ? 3.534   -3.474  9.835   1.00 0.00 ? 101 3B5 B H25    1 
HETATM 768 H H273   . 3B5 D 2 .  ? 3.256   -1.362  12.040  1.00 0.00 ? 101 3B5 B H273   1 
HETATM 769 H H271   . 3B5 D 2 .  ? 3.846   -3.014  12.266  1.00 0.00 ? 101 3B5 B H271   1 
HETATM 770 H H272   . 3B5 D 2 .  ? 4.760   -1.884  11.278  1.00 0.00 ? 101 3B5 B H272   1 
HETATM 771 H H322   . 3B5 D 2 .  ? 5.495   -4.612  3.390   1.00 0.00 ? 101 3B5 B H322   1 
HETATM 772 H H321   . 3B5 D 2 .  ? 4.799   -4.621  5.014   1.00 0.00 ? 101 3B5 B H321   1 
HETATM 773 H H312   . 3B5 D 2 .  ? 7.505   -3.346  4.527   1.00 0.00 ? 101 3B5 B H312   1 
HETATM 774 H H311   . 3B5 D 2 .  ? 6.026   -2.442  4.141   1.00 0.00 ? 101 3B5 B H311   1 
HETATM 775 H H193   . 3B5 D 2 .  ? 1.157   4.834   9.786   1.00 0.00 ? 101 3B5 B H193   1 
HETATM 776 H H192   . 3B5 D 2 .  ? -0.594  4.642   10.091  1.00 0.00 ? 101 3B5 B H192   1 
HETATM 777 H H191   . 3B5 D 2 .  ? 0.060   6.221   9.568   1.00 0.00 ? 101 3B5 B H191   1 
HETATM 778 H H341   . 3B5 D 2 .  ? 8.184   -6.958  3.889   1.00 0.00 ? 101 3B5 B H341   1 
HETATM 779 H H342   . 3B5 D 2 .  ? 6.832   -6.581  2.792   1.00 0.00 ? 101 3B5 B H342   1 
HETATM 780 H H343   . 3B5 D 2 .  ? 8.013   -5.322  3.215   1.00 0.00 ? 101 3B5 B H343   1 
HETATM 781 H H353   . 3B5 D 2 .  ? 5.246   -6.712  6.151   1.00 0.00 ? 101 3B5 B H353   1 
HETATM 782 H H352   . 3B5 D 2 .  ? 6.458   -7.817  5.467   1.00 0.00 ? 101 3B5 B H352   1 
HETATM 783 H H351   . 3B5 D 2 .  ? 5.095   -7.265  4.464   1.00 0.00 ? 101 3B5 B H351   1 
HETATM 784 H H302   . 3B5 D 2 .  ? 6.406   -3.752  6.875   1.00 0.00 ? 101 3B5 B H302   1 
HETATM 785 H H301   . 3B5 D 2 .  ? 7.129   -2.157  6.517   1.00 0.00 ? 101 3B5 B H301   1 
HETATM 786 H H29    . 3B5 D 2 .  ? 4.514   -1.672  5.842   1.00 0.00 ? 101 3B5 B H29    1 
HETATM 787 H H263   . 3B5 D 2 .  ? 1.669   -4.030  11.357  1.00 0.00 ? 101 3B5 B H263   1 
HETATM 788 H H261   . 3B5 D 2 .  ? 0.994   -2.387  11.190  1.00 0.00 ? 101 3B5 B H261   1 
HETATM 789 H H262   . 3B5 D 2 .  ? 1.057   -3.480  9.779   1.00 0.00 ? 101 3B5 B H262   1 
HETATM 790 H H18    . 3B5 D 2 .  ? -1.151  6.432   7.301   1.00 0.00 ? 101 3B5 B H18    1 
HETATM 791 H H16    . 3B5 D 2 .  ? 0.835   3.146   5.341   1.00 0.00 ? 101 3B5 B H16    1 
HETATM 792 H H14    . 3B5 D 2 .  ? -0.515  4.778   3.863   1.00 0.00 ? 101 3B5 B H14    1 
HETATM 793 H H9     . 3B5 D 2 .  ? -1.156  5.188   1.748   1.00 0.00 ? 101 3B5 B H9     1 
HETATM 794 H H7     . 3B5 D 2 .  ? -2.167  5.575   -0.584  1.00 0.00 ? 101 3B5 B H7     1 
HETATM 795 H H2     . 3B5 D 2 .  ? -2.850  7.780   -6.142  1.00 0.00 ? 101 3B5 B H2     1 
HETATM 796 H H33    . 3B5 D 2 .  ? 7.286   -5.528  5.589   1.00 0.00 ? 101 3B5 B H33    1 
# 
